data_1IOH
#
_entry.id   1IOH
#
_cell.length_a   1.000
_cell.length_b   1.000
_cell.length_c   1.000
_cell.angle_alpha   90.00
_cell.angle_beta   90.00
_cell.angle_gamma   90.00
#
_symmetry.space_group_name_H-M   'P 1'
#
loop_
_entity.id
_entity.type
_entity.pdbx_description
1 polymer 'PROTEIN (INSULIN PRECURSOR)'
2 polymer 'PROTEIN (INSULIN PRECURSOR)'
#
loop_
_entity_poly.entity_id
_entity_poly.type
_entity_poly.pdbx_seq_one_letter_code
_entity_poly.pdbx_strand_id
1 'polypeptide(L)' GIVEQCCHSICSLYQLENYCN A
2 'polypeptide(L)' EVNQHLCGSELVEALELVCGERGFFYEPK B
#
# COMPACT_ATOMS: atom_id res chain seq x y z
N GLY A 1 -4.70 -1.39 -8.39
CA GLY A 1 -4.04 -2.62 -7.85
C GLY A 1 -3.05 -2.21 -6.75
N ILE A 2 -2.68 -3.14 -5.91
CA ILE A 2 -1.72 -2.80 -4.81
C ILE A 2 -0.47 -3.66 -4.95
N VAL A 3 -0.63 -4.93 -5.22
CA VAL A 3 0.55 -5.83 -5.36
C VAL A 3 1.10 -5.73 -6.78
N GLU A 4 0.39 -5.11 -7.67
CA GLU A 4 0.88 -4.99 -9.08
C GLU A 4 1.59 -3.65 -9.24
N GLN A 5 1.44 -2.76 -8.30
CA GLN A 5 2.11 -1.43 -8.41
C GLN A 5 3.05 -1.26 -7.22
N CYS A 6 2.88 -2.04 -6.18
CA CYS A 6 3.76 -1.92 -4.99
C CYS A 6 4.77 -3.07 -4.99
N CYS A 7 4.35 -4.24 -5.38
CA CYS A 7 5.28 -5.40 -5.40
C CYS A 7 5.92 -5.51 -6.77
N HIS A 8 5.16 -5.31 -7.83
CA HIS A 8 5.76 -5.41 -9.19
C HIS A 8 6.64 -4.19 -9.43
N SER A 9 6.37 -3.11 -8.74
CA SER A 9 7.20 -1.88 -8.92
C SER A 9 7.28 -1.14 -7.59
N ILE A 10 7.50 0.15 -7.63
CA ILE A 10 7.60 0.92 -6.35
C ILE A 10 6.31 1.69 -6.10
N CYS A 11 5.86 1.74 -4.87
CA CYS A 11 4.61 2.47 -4.56
C CYS A 11 4.95 3.69 -3.69
N SER A 12 4.48 4.85 -4.07
CA SER A 12 4.77 6.06 -3.26
C SER A 12 3.76 6.15 -2.12
N LEU A 13 2.54 6.49 -2.42
CA LEU A 13 1.49 6.57 -1.36
C LEU A 13 0.18 7.01 -2.01
N TYR A 14 0.24 7.91 -2.95
CA TYR A 14 -1.01 8.36 -3.63
C TYR A 14 -1.71 7.13 -4.21
N GLN A 15 -0.96 6.10 -4.49
CA GLN A 15 -1.57 4.87 -5.06
C GLN A 15 -2.41 4.18 -3.98
N LEU A 16 -1.93 4.18 -2.76
CA LEU A 16 -2.71 3.53 -1.67
C LEU A 16 -3.73 4.53 -1.11
N GLU A 17 -3.80 5.70 -1.68
CA GLU A 17 -4.77 6.71 -1.18
C GLU A 17 -6.18 6.39 -1.71
N ASN A 18 -6.26 5.51 -2.66
CA ASN A 18 -7.60 5.16 -3.23
C ASN A 18 -8.09 3.85 -2.59
N TYR A 19 -7.25 3.17 -1.88
CA TYR A 19 -7.66 1.90 -1.24
C TYR A 19 -8.19 2.17 0.17
N CYS A 20 -8.31 3.42 0.53
CA CYS A 20 -8.81 3.76 1.89
C CYS A 20 -10.34 3.82 1.85
N ASN A 21 -11.00 2.90 2.52
CA ASN A 21 -12.49 2.90 2.52
C ASN A 21 -13.00 4.21 3.13
N GLU B 1 15.81 7.32 -4.85
CA GLU B 1 15.09 8.32 -3.99
C GLU B 1 13.98 7.61 -3.22
N VAL B 2 14.33 6.88 -2.19
CA VAL B 2 13.29 6.18 -1.39
C VAL B 2 12.28 5.52 -2.32
N ASN B 3 12.73 4.68 -3.21
CA ASN B 3 11.80 4.01 -4.15
C ASN B 3 12.08 2.51 -4.17
N GLN B 4 11.25 1.72 -3.52
CA GLN B 4 11.49 0.25 -3.50
C GLN B 4 10.15 -0.50 -3.43
N HIS B 5 10.11 -1.68 -3.96
CA HIS B 5 8.85 -2.47 -3.94
C HIS B 5 8.40 -2.71 -2.50
N LEU B 6 7.22 -2.29 -2.16
CA LEU B 6 6.72 -2.52 -0.77
C LEU B 6 5.90 -3.81 -0.74
N CYS B 7 6.56 -4.94 -0.54
CA CYS B 7 5.81 -6.23 -0.51
C CYS B 7 6.07 -6.96 0.80
N GLY B 8 5.12 -7.70 1.28
CA GLY B 8 5.31 -8.44 2.56
C GLY B 8 4.51 -7.76 3.68
N SER B 9 4.98 -6.65 4.17
CA SER B 9 4.25 -5.95 5.25
C SER B 9 4.47 -4.44 5.13
N GLU B 10 5.65 -4.02 4.77
CA GLU B 10 5.93 -2.57 4.62
C GLU B 10 4.75 -1.89 3.93
N LEU B 11 4.12 -2.56 3.00
CA LEU B 11 2.97 -1.95 2.30
C LEU B 11 1.83 -1.71 3.28
N VAL B 12 1.48 -2.69 4.05
CA VAL B 12 0.36 -2.51 5.02
C VAL B 12 0.72 -1.39 6.01
N GLU B 13 1.98 -1.27 6.35
CA GLU B 13 2.38 -0.20 7.30
C GLU B 13 2.17 1.16 6.64
N ALA B 14 2.23 1.20 5.33
CA ALA B 14 2.01 2.49 4.62
C ALA B 14 0.56 2.55 4.15
N LEU B 15 -0.16 1.48 4.26
CA LEU B 15 -1.58 1.47 3.81
C LEU B 15 -2.47 1.95 4.96
N GLU B 16 -2.08 1.69 6.18
CA GLU B 16 -2.89 2.14 7.33
C GLU B 16 -2.46 3.55 7.75
N LEU B 17 -1.51 4.11 7.06
CA LEU B 17 -1.06 5.49 7.42
C LEU B 17 -1.70 6.50 6.47
N VAL B 18 -2.15 6.05 5.33
CA VAL B 18 -2.79 6.99 4.37
C VAL B 18 -4.31 6.96 4.56
N CYS B 19 -4.84 5.90 5.10
CA CYS B 19 -6.31 5.83 5.31
C CYS B 19 -6.66 6.43 6.67
N GLY B 20 -6.28 5.79 7.74
CA GLY B 20 -6.59 6.34 9.09
C GLY B 20 -7.28 5.28 9.94
N GLU B 21 -8.24 5.68 10.74
CA GLU B 21 -8.96 4.68 11.59
C GLU B 21 -10.16 4.12 10.81
N ARG B 22 -10.06 4.04 9.52
CA ARG B 22 -11.20 3.51 8.72
C ARG B 22 -10.90 2.06 8.32
N GLY B 23 -9.76 1.82 7.72
CA GLY B 23 -9.42 0.42 7.32
C GLY B 23 -9.33 0.34 5.79
N PHE B 24 -8.50 -0.52 5.28
CA PHE B 24 -8.37 -0.65 3.80
C PHE B 24 -8.45 -2.12 3.39
N PHE B 25 -8.73 -2.38 2.15
CA PHE B 25 -8.83 -3.80 1.69
C PHE B 25 -7.46 -4.24 1.15
N TYR B 26 -6.72 -4.99 1.92
CA TYR B 26 -5.39 -5.44 1.44
C TYR B 26 -4.91 -6.62 2.31
N GLU B 27 -5.43 -7.78 2.08
CA GLU B 27 -5.01 -8.96 2.89
C GLU B 27 -5.13 -10.23 2.03
N PRO B 28 -4.44 -10.24 0.93
CA PRO B 28 -4.43 -11.38 -0.03
C PRO B 28 -3.69 -12.56 0.60
N LYS B 29 -4.33 -13.26 1.51
CA LYS B 29 -3.65 -14.42 2.15
C LYS B 29 -4.58 -15.64 2.10
N GLY A 1 -5.23 -1.79 -8.21
CA GLY A 1 -3.88 -2.42 -8.31
C GLY A 1 -3.33 -2.67 -6.91
N ILE A 2 -2.43 -1.83 -6.45
CA ILE A 2 -1.84 -2.00 -5.09
C ILE A 2 -0.67 -2.99 -5.16
N VAL A 3 -0.81 -4.05 -5.91
CA VAL A 3 0.30 -5.03 -6.01
C VAL A 3 1.23 -4.65 -7.16
N GLU A 4 0.69 -4.56 -8.35
CA GLU A 4 1.55 -4.19 -9.51
C GLU A 4 2.00 -2.74 -9.36
N GLN A 5 1.44 -2.03 -8.42
CA GLN A 5 1.83 -0.60 -8.22
C GLN A 5 2.84 -0.51 -7.08
N CYS A 6 2.80 -1.44 -6.15
CA CYS A 6 3.76 -1.40 -5.03
C CYS A 6 4.67 -2.63 -5.08
N CYS A 7 4.08 -3.80 -5.13
CA CYS A 7 4.91 -5.04 -5.18
C CYS A 7 5.75 -5.06 -6.46
N HIS A 8 5.26 -4.48 -7.52
CA HIS A 8 6.03 -4.48 -8.79
C HIS A 8 6.97 -3.27 -8.84
N SER A 9 6.52 -2.14 -8.35
CA SER A 9 7.40 -0.94 -8.37
C SER A 9 7.35 -0.24 -7.01
N ILE A 10 8.16 0.78 -6.82
CA ILE A 10 8.16 1.50 -5.52
C ILE A 10 7.05 2.55 -5.53
N CYS A 11 6.11 2.45 -4.63
CA CYS A 11 5.01 3.45 -4.58
C CYS A 11 5.25 4.42 -3.42
N SER A 12 4.41 5.40 -3.26
CA SER A 12 4.59 6.37 -2.15
C SER A 12 3.40 6.30 -1.19
N LEU A 13 2.35 7.00 -1.49
CA LEU A 13 1.16 6.96 -0.58
C LEU A 13 -0.06 7.50 -1.32
N TYR A 14 0.12 8.47 -2.18
CA TYR A 14 -1.04 9.04 -2.93
C TYR A 14 -1.69 7.93 -3.76
N GLN A 15 -0.98 6.87 -4.02
CA GLN A 15 -1.57 5.75 -4.83
C GLN A 15 -2.32 4.80 -3.89
N LEU A 16 -1.96 4.76 -2.64
CA LEU A 16 -2.66 3.86 -1.68
C LEU A 16 -3.80 4.62 -1.02
N GLU A 17 -3.95 5.88 -1.31
CA GLU A 17 -5.05 6.68 -0.70
C GLU A 17 -6.38 6.27 -1.32
N ASN A 18 -6.36 5.66 -2.47
CA ASN A 18 -7.62 5.24 -3.12
C ASN A 18 -8.06 3.88 -2.57
N TYR A 19 -7.17 3.21 -1.89
CA TYR A 19 -7.52 1.88 -1.32
C TYR A 19 -7.96 2.05 0.13
N CYS A 20 -8.89 2.95 0.38
CA CYS A 20 -9.35 3.17 1.78
C CYS A 20 -10.84 2.80 1.88
N ASN A 21 -11.14 1.75 2.61
CA ASN A 21 -12.57 1.35 2.75
C ASN A 21 -13.29 2.36 3.66
N GLU B 1 17.49 2.25 -9.97
CA GLU B 1 17.28 1.90 -8.54
C GLU B 1 17.43 3.16 -7.68
N VAL B 2 16.91 3.14 -6.49
CA VAL B 2 17.03 4.35 -5.62
C VAL B 2 16.35 4.07 -4.26
N ASN B 3 15.30 3.29 -4.27
CA ASN B 3 14.60 2.99 -2.99
C ASN B 3 14.24 1.50 -2.96
N GLN B 4 13.05 1.16 -2.54
CA GLN B 4 12.66 -0.27 -2.48
C GLN B 4 11.17 -0.44 -2.74
N HIS B 5 10.82 -1.37 -3.58
CA HIS B 5 9.37 -1.60 -3.88
C HIS B 5 8.64 -2.00 -2.60
N LEU B 6 7.47 -1.45 -2.38
CA LEU B 6 6.72 -1.81 -1.15
C LEU B 6 5.98 -3.13 -1.36
N CYS B 7 6.68 -4.24 -1.31
CA CYS B 7 6.01 -5.54 -1.50
C CYS B 7 5.99 -6.31 -0.18
N GLY B 8 4.81 -6.65 0.30
CA GLY B 8 4.72 -7.39 1.58
C GLY B 8 3.98 -6.53 2.62
N SER B 9 4.41 -6.59 3.85
CA SER B 9 3.74 -5.77 4.91
C SER B 9 4.05 -4.29 4.69
N GLU B 10 5.19 -3.98 4.12
CA GLU B 10 5.54 -2.56 3.90
C GLU B 10 4.37 -1.83 3.24
N LEU B 11 3.50 -2.55 2.59
CA LEU B 11 2.33 -1.90 1.92
C LEU B 11 1.17 -1.74 2.91
N VAL B 12 0.76 -2.81 3.53
CA VAL B 12 -0.37 -2.73 4.51
C VAL B 12 -0.09 -1.64 5.54
N GLU B 13 1.10 -1.56 6.04
CA GLU B 13 1.43 -0.51 7.05
C GLU B 13 1.23 0.87 6.42
N ALA B 14 1.48 0.98 5.14
CA ALA B 14 1.30 2.29 4.46
C ALA B 14 -0.15 2.39 3.95
N LEU B 15 -0.89 1.32 4.03
CA LEU B 15 -2.30 1.34 3.55
C LEU B 15 -3.22 1.66 4.72
N GLU B 16 -2.75 1.51 5.93
CA GLU B 16 -3.59 1.81 7.12
C GLU B 16 -3.52 3.30 7.43
N LEU B 17 -2.50 3.96 6.97
CA LEU B 17 -2.38 5.42 7.24
C LEU B 17 -3.32 6.19 6.32
N VAL B 18 -3.25 5.93 5.04
CA VAL B 18 -4.13 6.64 4.08
C VAL B 18 -5.57 6.55 4.58
N CYS B 19 -6.04 5.37 4.86
CA CYS B 19 -7.44 5.21 5.35
C CYS B 19 -7.48 5.56 6.84
N GLY B 20 -6.85 4.76 7.66
CA GLY B 20 -6.80 5.04 9.12
C GLY B 20 -8.22 5.18 9.70
N GLU B 21 -8.39 4.88 10.96
CA GLU B 21 -9.73 5.01 11.61
C GLU B 21 -10.83 4.41 10.73
N ARG B 22 -10.49 3.55 9.82
CA ARG B 22 -11.53 2.94 8.95
C ARG B 22 -11.08 1.55 8.50
N GLY B 23 -10.00 1.47 7.78
CA GLY B 23 -9.52 0.13 7.32
C GLY B 23 -9.58 0.04 5.79
N PHE B 24 -8.87 -0.87 5.21
CA PHE B 24 -8.88 -1.02 3.73
C PHE B 24 -8.99 -2.50 3.36
N PHE B 25 -8.98 -2.81 2.10
CA PHE B 25 -9.08 -4.24 1.68
C PHE B 25 -7.73 -4.69 1.12
N TYR B 26 -6.92 -5.33 1.92
CA TYR B 26 -5.60 -5.80 1.42
C TYR B 26 -4.86 -6.53 2.54
N GLU B 27 -4.99 -7.83 2.60
CA GLU B 27 -4.30 -8.60 3.66
C GLU B 27 -4.48 -10.10 3.40
N PRO B 28 -3.80 -10.58 2.40
CA PRO B 28 -3.84 -12.00 1.99
C PRO B 28 -3.34 -12.88 3.14
N LYS B 29 -2.59 -12.31 4.05
CA LYS B 29 -2.07 -13.12 5.19
C LYS B 29 -3.07 -13.07 6.35
N GLY A 1 -3.20 -1.44 -7.97
CA GLY A 1 -1.80 -1.91 -8.07
C GLY A 1 -1.15 -1.90 -6.68
N ILE A 2 -1.51 -2.83 -5.85
CA ILE A 2 -0.92 -2.88 -4.48
C ILE A 2 0.36 -3.71 -4.51
N VAL A 3 0.24 -5.01 -4.53
CA VAL A 3 1.46 -5.87 -4.55
C VAL A 3 1.87 -6.15 -6.00
N GLU A 4 1.21 -5.55 -6.94
CA GLU A 4 1.58 -5.78 -8.36
C GLU A 4 2.52 -4.68 -8.82
N GLN A 5 2.22 -3.46 -8.49
CA GLN A 5 3.11 -2.33 -8.90
C GLN A 5 4.11 -2.03 -7.79
N CYS A 6 3.91 -2.59 -6.61
CA CYS A 6 4.88 -2.32 -5.51
C CYS A 6 5.92 -3.44 -5.48
N CYS A 7 5.54 -4.62 -5.84
CA CYS A 7 6.51 -5.74 -5.86
C CYS A 7 7.14 -5.82 -7.24
N HIS A 8 6.39 -5.52 -8.26
CA HIS A 8 6.96 -5.57 -9.64
C HIS A 8 7.56 -4.20 -9.98
N SER A 9 7.53 -3.29 -9.04
CA SER A 9 8.10 -1.93 -9.31
C SER A 9 7.95 -1.07 -8.05
N ILE A 10 7.74 0.21 -8.21
CA ILE A 10 7.60 1.10 -7.02
C ILE A 10 6.25 1.82 -7.07
N CYS A 11 5.67 2.08 -5.93
CA CYS A 11 4.37 2.80 -5.89
C CYS A 11 4.54 4.11 -5.11
N SER A 12 3.51 4.55 -4.44
CA SER A 12 3.61 5.80 -3.65
C SER A 12 2.49 5.83 -2.60
N LEU A 13 1.52 6.69 -2.77
CA LEU A 13 0.41 6.73 -1.78
C LEU A 13 -0.89 7.15 -2.48
N TYR A 14 -0.89 7.18 -3.78
CA TYR A 14 -2.14 7.56 -4.51
C TYR A 14 -2.82 6.31 -5.00
N GLN A 15 -2.07 5.36 -5.51
CA GLN A 15 -2.69 4.10 -6.00
C GLN A 15 -3.30 3.35 -4.82
N LEU A 16 -2.77 3.55 -3.64
CA LEU A 16 -3.32 2.85 -2.44
C LEU A 16 -4.38 3.74 -1.79
N GLU A 17 -4.34 5.02 -2.05
CA GLU A 17 -5.36 5.94 -1.45
C GLU A 17 -6.74 5.34 -1.64
N ASN A 18 -6.91 4.52 -2.64
CA ASN A 18 -8.25 3.90 -2.88
C ASN A 18 -8.35 2.59 -2.09
N TYR A 19 -7.77 2.54 -0.92
CA TYR A 19 -7.83 1.31 -0.11
C TYR A 19 -8.26 1.65 1.32
N CYS A 20 -8.70 2.86 1.53
CA CYS A 20 -9.13 3.26 2.90
C CYS A 20 -10.62 2.94 3.09
N ASN A 21 -10.93 2.05 3.99
CA ASN A 21 -12.36 1.70 4.21
C ASN A 21 -13.12 2.94 4.68
N GLU B 1 7.66 3.50 3.58
CA GLU B 1 8.20 4.89 3.43
C GLU B 1 9.30 4.89 2.36
N VAL B 2 9.60 6.05 1.81
CA VAL B 2 10.65 6.13 0.76
C VAL B 2 10.06 5.69 -0.58
N ASN B 3 10.83 5.77 -1.63
CA ASN B 3 10.32 5.36 -2.97
C ASN B 3 11.09 4.13 -3.46
N GLN B 4 10.49 2.97 -3.35
CA GLN B 4 11.18 1.72 -3.80
C GLN B 4 10.18 0.56 -3.83
N HIS B 5 10.58 -0.56 -4.36
CA HIS B 5 9.64 -1.72 -4.41
C HIS B 5 9.22 -2.11 -2.99
N LEU B 6 8.03 -1.79 -2.60
CA LEU B 6 7.55 -2.14 -1.23
C LEU B 6 6.97 -3.55 -1.24
N CYS B 7 7.80 -4.55 -1.33
CA CYS B 7 7.29 -5.94 -1.36
C CYS B 7 7.34 -6.54 0.07
N GLY B 8 6.32 -7.24 0.47
CA GLY B 8 6.31 -7.83 1.83
C GLY B 8 5.32 -7.08 2.71
N SER B 9 5.77 -6.58 3.83
CA SER B 9 4.85 -5.83 4.72
C SER B 9 5.21 -4.35 4.71
N GLU B 10 6.32 -4.00 4.11
CA GLU B 10 6.72 -2.57 4.04
C GLU B 10 5.62 -1.75 3.37
N LEU B 11 4.80 -2.38 2.57
CA LEU B 11 3.72 -1.62 1.88
C LEU B 11 2.58 -1.36 2.87
N VAL B 12 2.28 -2.30 3.72
CA VAL B 12 1.17 -2.09 4.69
C VAL B 12 1.47 -0.86 5.55
N GLU B 13 2.73 -0.59 5.79
CA GLU B 13 3.10 0.60 6.61
C GLU B 13 2.67 1.86 5.86
N ALA B 14 2.71 1.82 4.55
CA ALA B 14 2.31 3.01 3.76
C ALA B 14 0.79 2.94 3.51
N LEU B 15 0.22 1.78 3.70
CA LEU B 15 -1.24 1.63 3.49
C LEU B 15 -1.98 2.14 4.72
N GLU B 16 -1.36 2.11 5.86
CA GLU B 16 -2.02 2.60 7.10
C GLU B 16 -1.87 4.13 7.17
N LEU B 17 -0.99 4.68 6.38
CA LEU B 17 -0.79 6.15 6.39
C LEU B 17 -1.94 6.81 5.65
N VAL B 18 -2.24 6.35 4.46
CA VAL B 18 -3.35 6.95 3.69
C VAL B 18 -4.62 6.95 4.53
N CYS B 19 -5.21 5.80 4.73
CA CYS B 19 -6.45 5.74 5.55
C CYS B 19 -6.11 6.12 7.00
N GLY B 20 -5.39 5.27 7.68
CA GLY B 20 -5.01 5.57 9.09
C GLY B 20 -6.26 5.80 9.94
N GLU B 21 -6.29 5.25 11.14
CA GLU B 21 -7.46 5.44 12.05
C GLU B 21 -8.56 4.43 11.70
N ARG B 22 -8.96 4.36 10.47
CA ARG B 22 -10.03 3.41 10.08
C ARG B 22 -9.40 2.07 9.69
N GLY B 23 -8.60 2.07 8.66
CA GLY B 23 -7.96 0.79 8.22
C GLY B 23 -8.09 0.65 6.71
N PHE B 24 -7.62 -0.43 6.15
CA PHE B 24 -7.72 -0.62 4.68
C PHE B 24 -7.78 -2.11 4.36
N PHE B 25 -7.80 -2.46 3.11
CA PHE B 25 -7.87 -3.89 2.73
C PHE B 25 -6.55 -4.31 2.05
N TYR B 26 -5.86 -5.27 2.61
CA TYR B 26 -4.58 -5.71 2.00
C TYR B 26 -4.74 -7.12 1.43
N GLU B 27 -5.13 -8.07 2.24
CA GLU B 27 -5.31 -9.46 1.74
C GLU B 27 -6.63 -9.55 0.96
N PRO B 28 -6.58 -10.26 -0.15
CA PRO B 28 -7.76 -10.46 -1.02
C PRO B 28 -8.76 -11.40 -0.33
N LYS B 29 -9.50 -10.89 0.62
CA LYS B 29 -10.49 -11.77 1.32
C LYS B 29 -11.87 -11.11 1.26
N GLY A 1 -4.29 -1.64 -9.38
CA GLY A 1 -3.37 -2.73 -8.99
C GLY A 1 -2.57 -2.31 -7.75
N ILE A 2 -3.13 -2.48 -6.58
CA ILE A 2 -2.42 -2.08 -5.34
C ILE A 2 -1.09 -2.83 -5.26
N VAL A 3 -1.07 -4.07 -5.67
CA VAL A 3 0.19 -4.85 -5.60
C VAL A 3 0.98 -4.69 -6.89
N GLU A 4 0.33 -4.39 -7.97
CA GLU A 4 1.07 -4.22 -9.26
C GLU A 4 1.65 -2.80 -9.32
N GLN A 5 1.25 -1.95 -8.42
CA GLN A 5 1.78 -0.56 -8.44
C GLN A 5 2.97 -0.43 -7.47
N CYS A 6 2.99 -1.19 -6.41
CA CYS A 6 4.13 -1.09 -5.46
C CYS A 6 5.02 -2.33 -5.55
N CYS A 7 4.48 -3.42 -6.00
CA CYS A 7 5.31 -4.65 -6.13
C CYS A 7 6.17 -4.54 -7.39
N HIS A 8 5.64 -3.94 -8.43
CA HIS A 8 6.42 -3.80 -9.68
C HIS A 8 7.22 -2.49 -9.64
N SER A 9 7.09 -1.73 -8.58
CA SER A 9 7.86 -0.46 -8.48
C SER A 9 7.51 0.25 -7.15
N ILE A 10 7.86 1.50 -7.03
CA ILE A 10 7.56 2.23 -5.77
C ILE A 10 6.40 3.20 -6.00
N CYS A 11 5.51 3.32 -5.04
CA CYS A 11 4.36 4.25 -5.22
C CYS A 11 4.47 5.37 -4.19
N SER A 12 3.52 6.27 -4.18
CA SER A 12 3.55 7.39 -3.19
C SER A 12 2.45 7.16 -2.15
N LEU A 13 1.32 7.78 -2.32
CA LEU A 13 0.20 7.59 -1.35
C LEU A 13 -1.13 7.81 -2.07
N TYR A 14 -1.21 8.79 -2.93
CA TYR A 14 -2.47 9.05 -3.67
C TYR A 14 -2.98 7.74 -4.26
N GLN A 15 -2.09 6.89 -4.70
CA GLN A 15 -2.52 5.59 -5.29
C GLN A 15 -3.11 4.71 -4.19
N LEU A 16 -2.51 4.72 -3.03
CA LEU A 16 -3.05 3.88 -1.91
C LEU A 16 -4.30 4.52 -1.35
N GLU A 17 -4.61 5.72 -1.77
CA GLU A 17 -5.83 6.41 -1.25
C GLU A 17 -7.08 5.72 -1.83
N ASN A 18 -6.93 5.03 -2.93
CA ASN A 18 -8.11 4.34 -3.53
C ASN A 18 -8.34 3.01 -2.81
N TYR A 19 -7.32 2.50 -2.15
CA TYR A 19 -7.49 1.21 -1.44
C TYR A 19 -7.94 1.49 0.00
N CYS A 20 -8.58 2.61 0.22
CA CYS A 20 -9.06 2.94 1.60
C CYS A 20 -10.58 2.77 1.65
N ASN A 21 -11.09 2.32 2.77
CA ASN A 21 -12.56 2.12 2.87
C ASN A 21 -13.27 3.48 2.77
N GLU B 1 15.92 0.13 0.70
CA GLU B 1 15.35 -1.21 1.01
C GLU B 1 13.87 -1.07 1.34
N VAL B 2 13.36 0.13 1.34
CA VAL B 2 11.91 0.33 1.66
C VAL B 2 11.28 1.26 0.61
N ASN B 3 12.05 1.70 -0.34
CA ASN B 3 11.49 2.61 -1.38
C ASN B 3 11.92 2.12 -2.76
N GLN B 4 11.49 0.94 -3.15
CA GLN B 4 11.89 0.40 -4.48
C GLN B 4 10.79 -0.50 -5.01
N HIS B 5 10.24 -1.31 -4.17
CA HIS B 5 9.16 -2.24 -4.60
C HIS B 5 8.36 -2.70 -3.38
N LEU B 6 7.69 -1.80 -2.72
CA LEU B 6 6.89 -2.19 -1.52
C LEU B 6 6.01 -3.39 -1.87
N CYS B 7 6.50 -4.58 -1.64
CA CYS B 7 5.69 -5.79 -1.97
C CYS B 7 5.63 -6.70 -0.74
N GLY B 8 4.50 -6.75 -0.08
CA GLY B 8 4.38 -7.62 1.12
C GLY B 8 3.78 -6.82 2.29
N SER B 9 4.55 -6.59 3.31
CA SER B 9 4.03 -5.82 4.47
C SER B 9 4.37 -4.34 4.30
N GLU B 10 5.59 -4.04 3.90
CA GLU B 10 5.98 -2.62 3.71
C GLU B 10 4.85 -1.86 3.02
N LEU B 11 4.11 -2.52 2.19
CA LEU B 11 2.99 -1.84 1.49
C LEU B 11 1.87 -1.54 2.49
N VAL B 12 1.48 -2.52 3.27
CA VAL B 12 0.40 -2.29 4.26
C VAL B 12 0.82 -1.16 5.21
N GLU B 13 2.10 -0.97 5.39
CA GLU B 13 2.56 0.12 6.30
C GLU B 13 2.24 1.47 5.66
N ALA B 14 2.28 1.55 4.36
CA ALA B 14 1.96 2.83 3.67
C ALA B 14 0.46 2.87 3.39
N LEU B 15 -0.20 1.76 3.50
CA LEU B 15 -1.67 1.72 3.26
C LEU B 15 -2.42 2.19 4.51
N GLU B 16 -1.79 2.06 5.65
CA GLU B 16 -2.46 2.49 6.91
C GLU B 16 -2.31 4.00 7.09
N LEU B 17 -1.36 4.59 6.39
CA LEU B 17 -1.16 6.06 6.52
C LEU B 17 -2.26 6.79 5.76
N VAL B 18 -2.59 6.32 4.58
CA VAL B 18 -3.66 6.99 3.79
C VAL B 18 -5.01 6.78 4.48
N CYS B 19 -5.45 5.56 4.59
CA CYS B 19 -6.75 5.28 5.23
C CYS B 19 -6.57 5.32 6.76
N GLY B 20 -5.78 4.43 7.28
CA GLY B 20 -5.54 4.40 8.76
C GLY B 20 -6.86 4.57 9.54
N GLU B 21 -7.13 5.76 10.00
CA GLU B 21 -8.38 6.00 10.79
C GLU B 21 -9.54 5.15 10.28
N ARG B 22 -9.69 5.03 8.99
CA ARG B 22 -10.83 4.23 8.45
C ARG B 22 -10.39 2.77 8.29
N GLY B 23 -9.25 2.54 7.68
CA GLY B 23 -8.78 1.13 7.50
C GLY B 23 -8.98 0.71 6.04
N PHE B 24 -8.20 -0.23 5.58
CA PHE B 24 -8.34 -0.68 4.17
C PHE B 24 -8.43 -2.20 4.12
N PHE B 25 -8.35 -2.78 2.95
CA PHE B 25 -8.43 -4.26 2.84
C PHE B 25 -7.18 -4.78 2.14
N TYR B 26 -6.34 -5.48 2.86
CA TYR B 26 -5.10 -6.02 2.23
C TYR B 26 -5.10 -7.54 2.33
N GLU B 27 -3.96 -8.16 2.48
CA GLU B 27 -3.91 -9.63 2.58
C GLU B 27 -3.20 -10.03 3.87
N PRO B 28 -3.67 -11.09 4.48
CA PRO B 28 -3.12 -11.64 5.74
C PRO B 28 -1.67 -12.08 5.51
N LYS B 29 -1.44 -12.93 4.55
CA LYS B 29 -0.06 -13.41 4.28
C LYS B 29 0.54 -12.59 3.14
N GLY A 1 -3.64 -4.11 -9.04
CA GLY A 1 -3.95 -2.73 -8.57
C GLY A 1 -3.12 -2.41 -7.33
N ILE A 2 -3.55 -2.87 -6.19
CA ILE A 2 -2.80 -2.58 -4.93
C ILE A 2 -1.41 -3.22 -5.02
N VAL A 3 -1.32 -4.41 -5.54
CA VAL A 3 0.02 -5.07 -5.64
C VAL A 3 0.67 -4.72 -6.99
N GLU A 4 -0.10 -4.63 -8.03
CA GLU A 4 0.48 -4.30 -9.36
C GLU A 4 0.88 -2.82 -9.39
N GLN A 5 0.55 -2.08 -8.38
CA GLN A 5 0.91 -0.63 -8.36
C GLN A 5 2.06 -0.38 -7.39
N CYS A 6 2.09 -1.10 -6.30
CA CYS A 6 3.20 -0.89 -5.31
C CYS A 6 4.20 -2.05 -5.38
N CYS A 7 3.72 -3.25 -5.52
CA CYS A 7 4.64 -4.42 -5.57
C CYS A 7 5.26 -4.54 -6.98
N HIS A 8 4.54 -4.15 -7.99
CA HIS A 8 5.10 -4.26 -9.37
C HIS A 8 6.12 -3.16 -9.62
N SER A 9 6.18 -2.16 -8.77
CA SER A 9 7.16 -1.07 -8.96
C SER A 9 7.32 -0.27 -7.67
N ILE A 10 7.94 0.88 -7.74
CA ILE A 10 8.12 1.71 -6.51
C ILE A 10 7.03 2.78 -6.46
N CYS A 11 5.86 2.42 -6.02
CA CYS A 11 4.76 3.43 -5.95
C CYS A 11 5.12 4.51 -4.93
N SER A 12 4.15 5.23 -4.44
CA SER A 12 4.45 6.30 -3.44
C SER A 12 3.51 6.14 -2.24
N LEU A 13 2.24 6.42 -2.41
CA LEU A 13 1.29 6.28 -1.28
C LEU A 13 -0.11 6.67 -1.75
N TYR A 14 -0.20 7.63 -2.63
CA TYR A 14 -1.54 8.05 -3.13
C TYR A 14 -2.29 6.84 -3.70
N GLN A 15 -1.58 5.92 -4.29
CA GLN A 15 -2.25 4.72 -4.86
C GLN A 15 -2.89 3.91 -3.73
N LEU A 16 -2.26 3.88 -2.58
CA LEU A 16 -2.84 3.11 -1.44
C LEU A 16 -4.00 3.89 -0.84
N GLU A 17 -4.15 5.14 -1.19
CA GLU A 17 -5.27 5.95 -0.64
C GLU A 17 -6.56 5.59 -1.37
N ASN A 18 -6.46 4.84 -2.44
CA ASN A 18 -7.69 4.45 -3.20
C ASN A 18 -8.14 3.06 -2.74
N TYR A 19 -7.37 2.42 -1.90
CA TYR A 19 -7.76 1.06 -1.42
C TYR A 19 -8.30 1.16 0.01
N CYS A 20 -8.97 2.23 0.32
CA CYS A 20 -9.52 2.38 1.70
C CYS A 20 -10.87 1.68 1.80
N ASN A 21 -11.24 1.26 2.98
CA ASN A 21 -12.55 0.57 3.14
C ASN A 21 -13.68 1.52 2.76
N GLU B 1 16.19 3.34 3.54
CA GLU B 1 15.90 3.43 2.08
C GLU B 1 14.40 3.39 1.85
N VAL B 2 13.86 4.38 1.17
CA VAL B 2 12.39 4.39 0.92
C VAL B 2 12.13 4.00 -0.53
N ASN B 3 13.13 4.05 -1.37
CA ASN B 3 12.93 3.67 -2.79
C ASN B 3 12.98 2.15 -2.93
N GLN B 4 11.84 1.52 -3.03
CA GLN B 4 11.84 0.03 -3.16
C GLN B 4 10.42 -0.44 -3.50
N HIS B 5 10.30 -1.49 -4.26
CA HIS B 5 8.95 -2.01 -4.63
C HIS B 5 8.27 -2.58 -3.38
N LEU B 6 7.46 -1.80 -2.72
CA LEU B 6 6.77 -2.30 -1.50
C LEU B 6 5.96 -3.55 -1.85
N CYS B 7 6.47 -4.71 -1.51
CA CYS B 7 5.73 -5.97 -1.82
C CYS B 7 5.70 -6.86 -0.58
N GLY B 8 4.53 -7.30 -0.19
CA GLY B 8 4.43 -8.18 1.00
C GLY B 8 3.78 -7.41 2.15
N SER B 9 4.46 -7.30 3.25
CA SER B 9 3.88 -6.56 4.42
C SER B 9 4.26 -5.07 4.30
N GLU B 10 5.43 -4.79 3.82
CA GLU B 10 5.86 -3.36 3.69
C GLU B 10 4.76 -2.57 2.99
N LEU B 11 3.95 -3.22 2.22
CA LEU B 11 2.85 -2.49 1.51
C LEU B 11 1.74 -2.15 2.50
N VAL B 12 1.37 -3.07 3.34
CA VAL B 12 0.28 -2.79 4.32
C VAL B 12 0.76 -1.71 5.31
N GLU B 13 2.04 -1.70 5.60
CA GLU B 13 2.57 -0.67 6.56
C GLU B 13 2.29 0.72 6.01
N ALA B 14 2.24 0.88 4.72
CA ALA B 14 1.96 2.22 4.13
C ALA B 14 0.46 2.34 3.87
N LEU B 15 -0.21 1.24 3.71
CA LEU B 15 -1.68 1.28 3.46
C LEU B 15 -2.37 1.85 4.68
N GLU B 16 -1.70 1.89 5.79
CA GLU B 16 -2.31 2.44 7.03
C GLU B 16 -2.03 3.94 7.10
N LEU B 17 -1.04 4.40 6.39
CA LEU B 17 -0.71 5.85 6.41
C LEU B 17 -1.56 6.59 5.37
N VAL B 18 -2.30 5.87 4.56
CA VAL B 18 -3.13 6.54 3.54
C VAL B 18 -4.51 6.83 4.12
N CYS B 19 -5.38 5.85 4.17
CA CYS B 19 -6.73 6.11 4.74
C CYS B 19 -6.62 6.24 6.26
N GLY B 20 -6.21 5.18 6.92
CA GLY B 20 -6.06 5.23 8.40
C GLY B 20 -7.39 5.63 9.07
N GLU B 21 -7.63 6.91 9.20
CA GLU B 21 -8.88 7.41 9.87
C GLU B 21 -10.04 6.44 9.68
N ARG B 22 -10.15 5.80 8.56
CA ARG B 22 -11.28 4.84 8.35
C ARG B 22 -10.76 3.41 8.44
N GLY B 23 -9.79 3.07 7.65
CA GLY B 23 -9.24 1.68 7.69
C GLY B 23 -9.35 1.05 6.30
N PHE B 24 -8.23 0.73 5.71
CA PHE B 24 -8.25 0.11 4.35
C PHE B 24 -8.38 -1.40 4.47
N PHE B 25 -8.29 -2.10 3.38
CA PHE B 25 -8.41 -3.59 3.43
C PHE B 25 -7.34 -4.21 2.52
N TYR B 26 -6.61 -5.17 3.02
CA TYR B 26 -5.55 -5.82 2.19
C TYR B 26 -5.22 -7.20 2.77
N GLU B 27 -5.62 -8.24 2.09
CA GLU B 27 -5.33 -9.61 2.61
C GLU B 27 -3.81 -9.80 2.71
N PRO B 28 -3.33 -9.89 3.93
CA PRO B 28 -1.88 -10.07 4.22
C PRO B 28 -1.44 -11.47 3.78
N LYS B 29 -0.54 -11.56 2.86
CA LYS B 29 -0.08 -12.91 2.41
C LYS B 29 1.40 -12.83 2.01
N GLY A 1 -4.81 -0.98 -8.78
CA GLY A 1 -5.18 -2.04 -7.79
C GLY A 1 -4.44 -1.80 -6.48
N ILE A 2 -3.24 -2.30 -6.36
CA ILE A 2 -2.48 -2.11 -5.11
C ILE A 2 -1.16 -2.88 -5.18
N VAL A 3 -1.18 -4.03 -5.80
CA VAL A 3 0.07 -4.84 -5.90
C VAL A 3 0.83 -4.46 -7.16
N GLU A 4 0.12 -4.12 -8.21
CA GLU A 4 0.83 -3.74 -9.47
C GLU A 4 1.23 -2.27 -9.38
N GLN A 5 0.79 -1.57 -8.37
CA GLN A 5 1.16 -0.14 -8.24
C GLN A 5 2.16 0.04 -7.11
N CYS A 6 2.30 -0.92 -6.23
CA CYS A 6 3.28 -0.77 -5.11
C CYS A 6 4.34 -1.87 -5.20
N CYS A 7 3.98 -3.03 -5.64
CA CYS A 7 4.99 -4.14 -5.75
C CYS A 7 5.67 -4.06 -7.12
N HIS A 8 4.92 -3.84 -8.15
CA HIS A 8 5.53 -3.76 -9.52
C HIS A 8 6.47 -2.55 -9.58
N SER A 9 6.43 -1.69 -8.60
CA SER A 9 7.31 -0.50 -8.62
C SER A 9 7.42 0.09 -7.21
N ILE A 10 8.32 1.02 -7.01
CA ILE A 10 8.47 1.63 -5.67
C ILE A 10 7.45 2.76 -5.49
N CYS A 11 6.25 2.44 -5.12
CA CYS A 11 5.22 3.49 -4.93
C CYS A 11 5.61 4.40 -3.76
N SER A 12 4.77 5.31 -3.39
CA SER A 12 5.09 6.23 -2.26
C SER A 12 3.99 6.15 -1.21
N LEU A 13 2.82 6.63 -1.54
CA LEU A 13 1.69 6.60 -0.56
C LEU A 13 0.44 7.15 -1.21
N TYR A 14 0.58 8.13 -2.06
CA TYR A 14 -0.62 8.72 -2.74
C TYR A 14 -1.40 7.61 -3.43
N GLN A 15 -0.73 6.58 -3.88
CA GLN A 15 -1.44 5.46 -4.57
C GLN A 15 -2.16 4.61 -3.52
N LEU A 16 -1.63 4.51 -2.34
CA LEU A 16 -2.29 3.70 -1.28
C LEU A 16 -3.54 4.43 -0.79
N GLU A 17 -3.72 5.65 -1.19
CA GLU A 17 -4.92 6.41 -0.74
C GLU A 17 -6.14 6.01 -1.56
N ASN A 18 -5.93 5.49 -2.74
CA ASN A 18 -7.08 5.06 -3.59
C ASN A 18 -7.62 3.73 -3.06
N TYR A 19 -6.84 3.03 -2.28
CA TYR A 19 -7.29 1.73 -1.73
C TYR A 19 -7.93 1.97 -0.36
N CYS A 20 -8.61 3.08 -0.20
CA CYS A 20 -9.25 3.37 1.12
C CYS A 20 -10.65 2.79 1.14
N ASN A 21 -10.83 1.65 1.74
CA ASN A 21 -12.18 1.02 1.80
C ASN A 21 -13.10 1.91 2.64
N GLU B 1 12.02 4.98 -7.64
CA GLU B 1 13.17 4.04 -7.80
C GLU B 1 14.34 4.51 -6.93
N VAL B 2 14.15 4.58 -5.64
CA VAL B 2 15.26 5.03 -4.75
C VAL B 2 15.35 4.11 -3.52
N ASN B 3 14.53 3.08 -3.47
CA ASN B 3 14.58 2.16 -2.31
C ASN B 3 14.13 0.76 -2.73
N GLN B 4 12.88 0.44 -2.54
CA GLN B 4 12.38 -0.91 -2.94
C GLN B 4 10.85 -0.89 -3.00
N HIS B 5 10.26 -1.75 -3.78
CA HIS B 5 8.78 -1.78 -3.88
C HIS B 5 8.20 -2.26 -2.55
N LEU B 6 7.00 -1.85 -2.22
CA LEU B 6 6.40 -2.29 -0.94
C LEU B 6 5.49 -3.51 -1.18
N CYS B 7 5.93 -4.67 -0.78
CA CYS B 7 5.09 -5.88 -0.99
C CYS B 7 5.17 -6.77 0.26
N GLY B 8 4.22 -7.63 0.46
CA GLY B 8 4.24 -8.51 1.66
C GLY B 8 3.58 -7.80 2.83
N SER B 9 4.36 -7.32 3.76
CA SER B 9 3.77 -6.61 4.94
C SER B 9 4.21 -5.14 4.91
N GLU B 10 5.27 -4.83 4.21
CA GLU B 10 5.74 -3.42 4.15
C GLU B 10 4.68 -2.57 3.44
N LEU B 11 3.75 -3.20 2.79
CA LEU B 11 2.69 -2.43 2.07
C LEU B 11 1.48 -2.25 2.99
N VAL B 12 1.15 -3.26 3.74
CA VAL B 12 -0.03 -3.13 4.66
C VAL B 12 0.29 -2.11 5.75
N GLU B 13 1.54 -2.00 6.13
CA GLU B 13 1.91 -1.02 7.18
C GLU B 13 1.71 0.39 6.63
N ALA B 14 1.87 0.56 5.36
CA ALA B 14 1.68 1.91 4.74
C ALA B 14 0.23 2.03 4.26
N LEU B 15 -0.47 0.93 4.17
CA LEU B 15 -1.89 0.97 3.71
C LEU B 15 -2.78 1.38 4.88
N GLU B 16 -2.34 1.17 6.09
CA GLU B 16 -3.17 1.54 7.26
C GLU B 16 -2.92 3.01 7.62
N LEU B 17 -2.02 3.67 6.93
CA LEU B 17 -1.74 5.09 7.24
C LEU B 17 -2.63 5.99 6.38
N VAL B 18 -2.77 5.67 5.13
CA VAL B 18 -3.62 6.51 4.24
C VAL B 18 -5.08 6.37 4.67
N CYS B 19 -5.73 5.33 4.24
CA CYS B 19 -7.15 5.12 4.63
C CYS B 19 -7.25 5.03 6.15
N GLY B 20 -6.75 3.97 6.72
CA GLY B 20 -6.79 3.81 8.20
C GLY B 20 -8.20 4.07 8.74
N GLU B 21 -8.52 5.31 9.01
CA GLU B 21 -9.86 5.69 9.55
C GLU B 21 -10.94 4.74 9.03
N ARG B 22 -11.00 4.53 7.74
CA ARG B 22 -12.05 3.62 7.19
C ARG B 22 -11.48 2.21 7.01
N GLY B 23 -10.21 2.10 6.75
CA GLY B 23 -9.61 0.74 6.56
C GLY B 23 -9.39 0.47 5.07
N PHE B 24 -8.50 -0.42 4.75
CA PHE B 24 -8.25 -0.73 3.31
C PHE B 24 -8.34 -2.24 3.08
N PHE B 25 -8.54 -2.65 1.85
CA PHE B 25 -8.64 -4.09 1.55
C PHE B 25 -7.26 -4.64 1.18
N TYR B 26 -6.79 -5.62 1.91
CA TYR B 26 -5.44 -6.19 1.59
C TYR B 26 -5.27 -7.50 2.39
N GLU B 27 -4.46 -8.40 1.89
CA GLU B 27 -4.26 -9.69 2.61
C GLU B 27 -3.69 -9.42 4.01
N PRO B 28 -4.41 -9.84 5.02
CA PRO B 28 -4.01 -9.66 6.43
C PRO B 28 -2.71 -10.42 6.70
N LYS B 29 -2.72 -11.71 6.50
CA LYS B 29 -1.49 -12.51 6.75
C LYS B 29 -0.65 -12.58 5.46
N GLY A 1 -3.95 -2.11 -6.97
CA GLY A 1 -2.55 -1.63 -7.03
C GLY A 1 -1.96 -1.59 -5.62
N ILE A 2 -2.14 -2.63 -4.86
CA ILE A 2 -1.59 -2.64 -3.47
C ILE A 2 -0.19 -3.26 -3.48
N VAL A 3 -0.10 -4.55 -3.55
CA VAL A 3 1.24 -5.21 -3.55
C VAL A 3 1.76 -5.31 -4.99
N GLU A 4 0.88 -5.31 -5.96
CA GLU A 4 1.33 -5.40 -7.37
C GLU A 4 1.85 -4.04 -7.83
N GLN A 5 1.59 -3.01 -7.08
CA GLN A 5 2.07 -1.66 -7.49
C GLN A 5 3.15 -1.17 -6.51
N CYS A 6 3.03 -1.52 -5.26
CA CYS A 6 4.05 -1.08 -4.27
C CYS A 6 5.09 -2.19 -4.08
N CYS A 7 4.70 -3.42 -4.26
CA CYS A 7 5.67 -4.54 -4.09
C CYS A 7 6.36 -4.82 -5.42
N HIS A 8 5.67 -4.63 -6.51
CA HIS A 8 6.29 -4.90 -7.84
C HIS A 8 6.88 -3.61 -8.43
N SER A 9 6.93 -2.54 -7.68
CA SER A 9 7.51 -1.29 -8.25
C SER A 9 7.57 -0.18 -7.20
N ILE A 10 8.04 0.97 -7.61
CA ILE A 10 8.16 2.11 -6.66
C ILE A 10 6.86 2.94 -6.69
N CYS A 11 5.79 2.39 -6.17
CA CYS A 11 4.50 3.14 -6.16
C CYS A 11 4.68 4.44 -5.38
N SER A 12 3.62 4.94 -4.80
CA SER A 12 3.73 6.20 -4.01
C SER A 12 2.80 6.14 -2.80
N LEU A 13 1.55 6.47 -2.98
CA LEU A 13 0.59 6.43 -1.84
C LEU A 13 -0.81 6.76 -2.33
N TYR A 14 -0.94 7.65 -3.27
CA TYR A 14 -2.28 8.01 -3.78
C TYR A 14 -2.99 6.75 -4.28
N GLN A 15 -2.24 5.72 -4.58
CA GLN A 15 -2.86 4.46 -5.07
C GLN A 15 -3.44 3.68 -3.88
N LEU A 16 -2.78 3.74 -2.75
CA LEU A 16 -3.31 3.00 -1.56
C LEU A 16 -4.37 3.85 -0.86
N GLU A 17 -4.68 5.00 -1.39
CA GLU A 17 -5.71 5.86 -0.74
C GLU A 17 -7.10 5.44 -1.23
N ASN A 18 -7.17 4.59 -2.21
CA ASN A 18 -8.50 4.15 -2.73
C ASN A 18 -8.93 2.87 -2.00
N TYR A 19 -8.01 2.23 -1.32
CA TYR A 19 -8.37 0.98 -0.58
C TYR A 19 -8.78 1.34 0.85
N CYS A 20 -9.16 2.57 1.08
CA CYS A 20 -9.57 2.98 2.45
C CYS A 20 -11.08 2.80 2.60
N ASN A 21 -11.52 2.30 3.72
CA ASN A 21 -12.98 2.09 3.93
C ASN A 21 -13.65 3.43 4.20
N GLU B 1 14.60 1.61 -1.05
CA GLU B 1 16.07 1.89 -0.91
C GLU B 1 16.59 2.49 -2.22
N VAL B 2 16.24 1.89 -3.33
CA VAL B 2 16.73 2.43 -4.64
C VAL B 2 15.55 2.58 -5.59
N ASN B 3 15.29 1.59 -6.40
CA ASN B 3 14.13 1.68 -7.35
C ASN B 3 13.04 0.71 -6.91
N GLN B 4 12.74 0.67 -5.64
CA GLN B 4 11.68 -0.24 -5.15
C GLN B 4 10.80 0.47 -4.13
N HIS B 5 10.06 -0.27 -3.35
CA HIS B 5 9.20 0.39 -2.32
C HIS B 5 8.63 -0.67 -1.37
N LEU B 6 7.75 -0.28 -0.50
CA LEU B 6 7.17 -1.26 0.46
C LEU B 6 6.80 -2.53 -0.30
N CYS B 7 7.41 -3.64 0.05
CA CYS B 7 7.11 -4.90 -0.67
C CYS B 7 6.67 -5.97 0.33
N GLY B 8 5.42 -5.98 0.72
CA GLY B 8 4.95 -7.02 1.68
C GLY B 8 5.07 -6.49 3.12
N SER B 9 3.97 -6.44 3.83
CA SER B 9 4.02 -5.95 5.24
C SER B 9 4.23 -4.44 5.26
N GLU B 10 5.46 -3.99 5.12
CA GLU B 10 5.72 -2.53 5.11
C GLU B 10 4.64 -1.81 4.31
N LEU B 11 4.06 -2.48 3.34
CA LEU B 11 2.98 -1.85 2.54
C LEU B 11 1.77 -1.61 3.44
N VAL B 12 1.30 -2.62 4.11
CA VAL B 12 0.13 -2.46 5.01
C VAL B 12 0.38 -1.31 6.00
N GLU B 13 1.55 -1.25 6.57
CA GLU B 13 1.86 -0.17 7.54
C GLU B 13 1.53 1.19 6.92
N ALA B 14 1.73 1.33 5.64
CA ALA B 14 1.44 2.63 4.98
C ALA B 14 -0.02 2.66 4.53
N LEU B 15 -0.62 1.52 4.37
CA LEU B 15 -2.04 1.47 3.94
C LEU B 15 -2.92 2.03 5.05
N GLU B 16 -2.44 2.05 6.26
CA GLU B 16 -3.25 2.59 7.39
C GLU B 16 -2.98 4.09 7.54
N LEU B 17 -1.98 4.59 6.87
CA LEU B 17 -1.68 6.05 6.98
C LEU B 17 -2.39 6.81 5.86
N VAL B 18 -2.95 6.10 4.93
CA VAL B 18 -3.66 6.79 3.80
C VAL B 18 -5.17 6.77 4.05
N CYS B 19 -5.66 5.73 4.66
CA CYS B 19 -7.12 5.65 4.94
C CYS B 19 -7.51 6.71 5.97
N GLY B 20 -7.22 6.47 7.22
CA GLY B 20 -7.57 7.48 8.26
C GLY B 20 -8.02 6.77 9.54
N GLU B 21 -7.32 5.74 9.93
CA GLU B 21 -7.71 5.00 11.17
C GLU B 21 -9.04 4.29 10.95
N ARG B 22 -9.54 4.30 9.75
CA ARG B 22 -10.83 3.61 9.47
C ARG B 22 -10.55 2.19 9.01
N GLY B 23 -9.35 1.92 8.57
CA GLY B 23 -9.00 0.55 8.11
C GLY B 23 -9.08 0.48 6.58
N PHE B 24 -8.63 -0.60 6.01
CA PHE B 24 -8.66 -0.73 4.53
C PHE B 24 -8.78 -2.21 4.16
N PHE B 25 -8.60 -2.54 2.91
CA PHE B 25 -8.70 -3.96 2.49
C PHE B 25 -7.32 -4.49 2.10
N TYR B 26 -7.04 -5.72 2.40
CA TYR B 26 -5.71 -6.29 2.04
C TYR B 26 -5.85 -7.79 1.78
N GLU B 27 -6.55 -8.15 0.74
CA GLU B 27 -6.73 -9.60 0.42
C GLU B 27 -5.39 -10.18 -0.07
N PRO B 28 -4.88 -11.14 0.66
CA PRO B 28 -3.61 -11.81 0.33
C PRO B 28 -3.73 -12.53 -1.02
N LYS B 29 -4.73 -13.36 -1.17
CA LYS B 29 -4.90 -14.09 -2.47
C LYS B 29 -5.78 -13.27 -3.40
N GLY A 1 -1.91 -1.62 -9.41
CA GLY A 1 -2.94 -1.86 -8.35
C GLY A 1 -2.31 -1.67 -6.98
N ILE A 2 -1.74 -2.72 -6.43
CA ILE A 2 -1.10 -2.60 -5.09
C ILE A 2 0.15 -3.48 -5.05
N VAL A 3 -0.01 -4.76 -5.23
CA VAL A 3 1.16 -5.68 -5.20
C VAL A 3 1.75 -5.81 -6.61
N GLU A 4 1.00 -5.47 -7.61
CA GLU A 4 1.51 -5.58 -9.01
C GLU A 4 2.32 -4.32 -9.34
N GLN A 5 2.04 -3.23 -8.68
CA GLN A 5 2.79 -1.98 -8.97
C GLN A 5 3.84 -1.75 -7.87
N CYS A 6 3.63 -2.30 -6.71
CA CYS A 6 4.61 -2.11 -5.61
C CYS A 6 5.57 -3.29 -5.57
N CYS A 7 5.13 -4.44 -6.00
CA CYS A 7 6.03 -5.64 -5.99
C CYS A 7 6.75 -5.72 -7.34
N HIS A 8 6.06 -5.43 -8.41
CA HIS A 8 6.72 -5.48 -9.75
C HIS A 8 7.47 -4.17 -10.01
N SER A 9 7.18 -3.15 -9.24
CA SER A 9 7.88 -1.85 -9.45
C SER A 9 7.82 -1.04 -8.15
N ILE A 10 7.81 0.26 -8.26
CA ILE A 10 7.75 1.10 -7.03
C ILE A 10 6.41 1.85 -6.98
N CYS A 11 6.04 2.31 -5.82
CA CYS A 11 4.75 3.05 -5.68
C CYS A 11 5.02 4.38 -4.97
N SER A 12 4.14 4.80 -4.08
CA SER A 12 4.36 6.07 -3.37
C SER A 12 3.46 6.13 -2.13
N LEU A 13 2.27 6.64 -2.28
CA LEU A 13 1.34 6.71 -1.12
C LEU A 13 -0.04 7.20 -1.59
N TYR A 14 -0.08 8.26 -2.35
CA TYR A 14 -1.39 8.76 -2.84
C TYR A 14 -2.13 7.64 -3.56
N GLN A 15 -1.41 6.66 -4.05
CA GLN A 15 -2.08 5.53 -4.75
C GLN A 15 -2.70 4.60 -3.71
N LEU A 16 -2.04 4.42 -2.60
CA LEU A 16 -2.58 3.52 -1.55
C LEU A 16 -3.70 4.25 -0.79
N GLU A 17 -4.00 5.46 -1.17
CA GLU A 17 -5.08 6.21 -0.47
C GLU A 17 -6.44 5.84 -1.07
N ASN A 18 -6.43 5.22 -2.22
CA ASN A 18 -7.73 4.83 -2.85
C ASN A 18 -8.02 3.36 -2.52
N TYR A 19 -7.16 2.72 -1.78
CA TYR A 19 -7.40 1.30 -1.43
C TYR A 19 -8.01 1.21 -0.02
N CYS A 20 -8.61 2.26 0.45
CA CYS A 20 -9.21 2.21 1.82
C CYS A 20 -10.72 1.95 1.71
N ASN A 21 -11.31 1.46 2.76
CA ASN A 21 -12.77 1.19 2.74
C ASN A 21 -13.54 2.50 2.61
N GLU B 1 11.87 3.33 2.38
CA GLU B 1 10.44 3.60 2.09
C GLU B 1 10.32 4.91 1.31
N VAL B 2 11.23 5.17 0.42
CA VAL B 2 11.16 6.43 -0.37
C VAL B 2 10.81 6.11 -1.82
N ASN B 3 11.28 5.00 -2.33
CA ASN B 3 10.98 4.63 -3.74
C ASN B 3 11.46 3.21 -4.02
N GLN B 4 10.82 2.23 -3.45
CA GLN B 4 11.27 0.82 -3.68
C GLN B 4 10.04 -0.09 -3.73
N HIS B 5 10.19 -1.26 -4.29
CA HIS B 5 9.04 -2.21 -4.37
C HIS B 5 8.55 -2.52 -2.96
N LEU B 6 7.44 -1.96 -2.55
CA LEU B 6 6.92 -2.27 -1.18
C LEU B 6 6.17 -3.59 -1.21
N CYS B 7 6.89 -4.69 -1.25
CA CYS B 7 6.23 -6.02 -1.28
C CYS B 7 6.33 -6.66 0.10
N GLY B 8 5.24 -7.11 0.64
CA GLY B 8 5.28 -7.75 1.99
C GLY B 8 4.49 -6.90 2.99
N SER B 9 4.94 -6.84 4.21
CA SER B 9 4.22 -6.02 5.23
C SER B 9 4.58 -4.55 5.05
N GLU B 10 5.64 -4.27 4.34
CA GLU B 10 6.04 -2.84 4.13
C GLU B 10 4.93 -2.12 3.36
N LEU B 11 4.10 -2.86 2.66
CA LEU B 11 3.01 -2.22 1.89
C LEU B 11 1.85 -1.90 2.83
N VAL B 12 1.48 -2.83 3.67
CA VAL B 12 0.35 -2.59 4.61
C VAL B 12 0.72 -1.46 5.58
N GLU B 13 1.96 -1.37 5.97
CA GLU B 13 2.37 -0.29 6.90
C GLU B 13 2.16 1.06 6.22
N ALA B 14 2.27 1.09 4.92
CA ALA B 14 2.07 2.37 4.18
C ALA B 14 0.60 2.49 3.79
N LEU B 15 -0.10 1.39 3.78
CA LEU B 15 -1.54 1.43 3.41
C LEU B 15 -2.34 1.98 4.59
N GLU B 16 -1.88 1.75 5.79
CA GLU B 16 -2.59 2.26 6.98
C GLU B 16 -2.16 3.71 7.24
N LEU B 17 -1.22 4.20 6.49
CA LEU B 17 -0.76 5.61 6.68
C LEU B 17 -1.51 6.52 5.71
N VAL B 18 -2.11 5.95 4.69
CA VAL B 18 -2.85 6.79 3.72
C VAL B 18 -4.28 7.00 4.22
N CYS B 19 -5.02 5.95 4.45
CA CYS B 19 -6.41 6.11 4.94
C CYS B 19 -6.39 6.76 6.33
N GLY B 20 -5.92 6.03 7.32
CA GLY B 20 -5.86 6.63 8.69
C GLY B 20 -6.18 5.54 9.73
N GLU B 21 -7.05 5.84 10.66
CA GLU B 21 -7.40 4.84 11.70
C GLU B 21 -8.76 4.21 11.37
N ARG B 22 -9.08 4.10 10.11
CA ARG B 22 -10.39 3.51 9.72
C ARG B 22 -10.17 2.07 9.23
N GLY B 23 -9.27 1.89 8.32
CA GLY B 23 -9.00 0.51 7.80
C GLY B 23 -9.17 0.48 6.28
N PHE B 24 -8.32 -0.25 5.60
CA PHE B 24 -8.41 -0.33 4.12
C PHE B 24 -8.65 -1.79 3.71
N PHE B 25 -8.83 -2.04 2.44
CA PHE B 25 -9.08 -3.44 1.98
C PHE B 25 -7.78 -4.05 1.46
N TYR B 26 -7.07 -4.77 2.30
CA TYR B 26 -5.79 -5.40 1.85
C TYR B 26 -5.38 -6.47 2.86
N GLU B 27 -6.32 -7.01 3.59
CA GLU B 27 -5.99 -8.06 4.59
C GLU B 27 -6.12 -9.48 4.01
N PRO B 28 -7.11 -9.73 3.18
CA PRO B 28 -7.35 -11.06 2.60
C PRO B 28 -6.21 -11.41 1.65
N LYS B 29 -5.53 -12.49 1.91
CA LYS B 29 -4.41 -12.88 1.02
C LYS B 29 -4.26 -14.40 1.01
N GLY A 1 -3.23 -2.10 -10.07
CA GLY A 1 -3.94 -2.59 -8.85
C GLY A 1 -3.21 -2.10 -7.60
N ILE A 2 -3.22 -2.86 -6.55
CA ILE A 2 -2.54 -2.45 -5.30
C ILE A 2 -1.22 -3.21 -5.17
N VAL A 3 -1.22 -4.47 -5.54
CA VAL A 3 0.03 -5.27 -5.44
C VAL A 3 0.83 -5.14 -6.75
N GLU A 4 0.15 -4.91 -7.83
CA GLU A 4 0.86 -4.77 -9.13
C GLU A 4 1.38 -3.34 -9.28
N GLN A 5 0.98 -2.46 -8.40
CA GLN A 5 1.45 -1.04 -8.50
C GLN A 5 2.45 -0.74 -7.38
N CYS A 6 2.40 -1.48 -6.30
CA CYS A 6 3.36 -1.21 -5.18
C CYS A 6 4.31 -2.40 -5.01
N CYS A 7 3.83 -3.60 -5.20
CA CYS A 7 4.71 -4.79 -5.04
C CYS A 7 5.45 -5.05 -6.35
N HIS A 8 4.82 -4.79 -7.47
CA HIS A 8 5.51 -5.03 -8.77
C HIS A 8 6.50 -3.91 -9.07
N SER A 9 6.64 -2.99 -8.15
CA SER A 9 7.59 -1.86 -8.39
C SER A 9 7.58 -0.92 -7.18
N ILE A 10 8.16 0.23 -7.32
CA ILE A 10 8.19 1.19 -6.18
C ILE A 10 7.08 2.24 -6.35
N CYS A 11 6.10 2.25 -5.50
CA CYS A 11 5.01 3.26 -5.62
C CYS A 11 5.18 4.33 -4.55
N SER A 12 4.12 4.98 -4.16
CA SER A 12 4.23 6.04 -3.12
C SER A 12 3.05 5.93 -2.15
N LEU A 13 2.04 6.75 -2.33
CA LEU A 13 0.86 6.69 -1.41
C LEU A 13 -0.40 7.08 -2.18
N TYR A 14 -0.30 8.08 -3.02
CA TYR A 14 -1.49 8.53 -3.80
C TYR A 14 -2.19 7.31 -4.40
N GLN A 15 -1.44 6.31 -4.79
CA GLN A 15 -2.06 5.10 -5.38
C GLN A 15 -2.72 4.27 -4.28
N LEU A 16 -2.10 4.18 -3.14
CA LEU A 16 -2.69 3.38 -2.02
C LEU A 16 -3.69 4.24 -1.25
N GLU A 17 -3.99 5.41 -1.75
CA GLU A 17 -4.95 6.29 -1.05
C GLU A 17 -6.38 5.95 -1.50
N ASN A 18 -6.52 5.30 -2.62
CA ASN A 18 -7.88 4.94 -3.11
C ASN A 18 -8.30 3.60 -2.50
N TYR A 19 -7.39 2.90 -1.89
CA TYR A 19 -7.74 1.59 -1.29
C TYR A 19 -8.23 1.81 0.15
N CYS A 20 -8.59 3.01 0.49
CA CYS A 20 -9.07 3.28 1.88
C CYS A 20 -10.60 3.22 1.90
N ASN A 21 -11.16 2.40 2.75
CA ASN A 21 -12.64 2.29 2.82
C ASN A 21 -13.22 3.62 3.33
N GLU B 1 17.38 9.69 -1.90
CA GLU B 1 17.20 8.59 -2.89
C GLU B 1 16.45 7.43 -2.22
N VAL B 2 15.26 7.67 -1.76
CA VAL B 2 14.48 6.58 -1.12
C VAL B 2 13.53 5.95 -2.13
N ASN B 3 13.68 4.68 -2.38
CA ASN B 3 12.78 4.01 -3.37
C ASN B 3 13.01 2.50 -3.33
N GLN B 4 12.04 1.74 -2.88
CA GLN B 4 12.21 0.27 -2.81
C GLN B 4 10.86 -0.42 -3.04
N HIS B 5 10.87 -1.56 -3.67
CA HIS B 5 9.59 -2.28 -3.92
C HIS B 5 8.93 -2.62 -2.58
N LEU B 6 7.74 -2.12 -2.35
CA LEU B 6 7.07 -2.42 -1.05
C LEU B 6 6.35 -3.77 -1.14
N CYS B 7 6.96 -4.81 -0.65
CA CYS B 7 6.32 -6.15 -0.71
C CYS B 7 6.69 -6.96 0.54
N GLY B 8 5.76 -7.72 1.07
CA GLY B 8 6.06 -8.53 2.28
C GLY B 8 5.33 -7.93 3.48
N SER B 9 5.08 -6.65 3.46
CA SER B 9 4.37 -5.99 4.59
C SER B 9 4.59 -4.48 4.52
N GLU B 10 5.78 -4.07 4.18
CA GLU B 10 6.06 -2.61 4.07
C GLU B 10 4.91 -1.90 3.35
N LEU B 11 4.17 -2.61 2.53
CA LEU B 11 3.04 -1.97 1.80
C LEU B 11 1.83 -1.84 2.73
N VAL B 12 1.48 -2.89 3.43
CA VAL B 12 0.31 -2.82 4.34
C VAL B 12 0.54 -1.76 5.40
N GLU B 13 1.71 -1.71 5.97
CA GLU B 13 1.98 -0.69 7.02
C GLU B 13 1.83 0.70 6.40
N ALA B 14 2.12 0.84 5.14
CA ALA B 14 1.98 2.16 4.46
C ALA B 14 0.55 2.30 3.92
N LEU B 15 -0.18 1.22 3.90
CA LEU B 15 -1.57 1.26 3.39
C LEU B 15 -2.52 1.69 4.52
N GLU B 16 -2.16 1.43 5.75
CA GLU B 16 -3.04 1.82 6.89
C GLU B 16 -2.84 3.31 7.19
N LEU B 17 -1.86 3.93 6.62
CA LEU B 17 -1.63 5.38 6.90
C LEU B 17 -2.51 6.21 5.97
N VAL B 18 -2.32 6.10 4.69
CA VAL B 18 -3.14 6.89 3.73
C VAL B 18 -4.61 6.84 4.17
N CYS B 19 -5.09 5.67 4.51
CA CYS B 19 -6.51 5.56 4.95
C CYS B 19 -6.68 6.24 6.31
N GLY B 20 -6.07 5.70 7.34
CA GLY B 20 -6.20 6.33 8.68
C GLY B 20 -6.61 5.26 9.70
N GLU B 21 -7.48 5.60 10.61
CA GLU B 21 -7.93 4.61 11.63
C GLU B 21 -9.13 3.83 11.09
N ARG B 22 -9.37 3.88 9.81
CA ARG B 22 -10.53 3.14 9.23
C ARG B 22 -10.05 1.77 8.74
N GLY B 23 -9.16 1.74 7.79
CA GLY B 23 -8.66 0.44 7.27
C GLY B 23 -8.84 0.39 5.75
N PHE B 24 -8.24 -0.58 5.11
CA PHE B 24 -8.36 -0.67 3.63
C PHE B 24 -8.73 -2.11 3.24
N PHE B 25 -9.08 -2.33 2.01
CA PHE B 25 -9.45 -3.72 1.58
C PHE B 25 -8.18 -4.46 1.15
N TYR B 26 -7.36 -4.84 2.08
CA TYR B 26 -6.11 -5.57 1.73
C TYR B 26 -5.83 -6.64 2.78
N GLU B 27 -6.63 -7.66 2.83
CA GLU B 27 -6.41 -8.75 3.84
C GLU B 27 -5.59 -9.88 3.20
N PRO B 28 -4.74 -10.46 4.00
CA PRO B 28 -3.86 -11.58 3.57
C PRO B 28 -4.72 -12.80 3.20
N LYS B 29 -5.49 -13.29 4.13
CA LYS B 29 -6.34 -14.48 3.85
C LYS B 29 -7.81 -14.04 3.75
N GLY A 1 -3.93 -2.34 -8.48
CA GLY A 1 -3.94 -3.32 -7.35
C GLY A 1 -3.10 -2.78 -6.20
N ILE A 2 -2.36 -3.63 -5.54
CA ILE A 2 -1.52 -3.17 -4.40
C ILE A 2 -0.25 -4.01 -4.33
N VAL A 3 -0.37 -5.31 -4.40
CA VAL A 3 0.83 -6.19 -4.33
C VAL A 3 1.47 -6.27 -5.72
N GLU A 4 0.71 -6.06 -6.76
CA GLU A 4 1.28 -6.13 -8.13
C GLU A 4 1.92 -4.77 -8.47
N GLN A 5 1.60 -3.75 -7.73
CA GLN A 5 2.18 -2.42 -8.02
C GLN A 5 3.24 -2.09 -6.96
N CYS A 6 3.29 -2.86 -5.91
CA CYS A 6 4.30 -2.61 -4.84
C CYS A 6 5.40 -3.68 -4.91
N CYS A 7 5.03 -4.91 -5.13
CA CYS A 7 6.05 -5.99 -5.22
C CYS A 7 6.67 -6.00 -6.62
N HIS A 8 5.86 -5.88 -7.64
CA HIS A 8 6.40 -5.88 -9.02
C HIS A 8 7.08 -4.54 -9.32
N SER A 9 6.90 -3.57 -8.46
CA SER A 9 7.53 -2.24 -8.68
C SER A 9 7.25 -1.33 -7.49
N ILE A 10 7.62 -0.08 -7.59
CA ILE A 10 7.37 0.86 -6.46
C ILE A 10 5.95 1.41 -6.57
N CYS A 11 5.35 1.77 -5.46
CA CYS A 11 3.96 2.31 -5.52
C CYS A 11 3.96 3.78 -5.08
N SER A 12 2.80 4.33 -4.89
CA SER A 12 2.71 5.75 -4.46
C SER A 12 1.56 5.87 -3.46
N LEU A 13 1.75 6.65 -2.43
CA LEU A 13 0.68 6.81 -1.42
C LEU A 13 -0.59 7.33 -2.11
N TYR A 14 -0.45 7.85 -3.30
CA TYR A 14 -1.64 8.36 -4.03
C TYR A 14 -2.55 7.18 -4.38
N GLN A 15 -1.95 6.09 -4.79
CA GLN A 15 -2.75 4.88 -5.13
C GLN A 15 -3.28 4.25 -3.84
N LEU A 16 -2.55 4.40 -2.76
CA LEU A 16 -2.99 3.82 -1.47
C LEU A 16 -4.06 4.72 -0.84
N GLU A 17 -4.40 5.80 -1.49
CA GLU A 17 -5.43 6.71 -0.92
C GLU A 17 -6.82 6.23 -1.35
N ASN A 18 -6.90 5.45 -2.39
CA ASN A 18 -8.22 4.95 -2.86
C ASN A 18 -8.58 3.68 -2.07
N TYR A 19 -7.64 3.12 -1.37
CA TYR A 19 -7.93 1.88 -0.59
C TYR A 19 -8.27 2.25 0.86
N CYS A 20 -8.87 3.40 1.06
CA CYS A 20 -9.21 3.81 2.45
C CYS A 20 -10.67 3.44 2.74
N ASN A 21 -10.90 2.53 3.65
CA ASN A 21 -12.29 2.13 3.98
C ASN A 21 -13.03 3.32 4.60
N GLU B 1 12.33 9.60 -1.41
CA GLU B 1 13.41 9.01 -0.58
C GLU B 1 13.21 7.49 -0.49
N VAL B 2 14.27 6.75 -0.34
CA VAL B 2 14.16 5.26 -0.25
C VAL B 2 13.09 4.76 -1.24
N ASN B 3 13.31 4.95 -2.51
CA ASN B 3 12.32 4.49 -3.52
C ASN B 3 12.51 2.98 -3.78
N GLN B 4 11.84 2.15 -3.03
CA GLN B 4 11.98 0.68 -3.25
C GLN B 4 10.61 0.08 -3.52
N HIS B 5 10.57 -1.14 -3.99
CA HIS B 5 9.26 -1.79 -4.28
C HIS B 5 8.72 -2.44 -3.01
N LEU B 6 7.90 -1.74 -2.25
CA LEU B 6 7.34 -2.33 -1.01
C LEU B 6 6.76 -3.72 -1.32
N CYS B 7 7.01 -4.68 -0.47
CA CYS B 7 6.48 -6.04 -0.73
C CYS B 7 6.29 -6.80 0.58
N GLY B 8 5.11 -6.78 1.13
CA GLY B 8 4.86 -7.51 2.41
C GLY B 8 5.28 -6.64 3.60
N SER B 9 4.36 -6.33 4.47
CA SER B 9 4.69 -5.51 5.67
C SER B 9 5.00 -4.07 5.23
N GLU B 10 6.20 -3.80 4.82
CA GLU B 10 6.57 -2.42 4.40
C GLU B 10 5.41 -1.77 3.62
N LEU B 11 4.61 -2.57 2.96
CA LEU B 11 3.47 -2.01 2.20
C LEU B 11 2.32 -1.67 3.16
N VAL B 12 1.99 -2.58 4.04
CA VAL B 12 0.89 -2.34 5.00
C VAL B 12 1.26 -1.15 5.91
N GLU B 13 2.53 -0.88 6.07
CA GLU B 13 2.94 0.25 6.94
C GLU B 13 2.58 1.56 6.25
N ALA B 14 2.49 1.55 4.96
CA ALA B 14 2.14 2.80 4.21
C ALA B 14 0.66 2.74 3.86
N LEU B 15 0.06 1.57 3.95
CA LEU B 15 -1.39 1.45 3.62
C LEU B 15 -2.22 1.94 4.80
N GLU B 16 -1.68 1.84 5.99
CA GLU B 16 -2.45 2.30 7.19
C GLU B 16 -2.13 3.78 7.45
N LEU B 17 -1.16 4.32 6.75
CA LEU B 17 -0.80 5.75 6.96
C LEU B 17 -1.69 6.62 6.07
N VAL B 18 -2.24 6.04 5.04
CA VAL B 18 -3.13 6.85 4.14
C VAL B 18 -4.52 6.90 4.75
N CYS B 19 -5.23 5.80 4.75
CA CYS B 19 -6.58 5.81 5.34
C CYS B 19 -6.47 6.10 6.85
N GLY B 20 -5.94 5.18 7.59
CA GLY B 20 -5.78 5.40 9.06
C GLY B 20 -7.14 5.68 9.71
N GLU B 21 -7.39 5.08 10.85
CA GLU B 21 -8.68 5.30 11.56
C GLU B 21 -9.79 4.41 10.97
N ARG B 22 -9.61 3.93 9.76
CA ARG B 22 -10.65 3.06 9.16
C ARG B 22 -10.01 1.79 8.60
N GLY B 23 -8.80 1.90 8.11
CA GLY B 23 -8.13 0.69 7.55
C GLY B 23 -8.11 0.78 6.03
N PHE B 24 -7.77 -0.28 5.36
CA PHE B 24 -7.72 -0.24 3.87
C PHE B 24 -8.01 -1.64 3.31
N PHE B 25 -8.14 -1.76 2.02
CA PHE B 25 -8.41 -3.09 1.41
C PHE B 25 -7.09 -3.74 0.98
N TYR B 26 -6.47 -4.48 1.85
CA TYR B 26 -5.18 -5.14 1.49
C TYR B 26 -5.20 -6.58 1.99
N GLU B 27 -5.96 -7.43 1.35
CA GLU B 27 -6.02 -8.85 1.79
C GLU B 27 -5.99 -9.78 0.56
N PRO B 28 -4.83 -10.28 0.26
CA PRO B 28 -4.60 -11.18 -0.89
C PRO B 28 -5.32 -12.52 -0.64
N LYS B 29 -6.33 -12.82 -1.41
CA LYS B 29 -7.04 -14.10 -1.20
C LYS B 29 -7.40 -14.73 -2.55
N GLY A 1 -3.44 -3.08 -9.57
CA GLY A 1 -4.05 -1.97 -8.78
C GLY A 1 -3.63 -2.10 -7.32
N ILE A 2 -2.38 -2.40 -7.07
CA ILE A 2 -1.90 -2.53 -5.67
C ILE A 2 -0.56 -3.31 -5.67
N VAL A 3 -0.55 -4.47 -6.27
CA VAL A 3 0.71 -5.26 -6.31
C VAL A 3 1.51 -4.90 -7.56
N GLU A 4 0.88 -4.82 -8.69
CA GLU A 4 1.61 -4.49 -9.94
C GLU A 4 2.08 -3.04 -9.91
N GLN A 5 1.59 -2.27 -8.96
CA GLN A 5 2.02 -0.85 -8.91
C GLN A 5 3.14 -0.69 -7.88
N CYS A 6 3.13 -1.48 -6.83
CA CYS A 6 4.21 -1.36 -5.81
C CYS A 6 5.02 -2.65 -5.78
N CYS A 7 4.37 -3.77 -5.79
CA CYS A 7 5.13 -5.04 -5.76
C CYS A 7 5.93 -5.17 -7.06
N HIS A 8 5.45 -4.59 -8.13
CA HIS A 8 6.20 -4.68 -9.42
C HIS A 8 7.04 -3.40 -9.62
N SER A 9 6.73 -2.36 -8.88
CA SER A 9 7.50 -1.09 -9.05
C SER A 9 7.39 -0.25 -7.77
N ILE A 10 7.92 0.94 -7.79
CA ILE A 10 7.85 1.80 -6.57
C ILE A 10 6.71 2.81 -6.69
N CYS A 11 6.03 3.08 -5.60
CA CYS A 11 4.90 4.06 -5.66
C CYS A 11 5.14 5.16 -4.62
N SER A 12 4.10 5.72 -4.08
CA SER A 12 4.27 6.79 -3.05
C SER A 12 3.14 6.68 -2.01
N LEU A 13 1.97 7.15 -2.35
CA LEU A 13 0.83 7.07 -1.39
C LEU A 13 -0.47 7.35 -2.13
N TYR A 14 -0.45 8.28 -3.06
CA TYR A 14 -1.69 8.60 -3.82
C TYR A 14 -2.28 7.32 -4.40
N GLN A 15 -1.48 6.29 -4.52
CA GLN A 15 -2.00 5.02 -5.09
C GLN A 15 -2.68 4.21 -3.99
N LEU A 16 -2.14 4.23 -2.80
CA LEU A 16 -2.76 3.47 -1.68
C LEU A 16 -3.85 4.33 -1.02
N GLU A 17 -4.23 5.41 -1.65
CA GLU A 17 -5.27 6.28 -1.06
C GLU A 17 -6.65 5.84 -1.56
N ASN A 18 -6.71 5.17 -2.67
CA ASN A 18 -8.02 4.72 -3.22
C ASN A 18 -8.36 3.34 -2.65
N TYR A 19 -7.45 2.75 -1.92
CA TYR A 19 -7.73 1.40 -1.34
C TYR A 19 -8.16 1.55 0.12
N CYS A 20 -8.70 2.69 0.47
CA CYS A 20 -9.13 2.89 1.88
C CYS A 20 -10.67 2.82 1.96
N ASN A 21 -11.18 2.42 3.09
CA ASN A 21 -12.67 2.32 3.24
C ASN A 21 -13.20 3.67 3.76
N GLU B 1 17.12 1.84 -2.83
CA GLU B 1 16.94 1.52 -1.39
C GLU B 1 15.85 2.39 -0.79
N VAL B 2 16.09 3.66 -0.67
CA VAL B 2 15.06 4.57 -0.10
C VAL B 2 13.76 4.43 -0.90
N ASN B 3 13.87 4.36 -2.19
CA ASN B 3 12.64 4.23 -3.04
C ASN B 3 12.58 2.81 -3.61
N GLN B 4 12.44 1.83 -2.77
CA GLN B 4 12.38 0.42 -3.27
C GLN B 4 10.92 -0.02 -3.40
N HIS B 5 10.67 -1.09 -4.09
CA HIS B 5 9.27 -1.57 -4.26
C HIS B 5 8.67 -1.85 -2.88
N LEU B 6 7.41 -1.58 -2.70
CA LEU B 6 6.77 -1.83 -1.37
C LEU B 6 6.00 -3.15 -1.41
N CYS B 7 6.68 -4.26 -1.20
CA CYS B 7 5.98 -5.57 -1.21
C CYS B 7 6.44 -6.41 -0.02
N GLY B 8 5.51 -6.96 0.72
CA GLY B 8 5.89 -7.78 1.90
C GLY B 8 5.58 -7.02 3.18
N SER B 9 4.33 -6.64 3.37
CA SER B 9 3.94 -5.89 4.59
C SER B 9 4.22 -4.39 4.39
N GLU B 10 5.37 -4.06 3.90
CA GLU B 10 5.70 -2.62 3.68
C GLU B 10 4.54 -1.92 2.97
N LEU B 11 3.73 -2.67 2.26
CA LEU B 11 2.59 -2.04 1.54
C LEU B 11 1.42 -1.82 2.50
N VAL B 12 1.15 -2.76 3.37
CA VAL B 12 0.02 -2.59 4.33
C VAL B 12 0.36 -1.48 5.34
N GLU B 13 1.53 -1.52 5.90
CA GLU B 13 1.91 -0.46 6.89
C GLU B 13 1.71 0.91 6.27
N ALA B 14 1.90 1.03 4.98
CA ALA B 14 1.71 2.36 4.32
C ALA B 14 0.25 2.50 3.89
N LEU B 15 -0.43 1.40 3.72
CA LEU B 15 -1.86 1.46 3.32
C LEU B 15 -2.69 2.03 4.48
N GLU B 16 -2.26 1.79 5.69
CA GLU B 16 -3.01 2.32 6.85
C GLU B 16 -2.58 3.77 7.11
N LEU B 17 -1.54 4.21 6.48
CA LEU B 17 -1.08 5.61 6.68
C LEU B 17 -1.93 6.54 5.82
N VAL B 18 -2.54 6.01 4.80
CA VAL B 18 -3.39 6.87 3.92
C VAL B 18 -4.86 6.66 4.30
N CYS B 19 -5.20 5.50 4.80
CA CYS B 19 -6.61 5.24 5.19
C CYS B 19 -6.85 5.79 6.60
N GLY B 20 -6.14 5.27 7.57
CA GLY B 20 -6.32 5.76 8.97
C GLY B 20 -6.83 4.62 9.84
N GLU B 21 -7.68 4.92 10.79
CA GLU B 21 -8.21 3.86 11.68
C GLU B 21 -9.48 3.26 11.07
N ARG B 22 -9.66 3.42 9.78
CA ARG B 22 -10.86 2.85 9.12
C ARG B 22 -10.56 1.45 8.60
N GLY B 23 -9.42 1.27 7.99
CA GLY B 23 -9.07 -0.08 7.46
C GLY B 23 -9.21 -0.08 5.94
N PHE B 24 -8.55 -0.98 5.27
CA PHE B 24 -8.66 -1.04 3.78
C PHE B 24 -8.85 -2.49 3.33
N PHE B 25 -9.00 -2.71 2.06
CA PHE B 25 -9.19 -4.09 1.55
C PHE B 25 -7.86 -4.64 1.03
N TYR B 26 -6.91 -4.87 1.89
CA TYR B 26 -5.60 -5.40 1.43
C TYR B 26 -4.94 -6.17 2.59
N GLU B 27 -5.40 -7.35 2.86
CA GLU B 27 -4.81 -8.15 3.97
C GLU B 27 -5.33 -9.58 3.91
N PRO B 28 -4.55 -10.44 3.30
CA PRO B 28 -4.88 -11.88 3.14
C PRO B 28 -5.04 -12.53 4.52
N LYS B 29 -4.38 -12.00 5.51
CA LYS B 29 -4.48 -12.59 6.87
C LYS B 29 -5.57 -11.86 7.66
N GLY A 1 -3.86 -1.78 -8.94
CA GLY A 1 -2.45 -2.25 -8.92
C GLY A 1 -1.82 -1.93 -7.57
N ILE A 2 -2.51 -2.20 -6.50
CA ILE A 2 -1.95 -1.90 -5.15
C ILE A 2 -0.58 -2.57 -5.00
N VAL A 3 -0.49 -3.83 -5.36
CA VAL A 3 0.82 -4.53 -5.25
C VAL A 3 1.62 -4.36 -6.54
N GLU A 4 0.98 -4.40 -7.67
CA GLU A 4 1.71 -4.24 -8.95
C GLU A 4 2.26 -2.81 -9.05
N GLN A 5 1.86 -1.95 -8.15
CA GLN A 5 2.34 -0.54 -8.21
C GLN A 5 3.40 -0.28 -7.14
N CYS A 6 3.17 -0.73 -5.94
CA CYS A 6 4.18 -0.48 -4.86
C CYS A 6 5.10 -1.69 -4.69
N CYS A 7 4.58 -2.88 -4.84
CA CYS A 7 5.46 -4.07 -4.69
C CYS A 7 6.30 -4.26 -5.96
N HIS A 8 5.71 -4.08 -7.11
CA HIS A 8 6.49 -4.23 -8.37
C HIS A 8 7.35 -2.98 -8.59
N SER A 9 6.85 -1.85 -8.18
CA SER A 9 7.62 -0.59 -8.35
C SER A 9 7.53 0.23 -7.06
N ILE A 10 8.28 1.29 -6.96
CA ILE A 10 8.24 2.11 -5.71
C ILE A 10 7.08 3.10 -5.80
N CYS A 11 6.15 3.03 -4.88
CA CYS A 11 5.00 3.98 -4.91
C CYS A 11 5.13 4.96 -3.75
N SER A 12 4.04 5.53 -3.32
CA SER A 12 4.09 6.50 -2.18
C SER A 12 2.83 6.36 -1.34
N LEU A 13 1.82 7.13 -1.63
CA LEU A 13 0.55 7.05 -0.85
C LEU A 13 -0.63 7.43 -1.74
N TYR A 14 -0.46 8.40 -2.58
CA TYR A 14 -1.58 8.83 -3.48
C TYR A 14 -2.25 7.59 -4.05
N GLN A 15 -1.52 6.52 -4.23
CA GLN A 15 -2.12 5.28 -4.79
C GLN A 15 -2.82 4.51 -3.68
N LEU A 16 -2.25 4.45 -2.52
CA LEU A 16 -2.88 3.71 -1.39
C LEU A 16 -4.10 4.48 -0.89
N GLU A 17 -4.35 5.65 -1.44
CA GLU A 17 -5.52 6.44 -0.98
C GLU A 17 -6.78 5.95 -1.68
N ASN A 18 -6.64 5.35 -2.85
CA ASN A 18 -7.84 4.85 -3.57
C ASN A 18 -8.26 3.50 -2.98
N TYR A 19 -7.45 2.94 -2.13
CA TYR A 19 -7.80 1.63 -1.52
C TYR A 19 -8.36 1.86 -0.11
N CYS A 20 -8.78 3.06 0.18
CA CYS A 20 -9.32 3.34 1.54
C CYS A 20 -10.82 3.05 1.57
N ASN A 21 -11.22 2.00 2.22
CA ASN A 21 -12.67 1.66 2.29
C ASN A 21 -13.40 2.75 3.09
N GLU B 1 17.83 0.10 -8.01
CA GLU B 1 17.77 0.97 -9.21
C GLU B 1 17.45 2.41 -8.78
N VAL B 2 16.80 2.57 -7.65
CA VAL B 2 16.46 3.95 -7.19
C VAL B 2 15.88 3.85 -5.76
N ASN B 3 14.61 3.65 -5.64
CA ASN B 3 13.99 3.56 -4.30
C ASN B 3 13.70 2.10 -3.96
N GLN B 4 12.81 1.85 -3.05
CA GLN B 4 12.48 0.45 -2.68
C GLN B 4 10.98 0.21 -2.85
N HIS B 5 10.61 -0.89 -3.44
CA HIS B 5 9.17 -1.19 -3.64
C HIS B 5 8.59 -1.80 -2.35
N LEU B 6 7.47 -1.30 -1.90
CA LEU B 6 6.88 -1.86 -0.65
C LEU B 6 6.29 -3.24 -0.94
N CYS B 7 6.86 -4.27 -0.37
CA CYS B 7 6.32 -5.64 -0.61
C CYS B 7 6.64 -6.53 0.58
N GLY B 8 5.80 -7.49 0.87
CA GLY B 8 6.06 -8.39 2.03
C GLY B 8 5.17 -7.98 3.21
N SER B 9 3.98 -7.50 2.92
CA SER B 9 3.07 -7.08 4.02
C SER B 9 3.50 -5.71 4.54
N GLU B 10 4.49 -5.10 3.93
CA GLU B 10 4.92 -3.76 4.41
C GLU B 10 4.02 -2.69 3.78
N LEU B 11 3.49 -2.97 2.62
CA LEU B 11 2.60 -1.98 1.96
C LEU B 11 1.28 -1.92 2.75
N VAL B 12 0.93 -2.99 3.40
CA VAL B 12 -0.33 -2.99 4.20
C VAL B 12 -0.14 -2.10 5.43
N GLU B 13 1.08 -1.98 5.89
CA GLU B 13 1.32 -1.12 7.09
C GLU B 13 1.13 0.34 6.68
N ALA B 14 1.49 0.68 5.48
CA ALA B 14 1.31 2.08 5.01
C ALA B 14 -0.13 2.24 4.52
N LEU B 15 -0.76 1.15 4.15
CA LEU B 15 -2.16 1.22 3.67
C LEU B 15 -3.05 1.67 4.82
N GLU B 16 -2.62 1.44 6.03
CA GLU B 16 -3.43 1.86 7.21
C GLU B 16 -3.03 3.28 7.60
N LEU B 17 -1.92 3.74 7.11
CA LEU B 17 -1.49 5.13 7.45
C LEU B 17 -2.38 6.11 6.71
N VAL B 18 -2.99 5.68 5.63
CA VAL B 18 -3.89 6.57 4.87
C VAL B 18 -5.34 6.31 5.29
N CYS B 19 -5.80 5.10 5.13
CA CYS B 19 -7.20 4.78 5.53
C CYS B 19 -7.20 4.42 7.01
N GLY B 20 -6.53 3.36 7.36
CA GLY B 20 -6.46 2.93 8.80
C GLY B 20 -7.77 3.21 9.52
N GLU B 21 -7.88 4.36 10.13
CA GLU B 21 -9.11 4.73 10.88
C GLU B 21 -10.37 4.16 10.22
N ARG B 22 -10.46 4.23 8.92
CA ARG B 22 -11.66 3.69 8.24
C ARG B 22 -11.43 2.21 7.88
N GLY B 23 -10.28 1.89 7.37
CA GLY B 23 -10.00 0.47 7.02
C GLY B 23 -9.92 0.32 5.51
N PHE B 24 -9.18 -0.66 5.02
CA PHE B 24 -9.08 -0.85 3.55
C PHE B 24 -9.20 -2.34 3.22
N PHE B 25 -9.32 -2.68 1.98
CA PHE B 25 -9.47 -4.11 1.60
C PHE B 25 -8.22 -4.55 0.83
N TYR B 26 -7.17 -4.92 1.52
CA TYR B 26 -5.93 -5.37 0.83
C TYR B 26 -5.71 -6.86 1.09
N GLU B 27 -4.95 -7.19 2.10
CA GLU B 27 -4.71 -8.62 2.40
C GLU B 27 -4.52 -8.80 3.92
N PRO B 28 -5.60 -8.65 4.63
CA PRO B 28 -5.62 -8.78 6.11
C PRO B 28 -5.16 -10.17 6.53
N LYS B 29 -5.27 -11.12 5.64
CA LYS B 29 -4.85 -12.52 5.97
C LYS B 29 -3.38 -12.70 5.60
N GLY A 1 -4.10 -1.46 -9.51
CA GLY A 1 -4.04 -2.63 -8.58
C GLY A 1 -3.46 -2.18 -7.23
N ILE A 2 -2.29 -2.64 -6.90
CA ILE A 2 -1.67 -2.24 -5.60
C ILE A 2 -0.31 -2.91 -5.44
N VAL A 3 -0.22 -4.17 -5.79
CA VAL A 3 1.09 -4.88 -5.65
C VAL A 3 1.93 -4.63 -6.90
N GLU A 4 1.37 -4.85 -8.06
CA GLU A 4 2.14 -4.63 -9.31
C GLU A 4 2.51 -3.15 -9.44
N GLN A 5 1.90 -2.32 -8.65
CA GLN A 5 2.20 -0.86 -8.73
C GLN A 5 3.32 -0.50 -7.75
N CYS A 6 3.37 -1.14 -6.61
CA CYS A 6 4.44 -0.81 -5.63
C CYS A 6 5.40 -1.99 -5.50
N CYS A 7 4.91 -3.17 -5.27
CA CYS A 7 5.80 -4.35 -5.13
C CYS A 7 6.63 -4.55 -6.39
N HIS A 8 6.03 -4.44 -7.55
CA HIS A 8 6.80 -4.64 -8.81
C HIS A 8 7.73 -3.44 -9.06
N SER A 9 7.19 -2.26 -9.17
CA SER A 9 8.05 -1.07 -9.42
C SER A 9 7.95 -0.10 -8.25
N ILE A 10 8.58 1.04 -8.37
CA ILE A 10 8.53 2.04 -7.25
C ILE A 10 7.27 2.89 -7.39
N CYS A 11 6.55 3.08 -6.32
CA CYS A 11 5.31 3.91 -6.38
C CYS A 11 5.37 4.99 -5.32
N SER A 12 4.25 5.44 -4.83
CA SER A 12 4.24 6.50 -3.79
C SER A 12 3.16 6.19 -2.76
N LEU A 13 2.03 6.85 -2.84
CA LEU A 13 0.94 6.59 -1.86
C LEU A 13 -0.40 7.00 -2.47
N TYR A 14 -0.43 8.06 -3.23
CA TYR A 14 -1.70 8.50 -3.85
C TYR A 14 -2.40 7.29 -4.46
N GLN A 15 -1.64 6.34 -4.95
CA GLN A 15 -2.25 5.13 -5.56
C GLN A 15 -2.86 4.26 -4.46
N LEU A 16 -2.15 4.10 -3.37
CA LEU A 16 -2.68 3.27 -2.25
C LEU A 16 -3.63 4.11 -1.39
N GLU A 17 -3.94 5.29 -1.84
CA GLU A 17 -4.87 6.16 -1.05
C GLU A 17 -6.32 5.82 -1.38
N ASN A 18 -6.55 5.22 -2.51
CA ASN A 18 -7.95 4.87 -2.90
C ASN A 18 -8.33 3.54 -2.25
N TYR A 19 -7.39 2.86 -1.65
CA TYR A 19 -7.70 1.55 -1.00
C TYR A 19 -8.02 1.80 0.47
N CYS A 20 -8.45 2.99 0.80
CA CYS A 20 -8.80 3.29 2.23
C CYS A 20 -10.30 3.07 2.43
N ASN A 21 -10.66 2.20 3.32
CA ASN A 21 -12.10 1.94 3.58
C ASN A 21 -12.79 3.23 4.03
N GLU B 1 11.45 3.55 2.50
CA GLU B 1 10.10 3.25 1.93
C GLU B 1 9.68 4.39 1.01
N VAL B 2 8.46 4.37 0.55
CA VAL B 2 7.97 5.46 -0.36
C VAL B 2 9.05 5.81 -1.38
N ASN B 3 9.93 4.90 -1.68
CA ASN B 3 11.00 5.18 -2.67
C ASN B 3 11.61 3.86 -3.13
N GLN B 4 10.89 2.78 -3.00
CA GLN B 4 11.43 1.47 -3.43
C GLN B 4 10.29 0.44 -3.51
N HIS B 5 10.53 -0.68 -4.13
CA HIS B 5 9.47 -1.71 -4.25
C HIS B 5 9.02 -2.17 -2.86
N LEU B 6 7.76 -2.03 -2.56
CA LEU B 6 7.27 -2.46 -1.22
C LEU B 6 6.64 -3.85 -1.34
N CYS B 7 7.35 -4.87 -0.96
CA CYS B 7 6.77 -6.25 -1.04
C CYS B 7 7.16 -7.04 0.20
N GLY B 8 6.75 -8.28 0.29
CA GLY B 8 7.09 -9.10 1.48
C GLY B 8 6.32 -8.59 2.70
N SER B 9 5.13 -8.09 2.50
CA SER B 9 4.34 -7.58 3.65
C SER B 9 4.88 -6.22 4.08
N GLU B 10 5.73 -5.62 3.29
CA GLU B 10 6.27 -4.29 3.68
C GLU B 10 5.36 -3.20 3.11
N LEU B 11 4.64 -3.50 2.06
CA LEU B 11 3.72 -2.49 1.46
C LEU B 11 2.47 -2.37 2.35
N VAL B 12 2.00 -3.47 2.85
CA VAL B 12 0.78 -3.44 3.71
C VAL B 12 1.02 -2.47 4.88
N GLU B 13 2.21 -2.46 5.41
CA GLU B 13 2.50 -1.53 6.55
C GLU B 13 2.24 -0.09 6.11
N ALA B 14 2.56 0.22 4.89
CA ALA B 14 2.33 1.62 4.40
C ALA B 14 0.90 1.75 3.90
N LEU B 15 0.24 0.65 3.67
CA LEU B 15 -1.17 0.69 3.19
C LEU B 15 -2.09 1.10 4.33
N GLU B 16 -1.64 0.94 5.55
CA GLU B 16 -2.49 1.32 6.72
C GLU B 16 -2.37 2.81 6.97
N LEU B 17 -1.32 3.43 6.48
CA LEU B 17 -1.13 4.89 6.70
C LEU B 17 -2.03 5.67 5.73
N VAL B 18 -2.03 5.31 4.48
CA VAL B 18 -2.87 6.02 3.48
C VAL B 18 -4.27 6.26 4.08
N CYS B 19 -4.97 5.22 4.40
CA CYS B 19 -6.33 5.40 4.98
C CYS B 19 -6.23 6.19 6.28
N GLY B 20 -5.54 5.66 7.26
CA GLY B 20 -5.39 6.37 8.56
C GLY B 20 -6.76 6.68 9.15
N GLU B 21 -7.46 5.66 9.60
CA GLU B 21 -8.81 5.89 10.19
C GLU B 21 -9.56 4.56 10.24
N ARG B 22 -9.39 3.72 9.26
CA ARG B 22 -10.10 2.42 9.25
C ARG B 22 -9.14 1.33 8.78
N GLY B 23 -8.60 1.48 7.60
CA GLY B 23 -7.66 0.46 7.07
C GLY B 23 -7.75 0.44 5.55
N PHE B 24 -7.62 -0.69 4.94
CA PHE B 24 -7.70 -0.75 3.45
C PHE B 24 -8.11 -2.17 3.03
N PHE B 25 -8.34 -2.38 1.76
CA PHE B 25 -8.74 -3.74 1.29
C PHE B 25 -7.50 -4.50 0.83
N TYR B 26 -6.79 -5.10 1.76
CA TYR B 26 -5.57 -5.86 1.39
C TYR B 26 -5.11 -6.71 2.58
N GLU B 27 -6.04 -7.35 3.24
CA GLU B 27 -5.66 -8.19 4.40
C GLU B 27 -6.23 -9.60 4.23
N PRO B 28 -5.70 -10.53 4.99
CA PRO B 28 -6.13 -11.94 4.97
C PRO B 28 -7.60 -12.05 5.41
N LYS B 29 -7.89 -11.66 6.62
CA LYS B 29 -9.29 -11.75 7.10
C LYS B 29 -9.89 -10.34 7.18
N GLY A 1 -4.13 -2.04 -8.57
CA GLY A 1 -2.92 -1.18 -8.43
C GLY A 1 -2.39 -1.27 -7.00
N ILE A 2 -2.36 -2.46 -6.45
CA ILE A 2 -1.85 -2.62 -5.05
C ILE A 2 -0.53 -3.39 -5.09
N VAL A 3 -0.58 -4.65 -5.42
CA VAL A 3 0.67 -5.46 -5.46
C VAL A 3 1.30 -5.35 -6.85
N GLU A 4 0.52 -5.09 -7.86
CA GLU A 4 1.08 -4.96 -9.23
C GLU A 4 1.59 -3.55 -9.44
N GLN A 5 1.25 -2.64 -8.57
CA GLN A 5 1.71 -1.23 -8.71
C GLN A 5 2.76 -0.93 -7.63
N CYS A 6 2.91 -1.79 -6.67
CA CYS A 6 3.91 -1.55 -5.60
C CYS A 6 4.97 -2.65 -5.65
N CYS A 7 4.58 -3.87 -5.85
CA CYS A 7 5.58 -4.97 -5.91
C CYS A 7 6.20 -5.02 -7.32
N HIS A 8 5.47 -4.62 -8.32
CA HIS A 8 6.03 -4.66 -9.70
C HIS A 8 6.73 -3.32 -9.99
N SER A 9 6.72 -2.41 -9.06
CA SER A 9 7.39 -1.09 -9.29
C SER A 9 7.45 -0.30 -7.98
N ILE A 10 8.00 0.89 -8.02
CA ILE A 10 8.08 1.71 -6.78
C ILE A 10 6.91 2.68 -6.72
N CYS A 11 5.80 2.25 -6.16
CA CYS A 11 4.62 3.16 -6.07
C CYS A 11 4.91 4.29 -5.09
N SER A 12 3.92 5.04 -4.71
CA SER A 12 4.15 6.15 -3.75
C SER A 12 3.14 6.06 -2.60
N LEU A 13 2.02 6.71 -2.72
CA LEU A 13 1.00 6.65 -1.64
C LEU A 13 -0.37 7.03 -2.21
N TYR A 14 -0.41 7.98 -3.11
CA TYR A 14 -1.72 8.38 -3.69
C TYR A 14 -2.45 7.16 -4.23
N GLN A 15 -1.74 6.16 -4.67
CA GLN A 15 -2.39 4.94 -5.20
C GLN A 15 -2.94 4.10 -4.04
N LEU A 16 -2.26 4.10 -2.92
CA LEU A 16 -2.74 3.31 -1.76
C LEU A 16 -3.79 4.11 -0.99
N GLU A 17 -4.17 5.25 -1.50
CA GLU A 17 -5.18 6.09 -0.80
C GLU A 17 -6.58 5.69 -1.26
N ASN A 18 -6.80 5.66 -2.55
CA ASN A 18 -8.15 5.29 -3.06
C ASN A 18 -8.68 4.07 -2.28
N TYR A 19 -7.79 3.27 -1.76
CA TYR A 19 -8.24 2.06 -0.99
C TYR A 19 -8.44 2.45 0.48
N CYS A 20 -9.12 3.54 0.73
CA CYS A 20 -9.34 3.96 2.14
C CYS A 20 -10.75 3.53 2.59
N ASN A 21 -10.90 2.31 2.99
CA ASN A 21 -12.23 1.83 3.45
C ASN A 21 -12.67 2.62 4.68
N GLU B 1 9.32 1.61 2.83
CA GLU B 1 10.57 1.89 3.60
C GLU B 1 11.24 3.14 3.07
N VAL B 2 11.62 3.14 1.81
CA VAL B 2 12.29 4.33 1.23
C VAL B 2 11.83 4.53 -0.22
N ASN B 3 12.51 3.90 -1.14
CA ASN B 3 12.11 4.05 -2.57
C ASN B 3 12.36 2.73 -3.31
N GLN B 4 11.52 1.76 -3.10
CA GLN B 4 11.70 0.45 -3.78
C GLN B 4 10.34 -0.23 -3.95
N HIS B 5 10.31 -1.39 -4.55
CA HIS B 5 9.01 -2.10 -4.74
C HIS B 5 8.50 -2.59 -3.39
N LEU B 6 7.35 -2.12 -2.98
CA LEU B 6 6.79 -2.57 -1.66
C LEU B 6 6.14 -3.94 -1.81
N CYS B 7 6.89 -4.99 -1.63
CA CYS B 7 6.30 -6.35 -1.76
C CYS B 7 6.30 -7.03 -0.40
N GLY B 8 5.14 -7.44 0.07
CA GLY B 8 5.08 -8.11 1.40
C GLY B 8 4.33 -7.21 2.38
N SER B 9 4.67 -7.29 3.65
CA SER B 9 3.98 -6.43 4.65
C SER B 9 4.30 -4.96 4.38
N GLU B 10 5.51 -4.66 4.01
CA GLU B 10 5.87 -3.24 3.72
C GLU B 10 4.74 -2.56 2.95
N LEU B 11 4.10 -3.29 2.08
CA LEU B 11 2.98 -2.68 1.30
C LEU B 11 1.87 -2.29 2.26
N VAL B 12 1.46 -3.19 3.10
CA VAL B 12 0.37 -2.87 4.08
C VAL B 12 0.85 -1.80 5.05
N GLU B 13 2.13 -1.62 5.18
CA GLU B 13 2.66 -0.58 6.12
C GLU B 13 2.35 0.80 5.57
N ALA B 14 2.24 0.92 4.28
CA ALA B 14 1.92 2.25 3.68
C ALA B 14 0.43 2.32 3.40
N LEU B 15 -0.22 1.19 3.33
CA LEU B 15 -1.68 1.18 3.06
C LEU B 15 -2.43 1.73 4.28
N GLU B 16 -1.86 1.59 5.45
CA GLU B 16 -2.53 2.10 6.67
C GLU B 16 -2.09 3.56 6.91
N LEU B 17 -1.15 4.04 6.15
CA LEU B 17 -0.69 5.44 6.34
C LEU B 17 -1.53 6.38 5.48
N VAL B 18 -2.25 5.83 4.54
CA VAL B 18 -3.10 6.70 3.67
C VAL B 18 -4.50 6.80 4.27
N CYS B 19 -5.22 5.71 4.30
CA CYS B 19 -6.59 5.74 4.89
C CYS B 19 -6.48 6.13 6.37
N GLY B 20 -5.98 5.24 7.18
CA GLY B 20 -5.84 5.56 8.64
C GLY B 20 -7.21 5.88 9.25
N GLU B 21 -7.48 5.36 10.41
CA GLU B 21 -8.78 5.64 11.09
C GLU B 21 -9.87 4.70 10.55
N ARG B 22 -10.08 4.69 9.26
CA ARG B 22 -11.14 3.80 8.70
C ARG B 22 -10.52 2.44 8.36
N GLY B 23 -9.43 2.44 7.62
CA GLY B 23 -8.79 1.15 7.27
C GLY B 23 -8.91 0.91 5.76
N PHE B 24 -8.16 -0.03 5.25
CA PHE B 24 -8.23 -0.32 3.79
C PHE B 24 -8.49 -1.82 3.59
N PHE B 25 -8.39 -2.30 2.37
CA PHE B 25 -8.65 -3.75 2.13
C PHE B 25 -7.41 -4.38 1.49
N TYR B 26 -6.84 -5.37 2.12
CA TYR B 26 -5.63 -6.03 1.55
C TYR B 26 -5.59 -7.48 2.03
N GLU B 27 -5.35 -8.41 1.15
CA GLU B 27 -5.32 -9.84 1.58
C GLU B 27 -4.24 -10.04 2.66
N PRO B 28 -4.69 -10.30 3.86
CA PRO B 28 -3.80 -10.51 5.03
C PRO B 28 -3.00 -11.80 4.85
N LYS B 29 -1.92 -11.96 5.57
CA LYS B 29 -1.11 -13.19 5.44
C LYS B 29 -0.42 -13.49 6.78
N GLY A 1 -4.84 -2.54 -8.28
CA GLY A 1 -3.37 -2.41 -8.48
C GLY A 1 -2.69 -2.08 -7.16
N ILE A 2 -2.08 -3.06 -6.54
CA ILE A 2 -1.39 -2.81 -5.24
C ILE A 2 -0.14 -3.69 -5.14
N VAL A 3 -0.24 -4.94 -5.49
CA VAL A 3 0.94 -5.84 -5.40
C VAL A 3 1.71 -5.81 -6.73
N GLU A 4 1.03 -5.70 -7.83
CA GLU A 4 1.76 -5.67 -9.13
C GLU A 4 2.23 -4.24 -9.39
N GLN A 5 1.81 -3.30 -8.59
CA GLN A 5 2.23 -1.90 -8.80
C GLN A 5 3.29 -1.51 -7.77
N CYS A 6 3.29 -2.13 -6.62
CA CYS A 6 4.31 -1.78 -5.59
C CYS A 6 5.30 -2.93 -5.44
N CYS A 7 4.92 -4.12 -5.80
CA CYS A 7 5.86 -5.27 -5.70
C CYS A 7 6.70 -5.30 -6.96
N HIS A 8 6.10 -5.03 -8.10
CA HIS A 8 6.87 -5.03 -9.37
C HIS A 8 7.46 -3.62 -9.57
N SER A 9 7.00 -2.66 -8.82
CA SER A 9 7.54 -1.28 -8.96
C SER A 9 7.43 -0.56 -7.60
N ILE A 10 7.81 0.69 -7.55
CA ILE A 10 7.74 1.42 -6.26
C ILE A 10 6.59 2.44 -6.30
N CYS A 11 5.80 2.50 -5.27
CA CYS A 11 4.67 3.48 -5.25
C CYS A 11 4.90 4.49 -4.12
N SER A 12 3.85 4.96 -3.52
CA SER A 12 4.00 5.93 -2.39
C SER A 12 2.72 5.92 -1.55
N LEU A 13 1.77 6.74 -1.90
CA LEU A 13 0.50 6.77 -1.13
C LEU A 13 -0.65 7.19 -2.05
N TYR A 14 -0.40 8.09 -2.96
CA TYR A 14 -1.48 8.53 -3.89
C TYR A 14 -2.22 7.31 -4.42
N GLN A 15 -1.50 6.26 -4.74
CA GLN A 15 -2.15 5.04 -5.25
C GLN A 15 -2.89 4.33 -4.12
N LEU A 16 -2.33 4.35 -2.93
CA LEU A 16 -3.00 3.68 -1.78
C LEU A 16 -3.92 4.68 -1.07
N GLU A 17 -4.18 5.80 -1.69
CA GLU A 17 -5.07 6.81 -1.05
C GLU A 17 -6.54 6.49 -1.36
N ASN A 18 -6.77 5.68 -2.37
CA ASN A 18 -8.18 5.33 -2.73
C ASN A 18 -8.51 3.94 -2.18
N TYR A 19 -7.64 3.37 -1.40
CA TYR A 19 -7.91 2.02 -0.83
C TYR A 19 -8.34 2.15 0.64
N CYS A 20 -8.67 3.35 1.05
CA CYS A 20 -9.11 3.56 2.46
C CYS A 20 -10.61 3.31 2.56
N ASN A 21 -11.00 2.27 3.25
CA ASN A 21 -12.45 1.97 3.39
C ASN A 21 -13.15 3.16 4.06
N GLU B 1 18.05 9.10 -5.56
CA GLU B 1 16.81 8.30 -5.47
C GLU B 1 17.08 7.00 -4.70
N VAL B 2 16.32 6.72 -3.68
CA VAL B 2 16.53 5.48 -2.90
C VAL B 2 15.20 4.77 -2.68
N ASN B 3 14.16 5.24 -3.31
CA ASN B 3 12.83 4.59 -3.14
C ASN B 3 12.92 3.14 -3.60
N GLN B 4 12.26 2.24 -2.91
CA GLN B 4 12.31 0.80 -3.32
C GLN B 4 10.89 0.24 -3.40
N HIS B 5 10.71 -0.84 -4.10
CA HIS B 5 9.34 -1.44 -4.22
C HIS B 5 8.86 -1.87 -2.82
N LEU B 6 7.64 -1.58 -2.48
CA LEU B 6 7.12 -1.97 -1.14
C LEU B 6 6.47 -3.35 -1.23
N CYS B 7 7.18 -4.38 -0.89
CA CYS B 7 6.59 -5.75 -0.96
C CYS B 7 7.06 -6.58 0.25
N GLY B 8 6.15 -7.01 1.07
CA GLY B 8 6.55 -7.83 2.25
C GLY B 8 5.85 -7.29 3.50
N SER B 9 4.56 -7.05 3.42
CA SER B 9 3.81 -6.53 4.60
C SER B 9 4.04 -5.03 4.74
N GLU B 10 4.94 -4.47 3.97
CA GLU B 10 5.20 -3.01 4.07
C GLU B 10 4.11 -2.26 3.29
N LEU B 11 3.61 -2.86 2.25
CA LEU B 11 2.54 -2.19 1.46
C LEU B 11 1.27 -2.11 2.30
N VAL B 12 1.06 -3.09 3.16
CA VAL B 12 -0.14 -3.08 4.02
C VAL B 12 0.12 -2.18 5.23
N GLU B 13 1.31 -2.24 5.77
CA GLU B 13 1.64 -1.38 6.95
C GLU B 13 1.56 0.09 6.53
N ALA B 14 1.75 0.35 5.26
CA ALA B 14 1.66 1.75 4.77
C ALA B 14 0.22 2.02 4.34
N LEU B 15 -0.49 0.98 4.00
CA LEU B 15 -1.91 1.15 3.58
C LEU B 15 -2.72 1.63 4.78
N GLU B 16 -2.38 1.18 5.96
CA GLU B 16 -3.12 1.62 7.17
C GLU B 16 -2.76 3.07 7.48
N LEU B 17 -1.77 3.61 6.79
CA LEU B 17 -1.37 5.02 7.05
C LEU B 17 -2.23 5.97 6.21
N VAL B 18 -2.73 5.50 5.11
CA VAL B 18 -3.58 6.41 4.26
C VAL B 18 -5.00 6.42 4.80
N CYS B 19 -5.46 5.32 5.34
CA CYS B 19 -6.83 5.27 5.90
C CYS B 19 -6.76 5.55 7.41
N GLY B 20 -6.06 4.72 8.14
CA GLY B 20 -5.91 4.93 9.61
C GLY B 20 -7.24 5.40 10.21
N GLU B 21 -8.27 4.60 10.10
CA GLU B 21 -9.59 5.00 10.67
C GLU B 21 -10.67 4.01 10.23
N ARG B 22 -10.68 3.67 8.97
CA ARG B 22 -11.70 2.70 8.47
C ARG B 22 -11.00 1.47 7.91
N GLY B 23 -9.73 1.33 8.14
CA GLY B 23 -9.01 0.14 7.60
C GLY B 23 -9.16 0.13 6.08
N PHE B 24 -8.35 -0.62 5.39
CA PHE B 24 -8.46 -0.65 3.90
C PHE B 24 -8.73 -2.08 3.44
N PHE B 25 -9.26 -2.22 2.25
CA PHE B 25 -9.56 -3.58 1.71
C PHE B 25 -8.34 -4.07 0.93
N TYR B 26 -7.61 -5.02 1.46
CA TYR B 26 -6.42 -5.53 0.74
C TYR B 26 -5.81 -6.71 1.52
N GLU B 27 -5.85 -6.66 2.82
CA GLU B 27 -5.28 -7.77 3.63
C GLU B 27 -6.01 -9.08 3.28
N PRO B 28 -5.27 -10.03 2.77
CA PRO B 28 -5.82 -11.35 2.38
C PRO B 28 -6.33 -12.09 3.62
N LYS B 29 -5.52 -12.17 4.63
CA LYS B 29 -5.95 -12.87 5.87
C LYS B 29 -5.92 -11.90 7.05
N GLY A 1 -3.17 -3.84 -8.43
CA GLY A 1 -3.64 -2.61 -7.72
C GLY A 1 -2.82 -2.42 -6.45
N ILE A 2 -2.64 -3.46 -5.68
CA ILE A 2 -1.85 -3.33 -4.42
C ILE A 2 -0.49 -4.02 -4.61
N VAL A 3 -0.49 -5.26 -5.02
CA VAL A 3 0.79 -5.97 -5.22
C VAL A 3 1.44 -5.48 -6.51
N GLU A 4 0.87 -5.81 -7.63
CA GLU A 4 1.46 -5.38 -8.93
C GLU A 4 1.85 -3.90 -8.90
N GLN A 5 1.15 -3.11 -8.13
CA GLN A 5 1.48 -1.66 -8.07
C GLN A 5 2.64 -1.41 -7.10
N CYS A 6 2.73 -2.17 -6.04
CA CYS A 6 3.82 -1.94 -5.07
C CYS A 6 4.75 -3.16 -5.03
N CYS A 7 4.22 -4.32 -4.78
CA CYS A 7 5.07 -5.54 -4.71
C CYS A 7 5.79 -5.77 -6.05
N HIS A 8 5.24 -5.31 -7.14
CA HIS A 8 5.91 -5.52 -8.46
C HIS A 8 6.69 -4.27 -8.86
N SER A 9 6.30 -3.12 -8.36
CA SER A 9 7.01 -1.88 -8.73
C SER A 9 7.04 -0.92 -7.53
N ILE A 10 7.77 0.15 -7.63
CA ILE A 10 7.85 1.12 -6.51
C ILE A 10 6.68 2.09 -6.60
N CYS A 11 5.72 1.97 -5.71
CA CYS A 11 4.55 2.88 -5.75
C CYS A 11 4.81 4.08 -4.81
N SER A 12 3.93 5.03 -4.81
CA SER A 12 4.13 6.22 -3.93
C SER A 12 3.22 6.11 -2.71
N LEU A 13 2.01 6.61 -2.80
CA LEU A 13 1.08 6.54 -1.65
C LEU A 13 -0.35 6.75 -2.14
N TYR A 14 -0.54 7.62 -3.10
CA TYR A 14 -1.91 7.88 -3.62
C TYR A 14 -2.52 6.55 -4.09
N GLN A 15 -1.72 5.67 -4.61
CA GLN A 15 -2.26 4.36 -5.08
C GLN A 15 -2.83 3.58 -3.88
N LEU A 16 -2.24 3.74 -2.74
CA LEU A 16 -2.74 3.01 -1.53
C LEU A 16 -3.81 3.86 -0.83
N GLU A 17 -3.95 5.10 -1.23
CA GLU A 17 -4.97 5.97 -0.58
C GLU A 17 -6.35 5.66 -1.14
N ASN A 18 -6.42 4.80 -2.12
CA ASN A 18 -7.75 4.46 -2.71
C ASN A 18 -8.25 3.13 -2.12
N TYR A 19 -7.39 2.44 -1.41
CA TYR A 19 -7.80 1.14 -0.81
C TYR A 19 -8.28 1.37 0.63
N CYS A 20 -8.47 2.60 1.02
CA CYS A 20 -8.94 2.88 2.40
C CYS A 20 -10.46 2.77 2.47
N ASN A 21 -10.98 2.25 3.55
CA ASN A 21 -12.47 2.13 3.66
C ASN A 21 -13.12 3.51 3.57
N GLU B 1 15.98 9.59 1.06
CA GLU B 1 15.15 9.41 -0.16
C GLU B 1 15.65 8.19 -0.94
N VAL B 2 14.83 7.19 -1.08
CA VAL B 2 15.26 5.97 -1.83
C VAL B 2 14.19 5.61 -2.86
N ASN B 3 14.08 4.34 -3.20
CA ASN B 3 13.06 3.92 -4.19
C ASN B 3 13.05 2.39 -4.28
N GLN B 4 12.43 1.74 -3.33
CA GLN B 4 12.38 0.25 -3.36
C GLN B 4 10.93 -0.21 -3.45
N HIS B 5 10.68 -1.30 -4.14
CA HIS B 5 9.28 -1.80 -4.26
C HIS B 5 8.74 -2.20 -2.88
N LEU B 6 7.79 -1.48 -2.37
CA LEU B 6 7.22 -1.83 -1.03
C LEU B 6 6.50 -3.17 -1.12
N CYS B 7 7.19 -4.25 -0.89
CA CYS B 7 6.52 -5.59 -0.96
C CYS B 7 6.64 -6.30 0.38
N GLY B 8 5.56 -6.87 0.85
CA GLY B 8 5.61 -7.58 2.17
C GLY B 8 4.78 -6.80 3.20
N SER B 9 5.40 -6.37 4.25
CA SER B 9 4.65 -5.61 5.30
C SER B 9 4.92 -4.11 5.12
N GLU B 10 5.97 -3.76 4.42
CA GLU B 10 6.27 -2.31 4.23
C GLU B 10 5.09 -1.65 3.51
N LEU B 11 4.28 -2.43 2.84
CA LEU B 11 3.11 -1.84 2.12
C LEU B 11 1.99 -1.57 3.11
N VAL B 12 1.65 -2.55 3.91
CA VAL B 12 0.54 -2.36 4.89
C VAL B 12 0.89 -1.19 5.83
N GLU B 13 2.12 -1.11 6.25
CA GLU B 13 2.53 -0.01 7.16
C GLU B 13 2.24 1.33 6.49
N ALA B 14 2.31 1.38 5.19
CA ALA B 14 2.05 2.66 4.48
C ALA B 14 0.56 2.73 4.12
N LEU B 15 -0.12 1.62 4.14
CA LEU B 15 -1.56 1.62 3.80
C LEU B 15 -2.35 2.26 4.95
N GLU B 16 -2.14 1.80 6.15
CA GLU B 16 -2.87 2.38 7.31
C GLU B 16 -2.52 3.86 7.49
N LEU B 17 -1.56 4.36 6.77
CA LEU B 17 -1.19 5.79 6.92
C LEU B 17 -1.95 6.64 5.91
N VAL B 18 -2.41 6.03 4.84
CA VAL B 18 -3.17 6.81 3.82
C VAL B 18 -4.67 6.60 4.01
N CYS B 19 -5.06 5.75 4.92
CA CYS B 19 -6.51 5.52 5.14
C CYS B 19 -7.03 6.52 6.16
N GLY B 20 -6.76 6.30 7.42
CA GLY B 20 -7.23 7.26 8.46
C GLY B 20 -7.79 6.48 9.66
N GLU B 21 -6.94 5.84 10.41
CA GLU B 21 -7.41 5.06 11.59
C GLU B 21 -8.71 4.33 11.26
N ARG B 22 -8.94 4.02 10.01
CA ARG B 22 -10.19 3.31 9.64
C ARG B 22 -9.85 1.87 9.26
N GLY B 23 -8.88 1.69 8.41
CA GLY B 23 -8.49 0.30 8.01
C GLY B 23 -8.64 0.15 6.49
N PHE B 24 -8.24 -0.97 5.96
CA PHE B 24 -8.36 -1.17 4.48
C PHE B 24 -8.40 -2.67 4.18
N PHE B 25 -8.24 -3.03 2.94
CA PHE B 25 -8.27 -4.47 2.56
C PHE B 25 -7.02 -4.81 1.74
N TYR B 26 -6.04 -5.41 2.37
CA TYR B 26 -4.80 -5.76 1.63
C TYR B 26 -5.06 -6.91 0.67
N GLU B 27 -5.42 -8.06 1.17
CA GLU B 27 -5.71 -9.21 0.28
C GLU B 27 -6.60 -10.24 1.00
N PRO B 28 -7.88 -10.14 0.75
CA PRO B 28 -8.89 -11.04 1.36
C PRO B 28 -8.59 -12.50 0.98
N LYS B 29 -7.99 -12.71 -0.16
CA LYS B 29 -7.68 -14.10 -0.58
C LYS B 29 -6.27 -14.48 -0.09
N GLY A 1 -5.19 -1.41 -9.23
CA GLY A 1 -3.79 -1.06 -8.83
C GLY A 1 -3.58 -1.39 -7.36
N ILE A 2 -2.47 -1.99 -7.04
CA ILE A 2 -2.19 -2.34 -5.61
C ILE A 2 -0.87 -3.11 -5.54
N VAL A 3 -0.79 -4.25 -6.19
CA VAL A 3 0.47 -5.04 -6.15
C VAL A 3 1.39 -4.62 -7.30
N GLU A 4 0.88 -4.59 -8.50
CA GLU A 4 1.74 -4.19 -9.65
C GLU A 4 2.09 -2.70 -9.52
N GLN A 5 1.39 -1.99 -8.69
CA GLN A 5 1.68 -0.53 -8.52
C GLN A 5 2.70 -0.35 -7.40
N CYS A 6 2.75 -1.26 -6.47
CA CYS A 6 3.72 -1.14 -5.35
C CYS A 6 4.67 -2.34 -5.37
N CYS A 7 4.14 -3.53 -5.29
CA CYS A 7 5.03 -4.73 -5.29
C CYS A 7 5.84 -4.78 -6.58
N HIS A 8 5.35 -4.20 -7.65
CA HIS A 8 6.12 -4.23 -8.93
C HIS A 8 6.73 -2.86 -9.21
N SER A 9 7.16 -2.16 -8.19
CA SER A 9 7.78 -0.82 -8.41
C SER A 9 7.83 -0.05 -7.09
N ILE A 10 8.46 1.09 -7.09
CA ILE A 10 8.55 1.88 -5.83
C ILE A 10 7.39 2.88 -5.77
N CYS A 11 6.60 2.82 -4.73
CA CYS A 11 5.46 3.77 -4.62
C CYS A 11 5.59 4.57 -3.33
N SER A 12 4.55 5.27 -2.94
CA SER A 12 4.63 6.07 -1.69
C SER A 12 3.36 5.86 -0.87
N LEU A 13 2.35 6.65 -1.09
CA LEU A 13 1.09 6.49 -0.32
C LEU A 13 -0.10 6.96 -1.16
N TYR A 14 0.08 8.03 -1.89
CA TYR A 14 -1.04 8.55 -2.72
C TYR A 14 -1.67 7.40 -3.51
N GLN A 15 -0.88 6.39 -3.83
CA GLN A 15 -1.44 5.24 -4.59
C GLN A 15 -2.30 4.38 -3.66
N LEU A 16 -1.86 4.16 -2.46
CA LEU A 16 -2.65 3.33 -1.50
C LEU A 16 -3.85 4.14 -0.99
N GLU A 17 -3.90 5.40 -1.31
CA GLU A 17 -5.04 6.24 -0.84
C GLU A 17 -6.34 5.80 -1.54
N ASN A 18 -6.22 5.15 -2.66
CA ASN A 18 -7.43 4.69 -3.39
C ASN A 18 -7.89 3.35 -2.81
N TYR A 19 -7.08 2.73 -2.01
CA TYR A 19 -7.46 1.41 -1.42
C TYR A 19 -7.93 1.62 0.03
N CYS A 20 -8.86 2.51 0.24
CA CYS A 20 -9.36 2.77 1.62
C CYS A 20 -10.82 2.33 1.73
N ASN A 21 -11.07 1.22 2.37
CA ASN A 21 -12.48 0.74 2.52
C ASN A 21 -13.28 1.77 3.32
N GLU B 1 17.44 1.52 -7.48
CA GLU B 1 18.44 2.63 -7.40
C GLU B 1 17.75 3.89 -6.88
N VAL B 2 16.86 3.75 -5.93
CA VAL B 2 16.16 4.94 -5.38
C VAL B 2 15.65 4.63 -3.97
N ASN B 3 14.79 3.67 -3.84
CA ASN B 3 14.25 3.32 -2.49
C ASN B 3 13.97 1.82 -2.44
N GLN B 4 12.77 1.41 -2.74
CA GLN B 4 12.43 -0.03 -2.71
C GLN B 4 10.96 -0.24 -3.10
N HIS B 5 10.67 -1.31 -3.79
CA HIS B 5 9.25 -1.56 -4.19
C HIS B 5 8.45 -2.02 -2.98
N LEU B 6 7.68 -1.14 -2.39
CA LEU B 6 6.88 -1.55 -1.20
C LEU B 6 6.18 -2.88 -1.47
N CYS B 7 6.79 -3.96 -1.10
CA CYS B 7 6.18 -5.30 -1.34
C CYS B 7 6.31 -6.16 -0.09
N GLY B 8 5.47 -7.15 0.06
CA GLY B 8 5.54 -8.02 1.26
C GLY B 8 4.61 -7.48 2.34
N SER B 9 5.13 -6.66 3.22
CA SER B 9 4.27 -6.09 4.30
C SER B 9 4.37 -4.56 4.30
N GLU B 10 5.52 -4.04 3.95
CA GLU B 10 5.69 -2.56 3.92
C GLU B 10 4.46 -1.91 3.30
N LEU B 11 3.80 -2.59 2.40
CA LEU B 11 2.59 -1.99 1.75
C LEU B 11 1.45 -1.92 2.77
N VAL B 12 1.19 -2.98 3.47
CA VAL B 12 0.08 -2.97 4.47
C VAL B 12 0.36 -1.89 5.51
N GLU B 13 1.59 -1.72 5.91
CA GLU B 13 1.93 -0.67 6.91
C GLU B 13 1.63 0.70 6.30
N ALA B 14 1.70 0.81 5.00
CA ALA B 14 1.42 2.11 4.34
C ALA B 14 -0.03 2.12 3.86
N LEU B 15 -0.71 1.02 3.95
CA LEU B 15 -2.12 0.95 3.50
C LEU B 15 -3.04 1.35 4.65
N GLU B 16 -2.58 1.20 5.87
CA GLU B 16 -3.42 1.56 7.04
C GLU B 16 -3.16 3.02 7.42
N LEU B 17 -2.24 3.67 6.74
CA LEU B 17 -1.95 5.10 7.05
C LEU B 17 -2.74 6.01 6.12
N VAL B 18 -3.03 5.54 4.93
CA VAL B 18 -3.81 6.39 3.98
C VAL B 18 -5.30 6.29 4.31
N CYS B 19 -5.79 5.09 4.49
CA CYS B 19 -7.24 4.92 4.81
C CYS B 19 -7.52 5.47 6.21
N GLY B 20 -6.97 4.84 7.22
CA GLY B 20 -7.23 5.32 8.61
C GLY B 20 -7.70 4.16 9.49
N GLU B 21 -8.67 4.40 10.33
CA GLU B 21 -9.18 3.32 11.21
C GLU B 21 -10.39 2.67 10.56
N ARG B 22 -10.43 2.64 9.26
CA ARG B 22 -11.60 2.01 8.56
C ARG B 22 -11.19 0.65 8.00
N GLY B 23 -10.00 0.56 7.46
CA GLY B 23 -9.54 -0.75 6.89
C GLY B 23 -9.41 -0.62 5.38
N PHE B 24 -8.72 -1.54 4.75
CA PHE B 24 -8.57 -1.47 3.27
C PHE B 24 -8.61 -2.88 2.68
N PHE B 25 -8.70 -3.00 1.39
CA PHE B 25 -8.74 -4.34 0.75
C PHE B 25 -7.34 -4.74 0.31
N TYR B 26 -6.73 -5.67 0.99
CA TYR B 26 -5.36 -6.11 0.60
C TYR B 26 -4.91 -7.23 1.54
N GLU B 27 -5.03 -7.03 2.82
CA GLU B 27 -4.60 -8.08 3.79
C GLU B 27 -5.72 -8.32 4.80
N PRO B 28 -6.03 -9.57 5.04
CA PRO B 28 -7.08 -9.98 5.99
C PRO B 28 -6.69 -9.55 7.41
N LYS B 29 -5.43 -9.54 7.72
CA LYS B 29 -4.98 -9.13 9.07
C LYS B 29 -4.53 -7.67 9.04
N GLY A 1 -5.03 -2.70 -8.19
CA GLY A 1 -3.58 -2.69 -8.53
C GLY A 1 -2.78 -2.17 -7.34
N ILE A 2 -2.76 -2.91 -6.26
CA ILE A 2 -2.00 -2.45 -5.06
C ILE A 2 -0.66 -3.20 -5.00
N VAL A 3 -0.61 -4.39 -5.54
CA VAL A 3 0.67 -5.17 -5.52
C VAL A 3 1.46 -4.87 -6.79
N GLU A 4 0.84 -4.95 -7.93
CA GLU A 4 1.58 -4.68 -9.19
C GLU A 4 1.99 -3.21 -9.24
N GLN A 5 1.50 -2.42 -8.33
CA GLN A 5 1.87 -0.97 -8.34
C GLN A 5 3.03 -0.73 -7.37
N CYS A 6 3.05 -1.40 -6.25
CA CYS A 6 4.17 -1.20 -5.28
C CYS A 6 5.04 -2.45 -5.24
N CYS A 7 4.45 -3.60 -5.17
CA CYS A 7 5.26 -4.84 -5.15
C CYS A 7 6.12 -4.89 -6.41
N HIS A 8 5.57 -4.52 -7.54
CA HIS A 8 6.38 -4.55 -8.80
C HIS A 8 7.24 -3.28 -8.86
N SER A 9 6.61 -2.14 -8.86
CA SER A 9 7.38 -0.87 -8.92
C SER A 9 7.23 -0.11 -7.59
N ILE A 10 7.85 1.02 -7.46
CA ILE A 10 7.72 1.79 -6.18
C ILE A 10 6.67 2.89 -6.33
N CYS A 11 5.73 2.96 -5.42
CA CYS A 11 4.68 4.02 -5.51
C CYS A 11 4.98 5.10 -4.47
N SER A 12 3.96 5.74 -3.96
CA SER A 12 4.19 6.80 -2.94
C SER A 12 3.22 6.58 -1.77
N LEU A 13 2.01 7.08 -1.88
CA LEU A 13 1.02 6.89 -0.80
C LEU A 13 -0.38 7.23 -1.33
N TYR A 14 -0.48 8.24 -2.15
CA TYR A 14 -1.81 8.62 -2.71
C TYR A 14 -2.38 7.46 -3.51
N GLN A 15 -1.55 6.51 -3.87
CA GLN A 15 -2.06 5.34 -4.66
C GLN A 15 -2.65 4.31 -3.71
N LEU A 16 -2.03 4.09 -2.58
CA LEU A 16 -2.56 3.09 -1.62
C LEU A 16 -3.70 3.72 -0.82
N GLU A 17 -4.08 4.92 -1.15
CA GLU A 17 -5.20 5.58 -0.41
C GLU A 17 -6.54 5.13 -0.99
N ASN A 18 -6.56 4.72 -2.22
CA ASN A 18 -7.83 4.27 -2.84
C ASN A 18 -8.07 2.80 -2.47
N TYR A 19 -7.13 2.16 -1.84
CA TYR A 19 -7.31 0.73 -1.46
C TYR A 19 -7.92 0.67 -0.05
N CYS A 20 -8.62 1.70 0.36
CA CYS A 20 -9.23 1.68 1.72
C CYS A 20 -10.72 1.39 1.59
N ASN A 21 -11.35 0.94 2.65
CA ASN A 21 -12.80 0.63 2.59
C ASN A 21 -13.58 1.93 2.35
N GLU B 1 18.82 3.92 -4.35
CA GLU B 1 18.29 5.30 -4.55
C GLU B 1 16.78 5.29 -4.40
N VAL B 2 16.18 6.45 -4.24
CA VAL B 2 14.69 6.51 -4.08
C VAL B 2 14.22 5.38 -3.18
N ASN B 3 12.97 5.01 -3.27
CA ASN B 3 12.45 3.90 -2.42
C ASN B 3 12.37 2.62 -3.25
N GLN B 4 12.48 1.48 -2.62
CA GLN B 4 12.41 0.20 -3.38
C GLN B 4 10.95 -0.29 -3.43
N HIS B 5 10.71 -1.37 -4.11
CA HIS B 5 9.32 -1.89 -4.21
C HIS B 5 8.82 -2.25 -2.81
N LEU B 6 7.63 -1.81 -2.47
CA LEU B 6 7.09 -2.13 -1.12
C LEU B 6 6.37 -3.47 -1.15
N CYS B 7 7.10 -4.55 -1.07
CA CYS B 7 6.46 -5.90 -1.08
C CYS B 7 6.96 -6.70 0.11
N GLY B 8 6.14 -6.88 1.12
CA GLY B 8 6.56 -7.65 2.31
C GLY B 8 6.14 -6.91 3.57
N SER B 9 4.87 -6.62 3.70
CA SER B 9 4.37 -5.90 4.91
C SER B 9 4.56 -4.39 4.71
N GLU B 10 5.71 -3.97 4.28
CA GLU B 10 5.95 -2.52 4.07
C GLU B 10 4.75 -1.90 3.35
N LEU B 11 4.01 -2.69 2.61
CA LEU B 11 2.84 -2.15 1.88
C LEU B 11 1.67 -1.94 2.86
N VAL B 12 1.40 -2.90 3.71
CA VAL B 12 0.28 -2.76 4.68
C VAL B 12 0.59 -1.63 5.67
N GLU B 13 1.78 -1.61 6.21
CA GLU B 13 2.13 -0.53 7.18
C GLU B 13 1.92 0.83 6.51
N ALA B 14 2.13 0.92 5.23
CA ALA B 14 1.94 2.21 4.53
C ALA B 14 0.48 2.32 4.07
N LEU B 15 -0.21 1.21 4.02
CA LEU B 15 -1.64 1.23 3.59
C LEU B 15 -2.51 1.72 4.76
N GLU B 16 -2.03 1.56 5.96
CA GLU B 16 -2.83 2.01 7.13
C GLU B 16 -2.53 3.49 7.42
N LEU B 17 -1.60 4.06 6.71
CA LEU B 17 -1.25 5.50 6.94
C LEU B 17 -1.95 6.35 5.89
N VAL B 18 -2.38 5.77 4.80
CA VAL B 18 -3.07 6.55 3.75
C VAL B 18 -4.52 6.78 4.15
N CYS B 19 -5.24 5.73 4.42
CA CYS B 19 -6.66 5.88 4.82
C CYS B 19 -6.74 6.55 6.20
N GLY B 20 -6.31 5.88 7.22
CA GLY B 20 -6.36 6.49 8.59
C GLY B 20 -7.05 5.52 9.56
N GLU B 21 -7.92 6.02 10.38
CA GLU B 21 -8.63 5.14 11.35
C GLU B 21 -9.91 4.60 10.70
N ARG B 22 -9.89 4.38 9.41
CA ARG B 22 -11.10 3.85 8.72
C ARG B 22 -10.90 2.35 8.43
N GLY B 23 -9.69 1.97 8.09
CA GLY B 23 -9.43 0.54 7.78
C GLY B 23 -9.46 0.32 6.27
N PHE B 24 -8.50 -0.42 5.75
CA PHE B 24 -8.48 -0.66 4.28
C PHE B 24 -8.55 -2.16 4.02
N PHE B 25 -8.87 -2.55 2.82
CA PHE B 25 -8.97 -4.00 2.49
C PHE B 25 -7.73 -4.44 1.71
N TYR B 26 -6.77 -5.02 2.38
CA TYR B 26 -5.53 -5.45 1.68
C TYR B 26 -5.14 -6.85 2.17
N GLU B 27 -6.10 -7.67 2.48
CA GLU B 27 -5.78 -9.05 2.97
C GLU B 27 -7.03 -9.93 2.87
N PRO B 28 -7.15 -10.58 1.75
CA PRO B 28 -8.30 -11.49 1.47
C PRO B 28 -8.35 -12.61 2.50
N LYS B 29 -7.24 -12.93 3.10
CA LYS B 29 -7.24 -14.02 4.12
C LYS B 29 -7.49 -13.41 5.50
N GLY A 1 -3.49 -3.10 -8.72
CA GLY A 1 -2.35 -2.18 -8.96
C GLY A 1 -1.50 -2.06 -7.69
N ILE A 2 -1.97 -2.61 -6.60
CA ILE A 2 -1.19 -2.53 -5.34
C ILE A 2 0.13 -3.29 -5.50
N VAL A 3 0.08 -4.53 -5.91
CA VAL A 3 1.32 -5.32 -6.08
C VAL A 3 1.88 -5.14 -7.50
N GLU A 4 1.05 -4.73 -8.43
CA GLU A 4 1.54 -4.55 -9.82
C GLU A 4 2.29 -3.22 -9.94
N GLN A 5 2.02 -2.30 -9.06
CA GLN A 5 2.71 -0.98 -9.13
C GLN A 5 3.73 -0.87 -7.99
N CYS A 6 3.49 -1.53 -6.90
CA CYS A 6 4.44 -1.46 -5.76
C CYS A 6 5.40 -2.65 -5.82
N CYS A 7 4.98 -3.74 -6.39
CA CYS A 7 5.88 -4.92 -6.49
C CYS A 7 6.67 -4.84 -7.79
N HIS A 8 6.02 -4.43 -8.86
CA HIS A 8 6.74 -4.33 -10.16
C HIS A 8 7.31 -2.91 -10.30
N SER A 9 7.24 -2.12 -9.27
CA SER A 9 7.78 -0.74 -9.34
C SER A 9 7.71 -0.10 -7.95
N ILE A 10 7.95 1.18 -7.86
CA ILE A 10 7.90 1.86 -6.54
C ILE A 10 6.73 2.84 -6.51
N CYS A 11 5.72 2.56 -5.72
CA CYS A 11 4.56 3.49 -5.65
C CYS A 11 4.91 4.68 -4.77
N SER A 12 4.00 5.59 -4.55
CA SER A 12 4.30 6.76 -3.70
C SER A 12 3.44 6.69 -2.44
N LEU A 13 2.16 6.93 -2.55
CA LEU A 13 1.28 6.87 -1.34
C LEU A 13 -0.16 7.19 -1.74
N TYR A 14 -0.35 8.18 -2.56
CA TYR A 14 -1.74 8.55 -2.98
C TYR A 14 -2.38 7.38 -3.72
N GLN A 15 -1.58 6.43 -4.16
CA GLN A 15 -2.14 5.25 -4.88
C GLN A 15 -2.79 4.30 -3.87
N LEU A 16 -2.24 4.21 -2.69
CA LEU A 16 -2.83 3.30 -1.67
C LEU A 16 -3.95 4.03 -0.91
N GLU A 17 -4.09 5.30 -1.13
CA GLU A 17 -5.17 6.06 -0.43
C GLU A 17 -6.52 5.70 -1.03
N ASN A 18 -6.53 5.12 -2.20
CA ASN A 18 -7.83 4.75 -2.84
C ASN A 18 -8.24 3.36 -2.36
N TYR A 19 -7.37 2.66 -1.69
CA TYR A 19 -7.72 1.30 -1.20
C TYR A 19 -8.20 1.38 0.24
N CYS A 20 -8.37 2.57 0.76
CA CYS A 20 -8.86 2.70 2.17
C CYS A 20 -10.39 2.65 2.19
N ASN A 21 -10.96 2.05 3.19
CA ASN A 21 -12.45 1.96 3.25
C ASN A 21 -13.04 3.36 3.36
N GLU B 1 10.27 0.41 0.39
CA GLU B 1 10.56 1.27 1.57
C GLU B 1 11.33 2.52 1.13
N VAL B 2 10.65 3.63 1.02
CA VAL B 2 11.34 4.88 0.59
C VAL B 2 11.50 4.89 -0.93
N ASN B 3 12.40 4.11 -1.45
CA ASN B 3 12.60 4.07 -2.92
C ASN B 3 12.73 2.62 -3.39
N GLN B 4 11.92 1.75 -2.84
CA GLN B 4 12.00 0.32 -3.24
C GLN B 4 10.60 -0.19 -3.58
N HIS B 5 10.50 -1.18 -4.42
CA HIS B 5 9.17 -1.73 -4.78
C HIS B 5 8.48 -2.25 -3.52
N LEU B 6 7.57 -1.50 -2.96
CA LEU B 6 6.87 -1.96 -1.73
C LEU B 6 6.16 -3.29 -2.02
N CYS B 7 6.68 -4.37 -1.50
CA CYS B 7 6.03 -5.68 -1.75
C CYS B 7 6.21 -6.58 -0.51
N GLY B 8 5.18 -6.69 0.30
CA GLY B 8 5.29 -7.53 1.51
C GLY B 8 4.57 -6.83 2.67
N SER B 9 5.30 -6.41 3.67
CA SER B 9 4.65 -5.72 4.82
C SER B 9 4.92 -4.21 4.72
N GLU B 10 5.79 -3.81 3.83
CA GLU B 10 6.08 -2.36 3.68
C GLU B 10 4.91 -1.69 2.94
N LEU B 11 4.33 -2.39 2.01
CA LEU B 11 3.19 -1.81 1.26
C LEU B 11 2.00 -1.65 2.21
N VAL B 12 1.71 -2.64 2.99
CA VAL B 12 0.58 -2.56 3.95
C VAL B 12 0.89 -1.48 4.99
N GLU B 13 2.11 -1.42 5.45
CA GLU B 13 2.49 -0.40 6.47
C GLU B 13 2.19 0.99 5.91
N ALA B 14 2.29 1.14 4.61
CA ALA B 14 2.00 2.47 3.99
C ALA B 14 0.51 2.55 3.68
N LEU B 15 -0.14 1.43 3.55
CA LEU B 15 -1.59 1.42 3.25
C LEU B 15 -2.38 1.97 4.44
N GLU B 16 -2.19 1.40 5.61
CA GLU B 16 -2.92 1.89 6.81
C GLU B 16 -2.49 3.33 7.14
N LEU B 17 -1.49 3.84 6.47
CA LEU B 17 -1.04 5.23 6.77
C LEU B 17 -1.82 6.22 5.91
N VAL B 18 -2.35 5.78 4.81
CA VAL B 18 -3.13 6.70 3.93
C VAL B 18 -4.62 6.49 4.16
N CYS B 19 -4.99 5.46 4.88
CA CYS B 19 -6.44 5.22 5.14
C CYS B 19 -6.91 6.14 6.26
N GLY B 20 -6.62 5.80 7.49
CA GLY B 20 -7.05 6.66 8.63
C GLY B 20 -7.56 5.79 9.78
N GLU B 21 -6.79 4.83 10.19
CA GLU B 21 -7.24 3.94 11.32
C GLU B 21 -8.57 3.27 10.94
N ARG B 22 -8.93 3.30 9.69
CA ARG B 22 -10.20 2.66 9.27
C ARG B 22 -9.90 1.27 8.72
N GLY B 23 -8.75 1.10 8.11
CA GLY B 23 -8.38 -0.23 7.55
C GLY B 23 -8.66 -0.26 6.05
N PHE B 24 -8.28 -1.32 5.40
CA PHE B 24 -8.51 -1.42 3.93
C PHE B 24 -8.75 -2.89 3.55
N PHE B 25 -8.74 -3.20 2.29
CA PHE B 25 -8.96 -4.61 1.87
C PHE B 25 -7.76 -5.09 1.05
N TYR B 26 -6.65 -5.30 1.70
CA TYR B 26 -5.43 -5.77 0.96
C TYR B 26 -5.09 -7.20 1.38
N GLU B 27 -5.46 -7.58 2.57
CA GLU B 27 -5.15 -8.96 3.04
C GLU B 27 -5.68 -9.15 4.46
N PRO B 28 -6.98 -9.14 4.58
CA PRO B 28 -7.69 -9.31 5.87
C PRO B 28 -7.51 -10.75 6.38
N LYS B 29 -6.37 -11.05 6.94
CA LYS B 29 -6.15 -12.44 7.44
C LYS B 29 -5.82 -12.38 8.93
N GLY A 1 -3.58 -1.06 -8.98
CA GLY A 1 -2.63 -2.21 -8.87
C GLY A 1 -1.80 -2.06 -7.60
N ILE A 2 -2.34 -2.41 -6.47
CA ILE A 2 -1.57 -2.29 -5.20
C ILE A 2 -0.28 -3.09 -5.31
N VAL A 3 -0.31 -4.21 -5.96
CA VAL A 3 0.92 -5.04 -6.10
C VAL A 3 1.67 -4.65 -7.37
N GLU A 4 0.97 -4.27 -8.40
CA GLU A 4 1.65 -3.88 -9.67
C GLU A 4 2.27 -2.49 -9.53
N GLN A 5 1.97 -1.80 -8.46
CA GLN A 5 2.52 -0.44 -8.28
C GLN A 5 3.47 -0.42 -7.06
N CYS A 6 3.23 -1.25 -6.10
CA CYS A 6 4.11 -1.27 -4.90
C CYS A 6 4.93 -2.57 -4.87
N CYS A 7 4.74 -3.42 -5.85
CA CYS A 7 5.52 -4.70 -5.87
C CYS A 7 6.35 -4.76 -7.15
N HIS A 8 5.73 -4.60 -8.29
CA HIS A 8 6.50 -4.65 -9.57
C HIS A 8 7.30 -3.36 -9.72
N SER A 9 7.02 -2.38 -8.91
CA SER A 9 7.76 -1.09 -9.00
C SER A 9 7.60 -0.32 -7.69
N ILE A 10 8.28 0.77 -7.54
CA ILE A 10 8.16 1.56 -6.27
C ILE A 10 6.99 2.52 -6.38
N CYS A 11 6.21 2.64 -5.34
CA CYS A 11 5.04 3.57 -5.38
C CYS A 11 5.29 4.73 -4.41
N SER A 12 4.54 4.82 -3.34
CA SER A 12 4.75 5.94 -2.38
C SER A 12 3.65 5.91 -1.31
N LEU A 13 2.60 6.66 -1.51
CA LEU A 13 1.50 6.68 -0.51
C LEU A 13 0.21 7.15 -1.18
N TYR A 14 0.30 8.17 -1.99
CA TYR A 14 -0.92 8.68 -2.67
C TYR A 14 -1.57 7.53 -3.44
N GLN A 15 -0.82 6.52 -3.76
CA GLN A 15 -1.40 5.36 -4.49
C GLN A 15 -2.10 4.43 -3.50
N LEU A 16 -1.54 4.26 -2.34
CA LEU A 16 -2.17 3.37 -1.32
C LEU A 16 -3.42 4.06 -0.76
N GLU A 17 -3.64 5.30 -1.09
CA GLU A 17 -4.83 6.01 -0.58
C GLU A 17 -6.07 5.58 -1.37
N ASN A 18 -5.86 5.03 -2.54
CA ASN A 18 -7.03 4.57 -3.35
C ASN A 18 -7.48 3.19 -2.87
N TYR A 19 -6.67 2.54 -2.06
CA TYR A 19 -7.05 1.21 -1.54
C TYR A 19 -7.69 1.36 -0.17
N CYS A 20 -8.05 2.57 0.20
CA CYS A 20 -8.68 2.79 1.53
C CYS A 20 -10.20 2.89 1.37
N ASN A 21 -10.94 2.21 2.20
CA ASN A 21 -12.42 2.26 2.10
C ASN A 21 -12.91 3.63 2.59
N GLU B 1 17.42 7.09 -6.14
CA GLU B 1 16.44 8.21 -6.24
C GLU B 1 15.02 7.64 -6.31
N VAL B 2 14.67 6.78 -5.39
CA VAL B 2 13.31 6.18 -5.41
C VAL B 2 13.17 5.18 -4.27
N ASN B 3 11.99 5.08 -3.71
CA ASN B 3 11.79 4.12 -2.58
C ASN B 3 12.03 2.69 -3.08
N GLN B 4 11.42 1.72 -2.46
CA GLN B 4 11.61 0.31 -2.91
C GLN B 4 10.26 -0.38 -3.09
N HIS B 5 10.23 -1.49 -3.76
CA HIS B 5 8.94 -2.22 -3.97
C HIS B 5 8.40 -2.69 -2.62
N LEU B 6 7.43 -2.00 -2.07
CA LEU B 6 6.86 -2.44 -0.76
C LEU B 6 5.95 -3.64 -1.01
N CYS B 7 6.42 -4.82 -0.70
CA CYS B 7 5.57 -6.04 -0.92
C CYS B 7 5.67 -6.95 0.31
N GLY B 8 4.55 -7.33 0.87
CA GLY B 8 4.59 -8.22 2.06
C GLY B 8 3.95 -7.49 3.25
N SER B 9 4.74 -7.10 4.21
CA SER B 9 4.18 -6.37 5.39
C SER B 9 4.50 -4.89 5.26
N GLU B 10 5.69 -4.55 4.85
CA GLU B 10 6.05 -3.11 4.71
C GLU B 10 4.98 -2.37 3.88
N LEU B 11 4.15 -3.08 3.16
CA LEU B 11 3.12 -2.40 2.34
C LEU B 11 1.85 -2.21 3.18
N VAL B 12 1.43 -3.24 3.86
CA VAL B 12 0.20 -3.12 4.70
C VAL B 12 0.41 -2.02 5.75
N GLU B 13 1.60 -1.89 6.26
CA GLU B 13 1.86 -0.82 7.26
C GLU B 13 1.70 0.54 6.59
N ALA B 14 1.97 0.60 5.32
CA ALA B 14 1.83 1.89 4.60
C ALA B 14 0.42 1.98 4.02
N LEU B 15 -0.31 0.89 4.05
CA LEU B 15 -1.69 0.90 3.51
C LEU B 15 -2.64 1.37 4.62
N GLU B 16 -2.28 1.13 5.85
CA GLU B 16 -3.14 1.56 6.99
C GLU B 16 -2.75 2.98 7.40
N LEU B 17 -1.53 3.37 7.12
CA LEU B 17 -1.10 4.75 7.49
C LEU B 17 -1.92 5.77 6.70
N VAL B 18 -2.31 5.42 5.50
CA VAL B 18 -3.11 6.36 4.68
C VAL B 18 -4.59 6.19 5.01
N CYS B 19 -5.05 4.97 5.11
CA CYS B 19 -6.47 4.74 5.45
C CYS B 19 -6.68 5.05 6.94
N GLY B 20 -6.18 4.20 7.80
CA GLY B 20 -6.31 4.46 9.26
C GLY B 20 -7.77 4.64 9.68
N GLU B 21 -8.10 4.20 10.87
CA GLU B 21 -9.50 4.34 11.38
C GLU B 21 -10.51 3.79 10.39
N ARG B 22 -10.08 3.00 9.43
CA ARG B 22 -11.05 2.44 8.45
C ARG B 22 -10.56 1.09 7.94
N GLY B 23 -9.33 1.04 7.50
CA GLY B 23 -8.79 -0.25 6.98
C GLY B 23 -8.92 -0.28 5.46
N PHE B 24 -8.27 -1.20 4.82
CA PHE B 24 -8.35 -1.28 3.33
C PHE B 24 -8.60 -2.73 2.91
N PHE B 25 -8.72 -2.98 1.63
CA PHE B 25 -8.95 -4.36 1.15
C PHE B 25 -7.67 -4.91 0.51
N TYR B 26 -6.64 -5.09 1.30
CA TYR B 26 -5.37 -5.63 0.74
C TYR B 26 -5.12 -7.03 1.31
N GLU B 27 -5.16 -7.18 2.60
CA GLU B 27 -4.92 -8.52 3.20
C GLU B 27 -5.73 -8.65 4.49
N PRO B 28 -7.03 -8.53 4.35
CA PRO B 28 -7.99 -8.62 5.48
C PRO B 28 -8.00 -10.04 6.05
N LYS B 29 -7.10 -10.35 6.93
CA LYS B 29 -7.07 -11.72 7.51
C LYS B 29 -7.72 -11.71 8.90
N GLY A 1 -5.95 -3.66 -7.60
CA GLY A 1 -5.01 -2.51 -7.61
C GLY A 1 -4.34 -2.38 -6.23
N ILE A 2 -3.42 -3.25 -5.93
CA ILE A 2 -2.74 -3.19 -4.60
C ILE A 2 -1.30 -3.71 -4.76
N VAL A 3 -1.14 -4.89 -5.28
CA VAL A 3 0.23 -5.45 -5.46
C VAL A 3 0.78 -5.03 -6.82
N GLU A 4 -0.08 -4.80 -7.77
CA GLU A 4 0.41 -4.39 -9.12
C GLU A 4 0.74 -2.90 -9.11
N GLN A 5 0.39 -2.21 -8.07
CA GLN A 5 0.69 -0.75 -8.01
C GLN A 5 1.88 -0.47 -7.10
N CYS A 6 2.23 -1.39 -6.25
CA CYS A 6 3.39 -1.15 -5.33
C CYS A 6 4.45 -2.23 -5.52
N CYS A 7 4.05 -3.45 -5.75
CA CYS A 7 5.07 -4.53 -5.93
C CYS A 7 5.56 -4.55 -7.38
N HIS A 8 4.68 -4.31 -8.33
CA HIS A 8 5.13 -4.32 -9.75
C HIS A 8 6.25 -3.30 -9.95
N SER A 9 6.42 -2.40 -9.02
CA SER A 9 7.51 -1.38 -9.17
C SER A 9 7.57 -0.51 -7.91
N ILE A 10 8.09 0.67 -8.03
CA ILE A 10 8.18 1.56 -6.83
C ILE A 10 6.94 2.45 -6.76
N CYS A 11 6.32 2.52 -5.63
CA CYS A 11 5.11 3.37 -5.49
C CYS A 11 5.30 4.35 -4.32
N SER A 12 4.23 4.94 -3.85
CA SER A 12 4.36 5.89 -2.70
C SER A 12 3.06 5.88 -1.89
N LEU A 13 2.09 6.65 -2.29
CA LEU A 13 0.81 6.69 -1.53
C LEU A 13 -0.35 6.99 -2.49
N TYR A 14 -0.13 7.84 -3.46
CA TYR A 14 -1.22 8.17 -4.42
C TYR A 14 -1.94 6.89 -4.83
N GLN A 15 -1.24 5.79 -4.87
CA GLN A 15 -1.88 4.50 -5.26
C GLN A 15 -2.53 3.88 -4.02
N LEU A 16 -1.88 3.97 -2.90
CA LEU A 16 -2.46 3.37 -1.66
C LEU A 16 -3.50 4.33 -1.06
N GLU A 17 -3.79 5.41 -1.74
CA GLU A 17 -4.79 6.38 -1.21
C GLU A 17 -6.18 6.01 -1.73
N ASN A 18 -6.25 5.27 -2.81
CA ASN A 18 -7.58 4.88 -3.37
C ASN A 18 -8.07 3.61 -2.67
N TYR A 19 -7.25 3.02 -1.85
CA TYR A 19 -7.67 1.77 -1.15
C TYR A 19 -8.17 2.13 0.26
N CYS A 20 -8.24 3.40 0.58
CA CYS A 20 -8.71 3.80 1.94
C CYS A 20 -10.24 3.86 1.94
N ASN A 21 -10.89 2.80 2.31
CA ASN A 21 -12.38 2.80 2.34
C ASN A 21 -12.87 3.78 3.41
N GLU B 1 9.71 7.96 4.54
CA GLU B 1 9.13 7.34 3.32
C GLU B 1 10.13 6.35 2.71
N VAL B 2 9.70 5.55 1.78
CA VAL B 2 10.62 4.56 1.17
C VAL B 2 10.46 4.59 -0.36
N ASN B 3 11.39 4.03 -1.07
CA ASN B 3 11.30 4.03 -2.56
C ASN B 3 11.79 2.69 -3.10
N GLN B 4 10.98 1.68 -3.03
CA GLN B 4 11.42 0.34 -3.54
C GLN B 4 10.20 -0.59 -3.62
N HIS B 5 10.38 -1.75 -4.18
CA HIS B 5 9.25 -2.72 -4.29
C HIS B 5 8.78 -3.14 -2.90
N LEU B 6 7.64 -2.69 -2.48
CA LEU B 6 7.13 -3.07 -1.13
C LEU B 6 6.34 -4.39 -1.24
N CYS B 7 7.02 -5.50 -1.11
CA CYS B 7 6.32 -6.80 -1.21
C CYS B 7 6.69 -7.68 -0.02
N GLY B 8 5.72 -8.07 0.77
CA GLY B 8 6.02 -8.92 1.96
C GLY B 8 5.58 -8.20 3.23
N SER B 9 4.37 -7.72 3.24
CA SER B 9 3.84 -7.00 4.45
C SER B 9 4.31 -5.53 4.42
N GLU B 10 5.56 -5.29 4.12
CA GLU B 10 6.05 -3.89 4.06
C GLU B 10 5.04 -3.04 3.29
N LEU B 11 4.30 -3.65 2.40
CA LEU B 11 3.29 -2.89 1.62
C LEU B 11 2.16 -2.46 2.55
N VAL B 12 1.62 -3.37 3.31
CA VAL B 12 0.51 -3.02 4.24
C VAL B 12 0.99 -1.93 5.20
N GLU B 13 2.27 -1.87 5.47
CA GLU B 13 2.79 -0.84 6.40
C GLU B 13 2.50 0.55 5.83
N ALA B 14 2.55 0.69 4.53
CA ALA B 14 2.26 2.02 3.92
C ALA B 14 0.76 2.14 3.63
N LEU B 15 0.08 1.03 3.51
CA LEU B 15 -1.38 1.08 3.23
C LEU B 15 -2.09 1.75 4.41
N GLU B 16 -1.56 1.62 5.59
CA GLU B 16 -2.20 2.24 6.77
C GLU B 16 -1.69 3.68 6.92
N LEU B 17 -0.68 4.04 6.18
CA LEU B 17 -0.13 5.42 6.28
C LEU B 17 -0.98 6.35 5.42
N VAL B 18 -1.78 5.80 4.54
CA VAL B 18 -2.64 6.64 3.67
C VAL B 18 -4.05 6.71 4.28
N CYS B 19 -4.58 5.59 4.69
CA CYS B 19 -5.94 5.60 5.31
C CYS B 19 -5.79 5.79 6.82
N GLY B 20 -5.15 4.86 7.48
CA GLY B 20 -4.94 4.97 8.95
C GLY B 20 -6.17 5.60 9.61
N GLU B 21 -7.33 5.06 9.39
CA GLU B 21 -8.55 5.64 10.01
C GLU B 21 -9.79 4.91 9.49
N ARG B 22 -10.01 4.92 8.21
CA ARG B 22 -11.20 4.22 7.65
C ARG B 22 -10.82 2.79 7.26
N GLY B 23 -9.56 2.45 7.34
CA GLY B 23 -9.14 1.08 6.96
C GLY B 23 -9.07 0.96 5.45
N PHE B 24 -8.29 0.04 4.95
CA PHE B 24 -8.18 -0.12 3.47
C PHE B 24 -8.52 -1.57 3.09
N PHE B 25 -8.27 -1.95 1.86
CA PHE B 25 -8.58 -3.34 1.44
C PHE B 25 -7.28 -4.10 1.18
N TYR B 26 -7.24 -5.35 1.54
CA TYR B 26 -6.00 -6.15 1.32
C TYR B 26 -6.23 -7.58 1.82
N GLU B 27 -5.21 -8.20 2.36
CA GLU B 27 -5.38 -9.59 2.88
C GLU B 27 -4.16 -9.96 3.74
N PRO B 28 -4.37 -10.92 4.60
CA PRO B 28 -3.32 -11.41 5.52
C PRO B 28 -2.16 -12.02 4.72
N LYS B 29 -2.39 -13.13 4.07
CA LYS B 29 -1.31 -13.76 3.28
C LYS B 29 -1.48 -13.38 1.80
N GLY A 1 -5.22 -3.07 -7.68
CA GLY A 1 -3.98 -3.89 -7.62
C GLY A 1 -2.92 -3.15 -6.80
N ILE A 2 -2.70 -3.57 -5.59
CA ILE A 2 -1.68 -2.90 -4.73
C ILE A 2 -0.33 -3.60 -4.90
N VAL A 3 -0.34 -4.83 -5.31
CA VAL A 3 0.94 -5.57 -5.48
C VAL A 3 1.45 -5.38 -6.92
N GLU A 4 0.63 -4.82 -7.77
CA GLU A 4 1.07 -4.61 -9.17
C GLU A 4 1.65 -3.20 -9.30
N GLN A 5 1.16 -2.28 -8.53
CA GLN A 5 1.67 -0.89 -8.60
C GLN A 5 2.72 -0.65 -7.52
N CYS A 6 2.74 -1.43 -6.47
CA CYS A 6 3.74 -1.21 -5.40
C CYS A 6 4.72 -2.40 -5.35
N CYS A 7 4.21 -3.59 -5.29
CA CYS A 7 5.11 -4.77 -5.24
C CYS A 7 5.79 -4.94 -6.60
N HIS A 8 5.08 -4.68 -7.66
CA HIS A 8 5.69 -4.82 -9.02
C HIS A 8 6.22 -3.46 -9.50
N SER A 9 6.42 -2.54 -8.59
CA SER A 9 6.94 -1.19 -9.00
C SER A 9 6.91 -0.25 -7.80
N ILE A 10 7.68 0.81 -7.84
CA ILE A 10 7.70 1.76 -6.69
C ILE A 10 6.54 2.76 -6.84
N CYS A 11 5.40 2.43 -6.29
CA CYS A 11 4.24 3.36 -6.40
C CYS A 11 4.51 4.61 -5.57
N SER A 12 3.52 5.44 -5.37
CA SER A 12 3.73 6.67 -4.57
C SER A 12 2.96 6.55 -3.26
N LEU A 13 1.67 6.79 -3.30
CA LEU A 13 0.85 6.69 -2.06
C LEU A 13 -0.60 7.01 -2.39
N TYR A 14 -0.83 7.89 -3.31
CA TYR A 14 -2.23 8.24 -3.69
C TYR A 14 -2.90 7.00 -4.30
N GLN A 15 -2.13 6.14 -4.91
CA GLN A 15 -2.72 4.92 -5.52
C GLN A 15 -3.29 4.03 -4.41
N LEU A 16 -2.80 4.18 -3.21
CA LEU A 16 -3.32 3.35 -2.09
C LEU A 16 -4.48 4.06 -1.42
N GLU A 17 -4.69 5.32 -1.73
CA GLU A 17 -5.81 6.07 -1.12
C GLU A 17 -7.14 5.44 -1.54
N ASN A 18 -7.11 4.54 -2.48
CA ASN A 18 -8.37 3.89 -2.93
C ASN A 18 -8.69 2.71 -2.02
N TYR A 19 -7.68 2.09 -1.46
CA TYR A 19 -7.90 0.93 -0.56
C TYR A 19 -8.10 1.44 0.87
N CYS A 20 -8.92 2.43 1.03
CA CYS A 20 -9.16 2.97 2.41
C CYS A 20 -10.59 2.67 2.85
N ASN A 21 -10.77 1.66 3.64
CA ASN A 21 -12.14 1.31 4.10
C ASN A 21 -12.42 2.02 5.44
N GLU B 1 14.43 -0.15 2.61
CA GLU B 1 13.41 0.79 3.17
C GLU B 1 13.57 2.16 2.53
N VAL B 2 13.90 2.19 1.26
CA VAL B 2 14.07 3.49 0.57
C VAL B 2 13.52 3.39 -0.86
N ASN B 3 14.19 3.97 -1.82
CA ASN B 3 13.69 3.90 -3.22
C ASN B 3 13.68 2.44 -3.69
N GLN B 4 12.55 1.79 -3.63
CA GLN B 4 12.48 0.37 -4.07
C GLN B 4 11.03 -0.10 -4.06
N HIS B 5 10.76 -1.23 -4.65
CA HIS B 5 9.37 -1.75 -4.69
C HIS B 5 8.84 -1.97 -3.27
N LEU B 6 7.85 -1.23 -2.87
CA LEU B 6 7.31 -1.42 -1.49
C LEU B 6 6.55 -2.76 -1.43
N CYS B 7 7.24 -3.84 -1.20
CA CYS B 7 6.54 -5.16 -1.14
C CYS B 7 6.78 -5.81 0.23
N GLY B 8 5.89 -6.67 0.63
CA GLY B 8 6.05 -7.35 1.95
C GLY B 8 5.26 -6.59 3.01
N SER B 9 5.93 -5.79 3.80
CA SER B 9 5.21 -5.01 4.85
C SER B 9 5.36 -3.52 4.56
N GLU B 10 6.49 -3.12 4.03
CA GLU B 10 6.70 -1.68 3.71
C GLU B 10 5.44 -1.07 3.11
N LEU B 11 4.61 -1.86 2.48
CA LEU B 11 3.37 -1.30 1.88
C LEU B 11 2.27 -1.20 2.93
N VAL B 12 1.96 -2.27 3.60
CA VAL B 12 0.89 -2.22 4.62
C VAL B 12 1.15 -1.08 5.60
N GLU B 13 2.38 -0.92 6.02
CA GLU B 13 2.71 0.18 6.97
C GLU B 13 2.39 1.52 6.32
N ALA B 14 2.54 1.61 5.03
CA ALA B 14 2.24 2.90 4.34
C ALA B 14 0.77 2.90 3.91
N LEU B 15 0.10 1.79 4.04
CA LEU B 15 -1.33 1.74 3.64
C LEU B 15 -2.19 2.20 4.81
N GLU B 16 -1.67 2.11 6.00
CA GLU B 16 -2.44 2.55 7.20
C GLU B 16 -2.30 4.07 7.38
N LEU B 17 -1.44 4.68 6.61
CA LEU B 17 -1.26 6.15 6.75
C LEU B 17 -2.02 6.88 5.64
N VAL B 18 -2.39 6.18 4.60
CA VAL B 18 -3.12 6.85 3.49
C VAL B 18 -4.63 6.75 3.74
N CYS B 19 -5.09 5.70 4.36
CA CYS B 19 -6.55 5.57 4.62
C CYS B 19 -6.96 6.56 5.70
N GLY B 20 -6.42 6.41 6.89
CA GLY B 20 -6.79 7.36 7.99
C GLY B 20 -7.25 6.55 9.21
N GLU B 21 -8.36 6.90 9.79
CA GLU B 21 -8.85 6.15 10.98
C GLU B 21 -9.96 5.19 10.55
N ARG B 22 -10.01 4.83 9.30
CA ARG B 22 -11.07 3.90 8.83
C ARG B 22 -10.54 2.47 8.86
N GLY B 23 -9.45 2.21 8.19
CA GLY B 23 -8.88 0.83 8.19
C GLY B 23 -8.96 0.26 6.78
N PHE B 24 -7.84 -0.15 6.24
CA PHE B 24 -7.86 -0.72 4.86
C PHE B 24 -7.81 -2.25 4.94
N PHE B 25 -7.41 -2.90 3.88
CA PHE B 25 -7.35 -4.38 3.90
C PHE B 25 -6.16 -4.87 3.07
N TYR B 26 -5.48 -5.87 3.54
CA TYR B 26 -4.31 -6.40 2.78
C TYR B 26 -4.25 -7.92 2.95
N GLU B 27 -5.36 -8.53 3.26
CA GLU B 27 -5.37 -10.01 3.44
C GLU B 27 -5.68 -10.69 2.10
N PRO B 28 -4.71 -11.37 1.56
CA PRO B 28 -4.84 -12.09 0.27
C PRO B 28 -5.80 -13.26 0.42
N LYS B 29 -7.00 -13.13 -0.06
CA LYS B 29 -7.97 -14.25 0.07
C LYS B 29 -8.53 -14.60 -1.31
N GLY A 1 -4.28 -2.47 -8.87
CA GLY A 1 -5.28 -2.29 -7.78
C GLY A 1 -4.58 -1.88 -6.49
N ILE A 2 -3.45 -2.48 -6.21
CA ILE A 2 -2.71 -2.13 -4.96
C ILE A 2 -1.45 -2.99 -4.86
N VAL A 3 -1.50 -4.20 -5.34
CA VAL A 3 -0.30 -5.08 -5.27
C VAL A 3 0.55 -4.90 -6.52
N GLU A 4 -0.04 -4.99 -7.67
CA GLU A 4 0.75 -4.81 -8.92
C GLU A 4 1.24 -3.36 -8.98
N GLN A 5 0.73 -2.52 -8.13
CA GLN A 5 1.16 -1.09 -8.12
C GLN A 5 2.45 -0.95 -7.29
N CYS A 6 2.51 -1.61 -6.17
CA CYS A 6 3.74 -1.51 -5.34
C CYS A 6 4.34 -2.90 -5.15
N CYS A 7 3.52 -3.88 -4.88
CA CYS A 7 4.05 -5.26 -4.71
C CYS A 7 4.78 -5.68 -5.98
N HIS A 8 4.43 -5.09 -7.11
CA HIS A 8 5.11 -5.46 -8.38
C HIS A 8 6.13 -4.38 -8.76
N SER A 9 5.98 -3.19 -8.25
CA SER A 9 6.95 -2.10 -8.58
C SER A 9 7.12 -1.16 -7.40
N ILE A 10 7.59 0.03 -7.64
CA ILE A 10 7.81 1.00 -6.53
C ILE A 10 6.77 2.12 -6.60
N CYS A 11 6.50 2.76 -5.49
CA CYS A 11 5.51 3.88 -5.49
C CYS A 11 5.82 4.81 -4.32
N SER A 12 4.85 5.54 -3.85
CA SER A 12 5.09 6.45 -2.70
C SER A 12 3.95 6.28 -1.68
N LEU A 13 3.04 7.20 -1.61
CA LEU A 13 1.92 7.05 -0.64
C LEU A 13 0.65 7.70 -1.21
N TYR A 14 0.67 8.02 -2.48
CA TYR A 14 -0.54 8.63 -3.10
C TYR A 14 -1.31 7.54 -3.85
N GLN A 15 -0.64 6.51 -4.26
CA GLN A 15 -1.33 5.40 -4.99
C GLN A 15 -1.97 4.46 -3.97
N LEU A 16 -1.48 4.46 -2.75
CA LEU A 16 -2.05 3.57 -1.72
C LEU A 16 -3.26 4.25 -1.06
N GLU A 17 -3.48 5.51 -1.37
CA GLU A 17 -4.64 6.23 -0.76
C GLU A 17 -5.93 5.79 -1.46
N ASN A 18 -5.81 5.23 -2.64
CA ASN A 18 -7.04 4.78 -3.37
C ASN A 18 -7.44 3.39 -2.87
N TYR A 19 -6.71 2.84 -1.94
CA TYR A 19 -7.04 1.49 -1.42
C TYR A 19 -7.68 1.61 -0.03
N CYS A 20 -8.06 2.79 0.36
CA CYS A 20 -8.68 2.98 1.69
C CYS A 20 -10.21 2.91 1.55
N ASN A 21 -10.85 2.11 2.35
CA ASN A 21 -12.34 1.99 2.27
C ASN A 21 -12.98 3.35 2.56
N GLU B 1 16.30 9.15 -1.96
CA GLU B 1 15.01 8.97 -2.69
C GLU B 1 14.46 7.57 -2.39
N VAL B 2 13.43 7.49 -1.58
CA VAL B 2 12.85 6.16 -1.26
C VAL B 2 12.64 5.35 -2.55
N ASN B 3 13.27 4.22 -2.65
CA ASN B 3 13.11 3.39 -3.88
C ASN B 3 13.04 1.91 -3.49
N GLN B 4 11.85 1.35 -3.52
CA GLN B 4 11.71 -0.09 -3.15
C GLN B 4 10.26 -0.52 -3.35
N HIS B 5 10.05 -1.70 -3.88
CA HIS B 5 8.66 -2.18 -4.10
C HIS B 5 8.05 -2.63 -2.77
N LEU B 6 7.22 -1.82 -2.18
CA LEU B 6 6.61 -2.21 -0.87
C LEU B 6 5.72 -3.45 -1.07
N CYS B 7 6.20 -4.60 -0.73
CA CYS B 7 5.38 -5.84 -0.89
C CYS B 7 5.45 -6.68 0.38
N GLY B 8 4.54 -7.59 0.54
CA GLY B 8 4.54 -8.44 1.76
C GLY B 8 3.82 -7.72 2.89
N SER B 9 4.55 -7.10 3.78
CA SER B 9 3.89 -6.37 4.90
C SER B 9 4.18 -4.87 4.77
N GLU B 10 5.39 -4.51 4.42
CA GLU B 10 5.72 -3.07 4.28
C GLU B 10 4.59 -2.35 3.54
N LEU B 11 3.85 -3.04 2.73
CA LEU B 11 2.74 -2.39 1.98
C LEU B 11 1.53 -2.18 2.90
N VAL B 12 1.19 -3.18 3.68
CA VAL B 12 0.01 -3.03 4.59
C VAL B 12 0.32 -2.01 5.68
N GLU B 13 1.45 -2.11 6.32
CA GLU B 13 1.81 -1.14 7.39
C GLU B 13 1.70 0.28 6.85
N ALA B 14 2.00 0.48 5.59
CA ALA B 14 1.91 1.85 5.01
C ALA B 14 0.51 2.07 4.47
N LEU B 15 -0.22 1.01 4.22
CA LEU B 15 -1.60 1.17 3.69
C LEU B 15 -2.50 1.79 4.76
N GLU B 16 -2.47 1.25 5.96
CA GLU B 16 -3.32 1.81 7.04
C GLU B 16 -2.84 3.24 7.37
N LEU B 17 -1.72 3.64 6.84
CA LEU B 17 -1.21 5.00 7.13
C LEU B 17 -1.82 6.01 6.14
N VAL B 18 -2.28 5.53 5.01
CA VAL B 18 -2.89 6.46 4.02
C VAL B 18 -4.40 6.45 4.18
N CYS B 19 -4.96 5.34 4.57
CA CYS B 19 -6.44 5.28 4.76
C CYS B 19 -6.85 6.16 5.94
N GLY B 20 -6.43 5.82 7.13
CA GLY B 20 -6.79 6.64 8.32
C GLY B 20 -7.21 5.72 9.45
N GLU B 21 -8.48 5.68 9.78
CA GLU B 21 -8.95 4.81 10.87
C GLU B 21 -10.07 3.90 10.36
N ARG B 22 -9.96 3.45 9.14
CA ARG B 22 -11.02 2.56 8.58
C ARG B 22 -10.39 1.26 8.08
N GLY B 23 -9.22 1.34 7.52
CA GLY B 23 -8.54 0.11 7.01
C GLY B 23 -8.64 0.07 5.48
N PHE B 24 -8.46 -1.07 4.89
CA PHE B 24 -8.53 -1.16 3.41
C PHE B 24 -8.97 -2.57 3.00
N PHE B 25 -8.98 -2.86 1.73
CA PHE B 25 -9.40 -4.21 1.27
C PHE B 25 -8.17 -5.07 1.00
N TYR B 26 -7.00 -4.50 1.06
CA TYR B 26 -5.76 -5.28 0.81
C TYR B 26 -5.67 -6.43 1.82
N GLU B 27 -5.78 -7.65 1.37
CA GLU B 27 -5.71 -8.80 2.31
C GLU B 27 -4.30 -8.87 2.92
N PRO B 28 -4.20 -9.60 4.00
CA PRO B 28 -2.92 -9.78 4.74
C PRO B 28 -1.90 -10.47 3.83
N LYS B 29 -2.19 -11.67 3.39
CA LYS B 29 -1.23 -12.39 2.51
C LYS B 29 -1.61 -12.15 1.04
N GLY A 1 -4.39 -3.14 -7.75
CA GLY A 1 -3.03 -2.70 -8.14
C GLY A 1 -2.20 -2.45 -6.88
N ILE A 2 -2.56 -3.06 -5.78
CA ILE A 2 -1.80 -2.84 -4.52
C ILE A 2 -0.48 -3.60 -4.59
N VAL A 3 -0.52 -4.91 -4.61
CA VAL A 3 0.74 -5.70 -4.67
C VAL A 3 1.26 -5.75 -6.10
N GLU A 4 0.43 -5.41 -7.06
CA GLU A 4 0.90 -5.44 -8.48
C GLU A 4 1.54 -4.10 -8.83
N GLN A 5 1.35 -3.10 -8.01
CA GLN A 5 1.94 -1.76 -8.30
C GLN A 5 3.02 -1.46 -7.26
N CYS A 6 2.96 -2.11 -6.13
CA CYS A 6 3.98 -1.86 -5.08
C CYS A 6 5.00 -3.00 -5.07
N CYS A 7 4.57 -4.18 -5.42
CA CYS A 7 5.52 -5.34 -5.43
C CYS A 7 6.10 -5.50 -6.84
N HIS A 8 5.27 -5.45 -7.85
CA HIS A 8 5.79 -5.60 -9.23
C HIS A 8 6.58 -4.34 -9.62
N SER A 9 6.38 -3.26 -8.91
CA SER A 9 7.13 -2.02 -9.24
C SER A 9 7.18 -1.10 -8.02
N ILE A 10 7.89 -0.02 -8.10
CA ILE A 10 7.99 0.92 -6.95
C ILE A 10 6.80 1.90 -6.98
N CYS A 11 5.71 1.54 -6.36
CA CYS A 11 4.54 2.46 -6.35
C CYS A 11 4.89 3.72 -5.55
N SER A 12 3.91 4.51 -5.20
CA SER A 12 4.19 5.75 -4.43
C SER A 12 3.31 5.77 -3.18
N LEU A 13 2.10 6.23 -3.31
CA LEU A 13 1.20 6.28 -2.12
C LEU A 13 -0.20 6.73 -2.56
N TYR A 14 -0.29 7.57 -3.55
CA TYR A 14 -1.64 8.02 -4.01
C TYR A 14 -2.48 6.81 -4.42
N GLN A 15 -1.87 5.70 -4.68
CA GLN A 15 -2.65 4.49 -5.06
C GLN A 15 -3.15 3.80 -3.80
N LEU A 16 -2.31 3.71 -2.80
CA LEU A 16 -2.72 3.05 -1.53
C LEU A 16 -3.72 3.95 -0.79
N GLU A 17 -3.99 5.12 -1.31
CA GLU A 17 -4.95 6.04 -0.63
C GLU A 17 -6.37 5.77 -1.15
N ASN A 18 -6.50 5.18 -2.31
CA ASN A 18 -7.88 4.91 -2.85
C ASN A 18 -8.49 3.73 -2.10
N TYR A 19 -7.68 2.96 -1.42
CA TYR A 19 -8.22 1.79 -0.67
C TYR A 19 -8.53 2.22 0.76
N CYS A 20 -8.88 3.46 0.95
CA CYS A 20 -9.19 3.94 2.33
C CYS A 20 -10.70 3.85 2.59
N ASN A 21 -11.13 2.78 3.19
CA ASN A 21 -12.58 2.63 3.48
C ASN A 21 -13.03 3.77 4.41
N GLU B 1 8.48 7.41 3.23
CA GLU B 1 8.35 7.03 1.80
C GLU B 1 9.39 5.96 1.47
N VAL B 2 9.01 4.96 0.72
CA VAL B 2 9.96 3.88 0.36
C VAL B 2 10.41 4.07 -1.10
N ASN B 3 11.65 3.79 -1.39
CA ASN B 3 12.14 3.96 -2.79
C ASN B 3 12.34 2.58 -3.43
N GLN B 4 11.51 1.63 -3.11
CA GLN B 4 11.67 0.27 -3.70
C GLN B 4 10.31 -0.44 -3.71
N HIS B 5 10.24 -1.59 -4.33
CA HIS B 5 8.96 -2.35 -4.38
C HIS B 5 8.50 -2.66 -2.95
N LEU B 6 7.48 -1.99 -2.48
CA LEU B 6 6.99 -2.27 -1.10
C LEU B 6 6.31 -3.65 -1.08
N CYS B 7 7.05 -4.69 -0.75
CA CYS B 7 6.44 -6.04 -0.72
C CYS B 7 6.75 -6.71 0.61
N GLY B 8 6.02 -7.74 0.95
CA GLY B 8 6.26 -8.44 2.25
C GLY B 8 5.34 -7.89 3.32
N SER B 9 5.16 -6.60 3.36
CA SER B 9 4.27 -5.99 4.39
C SER B 9 4.56 -4.49 4.49
N GLU B 10 5.76 -4.09 4.19
CA GLU B 10 6.10 -2.64 4.27
C GLU B 10 4.98 -1.82 3.62
N LEU B 11 4.24 -2.41 2.72
CA LEU B 11 3.13 -1.66 2.06
C LEU B 11 1.98 -1.50 3.04
N VAL B 12 1.59 -2.55 3.71
CA VAL B 12 0.46 -2.44 4.68
C VAL B 12 0.80 -1.39 5.73
N GLU B 13 2.06 -1.28 6.10
CA GLU B 13 2.45 -0.25 7.11
C GLU B 13 2.26 1.12 6.49
N ALA B 14 2.43 1.21 5.19
CA ALA B 14 2.24 2.52 4.50
C ALA B 14 0.77 2.67 4.11
N LEU B 15 0.01 1.61 4.27
CA LEU B 15 -1.44 1.68 3.91
C LEU B 15 -2.23 2.30 5.06
N GLU B 16 -1.86 2.00 6.29
CA GLU B 16 -2.58 2.58 7.45
C GLU B 16 -2.16 4.05 7.64
N LEU B 17 -1.29 4.54 6.81
CA LEU B 17 -0.86 5.96 6.96
C LEU B 17 -1.65 6.84 5.99
N VAL B 18 -2.01 6.33 4.85
CA VAL B 18 -2.79 7.14 3.88
C VAL B 18 -4.25 7.24 4.34
N CYS B 19 -4.87 6.12 4.55
CA CYS B 19 -6.29 6.14 5.01
C CYS B 19 -6.38 6.84 6.37
N GLY B 20 -5.92 6.19 7.40
CA GLY B 20 -5.97 6.82 8.76
C GLY B 20 -6.54 5.83 9.77
N GLU B 21 -7.52 6.24 10.53
CA GLU B 21 -8.13 5.32 11.54
C GLU B 21 -9.43 4.74 10.99
N ARG B 22 -9.55 4.66 9.69
CA ARG B 22 -10.80 4.11 9.11
C ARG B 22 -10.57 2.65 8.69
N GLY B 23 -9.57 2.40 7.89
CA GLY B 23 -9.29 1.01 7.46
C GLY B 23 -9.08 0.97 5.95
N PHE B 24 -8.52 -0.08 5.43
CA PHE B 24 -8.29 -0.17 3.96
C PHE B 24 -8.48 -1.61 3.50
N PHE B 25 -8.10 -1.92 2.29
CA PHE B 25 -8.26 -3.31 1.79
C PHE B 25 -6.89 -3.91 1.45
N TYR B 26 -6.76 -5.20 1.52
CA TYR B 26 -5.47 -5.85 1.20
C TYR B 26 -5.68 -7.35 1.05
N GLU B 27 -5.48 -7.88 -0.13
CA GLU B 27 -5.67 -9.34 -0.34
C GLU B 27 -4.62 -10.11 0.48
N PRO B 28 -5.09 -11.03 1.30
CA PRO B 28 -4.22 -11.87 2.15
C PRO B 28 -3.28 -12.70 1.27
N LYS B 29 -3.63 -12.89 0.04
CA LYS B 29 -2.76 -13.70 -0.87
C LYS B 29 -1.76 -12.78 -1.56
N GLY A 1 -2.92 -3.09 -9.85
CA GLY A 1 -3.88 -2.17 -9.16
C GLY A 1 -3.29 -1.72 -7.82
N ILE A 2 -3.08 -2.65 -6.93
CA ILE A 2 -2.51 -2.28 -5.60
C ILE A 2 -1.23 -3.09 -5.35
N VAL A 3 -1.25 -4.35 -5.69
CA VAL A 3 -0.04 -5.19 -5.47
C VAL A 3 0.84 -5.15 -6.72
N GLU A 4 0.26 -5.23 -7.88
CA GLU A 4 1.08 -5.19 -9.11
C GLU A 4 1.58 -3.77 -9.36
N GLN A 5 1.09 -2.83 -8.59
CA GLN A 5 1.54 -1.42 -8.79
C GLN A 5 2.69 -1.11 -7.81
N CYS A 6 2.72 -1.76 -6.69
CA CYS A 6 3.81 -1.49 -5.71
C CYS A 6 4.73 -2.71 -5.62
N CYS A 7 4.18 -3.87 -5.42
CA CYS A 7 5.05 -5.08 -5.33
C CYS A 7 5.81 -5.27 -6.64
N HIS A 8 5.24 -4.88 -7.75
CA HIS A 8 5.95 -5.05 -9.05
C HIS A 8 6.88 -3.86 -9.30
N SER A 9 6.47 -2.68 -8.92
CA SER A 9 7.34 -1.48 -9.15
C SER A 9 7.37 -0.63 -7.86
N ILE A 10 7.39 0.67 -7.98
CA ILE A 10 7.43 1.52 -6.77
C ILE A 10 6.38 2.63 -6.88
N CYS A 11 5.49 2.71 -5.93
CA CYS A 11 4.44 3.77 -5.98
C CYS A 11 4.83 4.91 -5.04
N SER A 12 4.00 5.91 -4.92
CA SER A 12 4.33 7.05 -4.02
C SER A 12 3.51 6.91 -2.73
N LEU A 13 2.23 7.18 -2.81
CA LEU A 13 1.37 7.06 -1.60
C LEU A 13 -0.07 7.43 -1.96
N TYR A 14 -0.24 8.36 -2.87
CA TYR A 14 -1.62 8.75 -3.27
C TYR A 14 -2.31 7.58 -3.96
N GLN A 15 -1.54 6.66 -4.48
CA GLN A 15 -2.15 5.49 -5.18
C GLN A 15 -2.74 4.53 -4.13
N LEU A 16 -2.17 4.49 -2.96
CA LEU A 16 -2.68 3.57 -1.90
C LEU A 16 -3.79 4.29 -1.12
N GLU A 17 -4.21 5.44 -1.58
CA GLU A 17 -5.29 6.19 -0.86
C GLU A 17 -6.65 5.77 -1.41
N ASN A 18 -6.68 5.22 -2.59
CA ASN A 18 -7.97 4.79 -3.18
C ASN A 18 -8.31 3.37 -2.69
N TYR A 19 -7.38 2.72 -2.05
CA TYR A 19 -7.65 1.34 -1.55
C TYR A 19 -8.16 1.41 -0.11
N CYS A 20 -8.37 2.60 0.40
CA CYS A 20 -8.87 2.72 1.80
C CYS A 20 -10.41 2.67 1.79
N ASN A 21 -11.00 2.09 2.80
CA ASN A 21 -12.48 2.01 2.85
C ASN A 21 -13.07 3.43 2.93
N GLU B 1 9.78 6.79 3.72
CA GLU B 1 11.12 7.03 3.14
C GLU B 1 11.77 5.70 2.77
N VAL B 2 11.78 5.37 1.51
CA VAL B 2 12.40 4.08 1.08
C VAL B 2 12.14 3.86 -0.41
N ASN B 3 13.16 3.89 -1.22
CA ASN B 3 12.96 3.69 -2.68
C ASN B 3 13.13 2.21 -3.02
N GLN B 4 12.05 1.48 -3.09
CA GLN B 4 12.17 0.03 -3.42
C GLN B 4 10.76 -0.53 -3.69
N HIS B 5 10.68 -1.59 -4.45
CA HIS B 5 9.34 -2.18 -4.75
C HIS B 5 8.67 -2.61 -3.46
N LEU B 6 7.80 -1.79 -2.93
CA LEU B 6 7.11 -2.16 -1.66
C LEU B 6 6.33 -3.47 -1.86
N CYS B 7 6.97 -4.58 -1.62
CA CYS B 7 6.26 -5.89 -1.79
C CYS B 7 6.33 -6.68 -0.48
N GLY B 8 5.21 -7.07 0.04
CA GLY B 8 5.22 -7.84 1.32
C GLY B 8 4.50 -7.04 2.41
N SER B 9 5.20 -6.66 3.43
CA SER B 9 4.55 -5.87 4.52
C SER B 9 4.88 -4.39 4.34
N GLU B 10 5.97 -4.09 3.70
CA GLU B 10 6.34 -2.67 3.49
C GLU B 10 5.18 -1.93 2.82
N LEU B 11 4.45 -2.60 1.97
CA LEU B 11 3.31 -1.95 1.27
C LEU B 11 2.14 -1.76 2.26
N VAL B 12 1.81 -2.79 3.00
CA VAL B 12 0.69 -2.65 3.98
C VAL B 12 1.04 -1.60 5.02
N GLU B 13 2.30 -1.32 5.21
CA GLU B 13 2.71 -0.29 6.20
C GLU B 13 2.38 1.09 5.65
N ALA B 14 2.40 1.24 4.35
CA ALA B 14 2.09 2.56 3.74
C ALA B 14 0.62 2.58 3.31
N LEU B 15 -0.01 1.43 3.28
CA LEU B 15 -1.43 1.36 2.88
C LEU B 15 -2.30 1.84 4.04
N GLU B 16 -1.82 1.66 5.25
CA GLU B 16 -2.61 2.10 6.43
C GLU B 16 -2.26 3.56 6.76
N LEU B 17 -1.18 4.05 6.21
CA LEU B 17 -0.79 5.46 6.48
C LEU B 17 -1.66 6.40 5.66
N VAL B 18 -2.26 5.89 4.61
CA VAL B 18 -3.13 6.74 3.77
C VAL B 18 -4.59 6.52 4.17
N CYS B 19 -4.93 5.33 4.57
CA CYS B 19 -6.33 5.05 4.99
C CYS B 19 -6.55 5.61 6.39
N GLY B 20 -5.73 5.23 7.33
CA GLY B 20 -5.90 5.73 8.72
C GLY B 20 -6.26 4.57 9.65
N GLU B 21 -7.04 4.82 10.66
CA GLU B 21 -7.43 3.72 11.59
C GLU B 21 -8.70 3.05 11.08
N ARG B 22 -8.97 3.17 9.80
CA ARG B 22 -10.19 2.53 9.24
C ARG B 22 -9.83 1.16 8.65
N GLY B 23 -8.83 1.13 7.80
CA GLY B 23 -8.43 -0.18 7.21
C GLY B 23 -8.64 -0.13 5.70
N PHE B 24 -7.96 -0.98 4.97
CA PHE B 24 -8.13 -0.99 3.49
C PHE B 24 -8.41 -2.42 3.02
N PHE B 25 -8.42 -2.65 1.73
CA PHE B 25 -8.70 -4.02 1.22
C PHE B 25 -7.38 -4.78 1.08
N TYR B 26 -6.64 -4.91 2.15
CA TYR B 26 -5.34 -5.63 2.07
C TYR B 26 -4.92 -6.11 3.46
N GLU B 27 -5.85 -6.19 4.38
CA GLU B 27 -5.48 -6.64 5.75
C GLU B 27 -5.57 -8.18 5.85
N PRO B 28 -6.77 -8.70 5.67
CA PRO B 28 -7.02 -10.15 5.74
C PRO B 28 -6.33 -10.86 4.59
N LYS B 29 -5.16 -11.39 4.81
CA LYS B 29 -4.44 -12.09 3.71
C LYS B 29 -3.66 -13.28 4.27
N GLY A 1 -4.64 -3.83 -7.73
CA GLY A 1 -3.38 -4.48 -7.30
C GLY A 1 -2.85 -3.80 -6.03
N ILE A 2 -1.72 -4.22 -5.55
CA ILE A 2 -1.16 -3.61 -4.31
C ILE A 2 0.27 -4.11 -4.10
N VAL A 3 0.47 -5.40 -4.20
CA VAL A 3 1.85 -5.95 -4.01
C VAL A 3 2.58 -6.01 -5.35
N GLU A 4 1.86 -5.86 -6.43
CA GLU A 4 2.53 -5.91 -7.77
C GLU A 4 3.09 -4.54 -8.11
N GLN A 5 2.47 -3.50 -7.63
CA GLN A 5 2.98 -2.12 -7.94
C GLN A 5 3.95 -1.67 -6.85
N CYS A 6 3.91 -2.31 -5.70
CA CYS A 6 4.82 -1.90 -4.60
C CYS A 6 5.97 -2.91 -4.50
N CYS A 7 5.74 -4.13 -4.91
CA CYS A 7 6.81 -5.15 -4.83
C CYS A 7 7.60 -5.16 -6.15
N HIS A 8 6.92 -5.09 -7.25
CA HIS A 8 7.63 -5.10 -8.56
C HIS A 8 8.01 -3.66 -8.95
N SER A 9 7.95 -2.75 -8.01
CA SER A 9 8.31 -1.33 -8.32
C SER A 9 8.16 -0.48 -7.07
N ILE A 10 8.50 0.77 -7.16
CA ILE A 10 8.39 1.67 -5.97
C ILE A 10 7.09 2.48 -6.04
N CYS A 11 6.00 1.91 -5.59
CA CYS A 11 4.71 2.66 -5.64
C CYS A 11 4.81 3.88 -4.71
N SER A 12 3.77 4.21 -4.00
CA SER A 12 3.84 5.39 -3.10
C SER A 12 2.61 5.42 -2.17
N LEU A 13 1.61 6.19 -2.51
CA LEU A 13 0.40 6.25 -1.65
C LEU A 13 -0.82 6.54 -2.52
N TYR A 14 -0.69 7.38 -3.50
CA TYR A 14 -1.86 7.69 -4.38
C TYR A 14 -2.45 6.38 -4.92
N GLN A 15 -1.66 5.33 -4.95
CA GLN A 15 -2.18 4.03 -5.45
C GLN A 15 -2.84 3.28 -4.29
N LEU A 16 -2.33 3.45 -3.10
CA LEU A 16 -2.92 2.74 -1.93
C LEU A 16 -3.93 3.66 -1.24
N GLU A 17 -4.21 4.80 -1.83
CA GLU A 17 -5.18 5.74 -1.20
C GLU A 17 -6.60 5.38 -1.66
N ASN A 18 -6.73 4.63 -2.71
CA ASN A 18 -8.09 4.25 -3.20
C ASN A 18 -8.55 2.98 -2.46
N TYR A 19 -7.70 2.39 -1.67
CA TYR A 19 -8.11 1.16 -0.95
C TYR A 19 -8.59 1.52 0.46
N CYS A 20 -8.55 2.78 0.81
CA CYS A 20 -9.01 3.18 2.17
C CYS A 20 -10.51 3.50 2.11
N ASN A 21 -11.19 3.33 3.21
CA ASN A 21 -12.66 3.63 3.22
C ASN A 21 -12.88 5.12 2.96
N GLU B 1 11.45 4.96 -7.61
CA GLU B 1 11.00 6.34 -7.93
C GLU B 1 11.53 7.31 -6.87
N VAL B 2 11.46 6.94 -5.63
CA VAL B 2 11.96 7.84 -4.54
C VAL B 2 12.06 7.05 -3.23
N ASN B 3 12.24 5.76 -3.30
CA ASN B 3 12.35 4.95 -2.07
C ASN B 3 12.70 3.51 -2.42
N GLN B 4 11.72 2.65 -2.56
CA GLN B 4 12.01 1.23 -2.91
C GLN B 4 10.70 0.49 -3.15
N HIS B 5 10.77 -0.76 -3.53
CA HIS B 5 9.52 -1.53 -3.78
C HIS B 5 9.02 -2.15 -2.47
N LEU B 6 8.30 -1.40 -1.69
CA LEU B 6 7.79 -1.96 -0.40
C LEU B 6 7.14 -3.32 -0.67
N CYS B 7 7.67 -4.35 -0.08
CA CYS B 7 7.08 -5.71 -0.30
C CYS B 7 6.97 -6.45 1.03
N GLY B 8 5.80 -6.97 1.33
CA GLY B 8 5.63 -7.69 2.62
C GLY B 8 4.76 -6.87 3.57
N SER B 9 5.08 -6.86 4.83
CA SER B 9 4.29 -6.06 5.80
C SER B 9 4.65 -4.58 5.67
N GLU B 10 5.77 -4.29 5.07
CA GLU B 10 6.16 -2.85 4.92
C GLU B 10 5.15 -2.15 4.02
N LEU B 11 4.37 -2.90 3.29
CA LEU B 11 3.35 -2.28 2.40
C LEU B 11 2.07 -2.03 3.20
N VAL B 12 1.64 -3.00 3.96
CA VAL B 12 0.40 -2.81 4.78
C VAL B 12 0.64 -1.70 5.80
N GLU B 13 1.86 -1.56 6.26
CA GLU B 13 2.15 -0.49 7.26
C GLU B 13 1.94 0.87 6.60
N ALA B 14 2.19 0.96 5.31
CA ALA B 14 1.99 2.25 4.61
C ALA B 14 0.52 2.35 4.20
N LEU B 15 -0.12 1.23 4.08
CA LEU B 15 -1.56 1.23 3.70
C LEU B 15 -2.37 1.84 4.84
N GLU B 16 -1.84 1.80 6.04
CA GLU B 16 -2.57 2.38 7.21
C GLU B 16 -2.15 3.84 7.36
N LEU B 17 -1.10 4.25 6.71
CA LEU B 17 -0.65 5.67 6.82
C LEU B 17 -1.46 6.51 5.85
N VAL B 18 -2.14 5.88 4.93
CA VAL B 18 -2.95 6.64 3.95
C VAL B 18 -4.42 6.66 4.41
N CYS B 19 -4.84 5.63 5.08
CA CYS B 19 -6.25 5.58 5.57
C CYS B 19 -6.31 6.21 6.97
N GLY B 20 -5.58 5.66 7.90
CA GLY B 20 -5.60 6.21 9.29
C GLY B 20 -5.88 5.10 10.29
N GLU B 21 -6.52 5.41 11.38
CA GLU B 21 -6.83 4.37 12.39
C GLU B 21 -8.16 3.70 12.03
N ARG B 22 -8.60 3.85 10.82
CA ARG B 22 -9.89 3.24 10.39
C ARG B 22 -9.63 1.83 9.86
N GLY B 23 -8.99 1.73 8.74
CA GLY B 23 -8.70 0.39 8.15
C GLY B 23 -8.83 0.46 6.63
N PHE B 24 -8.50 -0.61 5.95
CA PHE B 24 -8.59 -0.60 4.47
C PHE B 24 -8.77 -2.04 3.97
N PHE B 25 -8.90 -2.21 2.68
CA PHE B 25 -9.06 -3.58 2.13
C PHE B 25 -7.76 -4.03 1.46
N TYR B 26 -6.90 -4.68 2.19
CA TYR B 26 -5.61 -5.14 1.59
C TYR B 26 -5.92 -6.07 0.42
N GLU B 27 -6.42 -7.25 0.70
CA GLU B 27 -6.75 -8.20 -0.40
C GLU B 27 -7.44 -9.44 0.18
N PRO B 28 -8.54 -9.22 0.84
CA PRO B 28 -9.35 -10.29 1.47
C PRO B 28 -10.00 -11.15 0.38
N LYS B 29 -9.26 -12.03 -0.23
CA LYS B 29 -9.86 -12.88 -1.30
C LYS B 29 -9.84 -14.35 -0.87
#